data_8EJE
#
_entry.id   8EJE
#
loop_
_entity.id
_entity.type
_entity.pdbx_description
1 polymer 'Glycoprotein GP1'
2 polymer 'Glycoprotein GP2'
3 branched beta-D-mannopyranose-(1-4)-2-acetamido-2-deoxy-beta-D-glucopyranose-(1-4)-2-acetamido-2-deoxy-beta-D-glucopyranose
4 branched 2-acetamido-2-deoxy-beta-D-glucopyranose-(1-4)-2-acetamido-2-deoxy-beta-D-glucopyranose
5 branched alpha-D-mannopyranose-(1-3)-[alpha-D-mannopyranose-(1-6)]beta-D-mannopyranose-(1-4)-2-acetamido-2-deoxy-beta-D-glucopyranose-(1-4)-2-acetamido-2-deoxy-beta-D-glucopyranose
6 non-polymer 2-acetamido-2-deoxy-beta-D-glucopyranose
#
loop_
_entity_poly.entity_id
_entity_poly.type
_entity_poly.pdbx_seq_one_letter_code
_entity_poly.pdbx_strand_id
1 'polypeptide(L)'
;MGQIITFFQEVPHVIEEVMNIVLIALSLLAILKGIYNVATCGLFGLVSFLLLCGRSCSTTYKGVYELQTLELNMASLNMT
MPLSCTKNNSHHYIMVGNETGLELTLTNTSIINHKFCNLSDAHKRNLYDHALMSIISTFHLSIPNFNQYEAMSCDFNGGK
ISVQYNLSHTYAVDAAKHCGTIANGVLQTFMRMAWGGSYIALDSGCGSWDCIMTSYQYLIIQNTTWEDHCQFSRPSPIGY
LGLLSQRTRDIYIS
;
A,B,C
2 'polypeptide(L)'
;GTFTWTLSDSEGNETPGGYCLTRWMLIEAELKCFGNTAVAKCNEKHDEEFCDMLRLFDFNKQAIRRLKAPAQMSIQLINK
AVNALINDQLIMKNHLRDIMCIPYCNYSKYWYLNHTVTGKTSLPRCWLVSNGSYLNETHFSDDIEQQADNMITELLQKEY
IDRQG
;
a,b,c
#
loop_
_chem_comp.id
_chem_comp.type
_chem_comp.name
_chem_comp.formula
BMA D-saccharide, beta linking beta-D-mannopyranose 'C6 H12 O6'
MAN D-saccharide, alpha linking alpha-D-mannopyranose 'C6 H12 O6'
NAG D-saccharide, beta linking 2-acetamido-2-deoxy-beta-D-glucopyranose 'C8 H15 N O6'
#
# COMPACT_ATOMS: atom_id res chain seq x y z
N THR A 60 15.66 -38.04 5.48
CA THR A 60 15.07 -37.48 4.27
C THR A 60 13.53 -37.61 4.32
N TYR A 61 12.87 -36.80 3.47
CA TYR A 61 11.43 -36.75 3.25
C TYR A 61 11.11 -37.43 1.93
N LYS A 62 10.12 -38.29 1.95
CA LYS A 62 9.71 -39.01 0.76
C LYS A 62 10.88 -39.70 0.08
N GLY A 63 11.77 -40.30 0.87
CA GLY A 63 12.88 -41.07 0.35
C GLY A 63 14.09 -40.27 -0.13
N VAL A 64 13.86 -39.38 -1.09
CA VAL A 64 14.92 -38.63 -1.72
C VAL A 64 15.06 -37.15 -1.43
N TYR A 65 14.28 -36.55 -0.54
CA TYR A 65 14.54 -35.15 -0.29
C TYR A 65 15.22 -34.87 1.04
N GLU A 66 16.39 -34.28 0.98
CA GLU A 66 17.12 -33.96 2.17
C GLU A 66 16.71 -32.57 2.60
N LEU A 67 16.46 -32.39 3.88
CA LEU A 67 16.09 -31.06 4.31
C LEU A 67 17.36 -30.29 4.57
N GLN A 68 17.48 -29.14 3.94
CA GLN A 68 18.67 -28.32 4.10
C GLN A 68 18.37 -26.93 4.59
N THR A 69 19.35 -26.35 5.27
CA THR A 69 19.22 -25.04 5.86
C THR A 69 20.07 -23.98 5.20
N LEU A 70 19.45 -22.85 4.95
CA LEU A 70 20.08 -21.66 4.42
C LEU A 70 19.96 -20.57 5.44
N GLU A 71 21.01 -19.82 5.69
CA GLU A 71 20.84 -18.72 6.62
C GLU A 71 21.52 -17.51 6.04
N LEU A 72 20.83 -16.38 6.05
CA LEU A 72 21.40 -15.20 5.43
C LEU A 72 22.20 -14.31 6.34
N ASN A 73 23.28 -13.78 5.78
CA ASN A 73 24.16 -12.85 6.44
C ASN A 73 23.76 -11.44 6.07
N MET A 74 22.98 -10.82 6.91
CA MET A 74 22.41 -9.55 6.54
C MET A 74 23.33 -8.40 6.82
N ALA A 75 24.51 -8.69 7.32
CA ALA A 75 25.47 -7.65 7.58
C ALA A 75 25.97 -7.09 6.26
N SER A 76 25.80 -7.85 5.17
CA SER A 76 26.28 -7.45 3.88
C SER A 76 25.41 -6.38 3.26
N LEU A 77 24.27 -6.12 3.89
CA LEU A 77 23.34 -5.10 3.47
C LEU A 77 23.57 -3.72 4.14
N ASN A 78 24.62 -3.57 5.02
CA ASN A 78 24.92 -2.38 5.84
C ASN A 78 25.18 -1.09 5.05
N MET A 79 25.59 -1.16 3.76
CA MET A 79 25.86 0.02 2.92
C MET A 79 24.60 0.58 2.29
N THR A 80 23.49 -0.12 2.42
CA THR A 80 22.25 0.38 1.85
C THR A 80 21.15 0.59 2.88
N MET A 81 21.02 -0.34 3.82
CA MET A 81 19.97 -0.30 4.82
C MET A 81 20.51 -0.28 6.22
N PRO A 82 19.88 0.42 7.16
CA PRO A 82 20.24 0.40 8.54
C PRO A 82 19.89 -0.98 9.06
N LEU A 83 20.68 -1.50 9.99
CA LEU A 83 20.41 -2.83 10.52
C LEU A 83 20.17 -2.85 12.00
N SER A 84 19.06 -3.40 12.43
CA SER A 84 18.77 -3.47 13.84
C SER A 84 19.54 -4.65 14.46
N CYS A 85 19.88 -4.57 15.76
CA CYS A 85 20.57 -5.56 16.57
C CYS A 85 20.14 -5.45 18.02
N THR A 86 20.49 -6.46 18.79
CA THR A 86 20.26 -6.51 20.21
C THR A 86 21.48 -7.00 20.94
N LYS A 87 21.77 -6.40 22.06
CA LYS A 87 22.85 -6.90 22.87
C LYS A 87 22.31 -7.64 24.09
N ASN A 88 21.34 -7.05 24.83
CA ASN A 88 20.75 -7.64 26.04
C ASN A 88 19.37 -7.02 26.30
N ASN A 89 18.85 -7.16 27.53
CA ASN A 89 17.52 -6.71 27.97
C ASN A 89 17.34 -5.20 27.87
N SER A 90 18.45 -4.50 27.84
CA SER A 90 18.40 -3.07 27.72
C SER A 90 19.01 -2.59 26.44
N HIS A 91 20.26 -2.93 26.18
CA HIS A 91 20.85 -2.35 24.98
C HIS A 91 20.45 -3.00 23.69
N HIS A 92 20.08 -2.13 22.76
CA HIS A 92 19.69 -2.44 21.40
C HIS A 92 20.43 -1.49 20.47
N TYR A 93 20.68 -1.93 19.24
CA TYR A 93 21.46 -1.11 18.31
C TYR A 93 20.94 -0.99 16.89
N ILE A 94 21.31 0.11 16.23
CA ILE A 94 21.07 0.24 14.79
C ILE A 94 22.37 0.59 14.06
N MET A 95 22.79 -0.23 13.12
CA MET A 95 23.99 0.12 12.38
C MET A 95 23.50 1.10 11.35
N VAL A 96 24.13 2.25 11.19
CA VAL A 96 23.64 3.21 10.22
C VAL A 96 24.57 3.38 9.04
N GLY A 97 25.85 3.44 9.31
CA GLY A 97 26.85 3.58 8.27
C GLY A 97 27.77 2.37 8.32
N ASN A 98 28.96 2.47 7.69
CA ASN A 98 29.97 1.41 7.68
C ASN A 98 30.70 1.29 9.04
N GLU A 99 30.90 2.46 9.72
CA GLU A 99 31.60 2.64 11.00
C GLU A 99 30.73 3.10 12.16
N THR A 100 29.58 3.73 11.88
CA THR A 100 28.75 4.38 12.90
C THR A 100 27.32 3.86 13.01
N GLY A 101 26.66 4.23 14.10
CA GLY A 101 25.27 3.84 14.30
C GLY A 101 24.65 4.45 15.55
N LEU A 102 23.49 3.95 15.93
CA LEU A 102 22.76 4.43 17.09
C LEU A 102 22.67 3.38 18.17
N GLU A 103 22.75 3.83 19.40
CA GLU A 103 22.59 3.00 20.58
C GLU A 103 21.28 3.35 21.23
N LEU A 104 20.48 2.35 21.54
CA LEU A 104 19.19 2.57 22.15
C LEU A 104 19.14 1.84 23.46
N THR A 105 18.91 2.56 24.55
CA THR A 105 18.95 1.87 25.82
C THR A 105 17.73 2.07 26.67
N LEU A 106 17.49 1.14 27.57
CA LEU A 106 16.42 1.28 28.52
C LEU A 106 17.03 1.40 29.91
N THR A 107 16.76 2.49 30.57
CA THR A 107 17.39 2.69 31.86
C THR A 107 16.48 3.23 32.96
N ASN A 108 17.01 3.23 34.21
CA ASN A 108 16.43 3.85 35.40
C ASN A 108 17.00 5.28 35.63
N THR A 109 18.11 5.65 34.92
CA THR A 109 18.84 6.92 35.06
C THR A 109 18.64 7.85 33.89
N SER A 110 18.18 9.04 34.20
CA SER A 110 17.99 10.10 33.23
C SER A 110 19.36 10.67 32.91
N ILE A 111 19.64 11.02 31.65
CA ILE A 111 20.93 11.65 31.39
C ILE A 111 20.67 13.07 30.94
N ILE A 112 19.43 13.31 30.52
CA ILE A 112 18.98 14.64 30.14
C ILE A 112 18.05 15.14 31.21
N ASN A 113 18.43 16.22 31.87
CA ASN A 113 17.60 16.77 32.93
C ASN A 113 16.83 17.95 32.44
N HIS A 114 16.89 18.15 31.14
CA HIS A 114 16.21 19.22 30.48
C HIS A 114 14.78 18.80 30.26
N LYS A 115 13.91 19.78 30.21
CA LYS A 115 12.51 19.56 29.89
C LYS A 115 12.30 20.14 28.50
N PHE A 116 13.43 20.43 27.88
CA PHE A 116 13.52 21.07 26.60
C PHE A 116 14.19 20.15 25.61
N CYS A 117 13.83 20.33 24.33
CA CYS A 117 14.44 19.63 23.18
C CYS A 117 14.93 20.69 22.19
N ASN A 118 14.07 21.62 21.82
CA ASN A 118 14.47 22.63 20.84
C ASN A 118 15.03 21.94 19.57
N LEU A 119 14.27 20.92 19.08
CA LEU A 119 14.59 20.12 17.90
C LEU A 119 14.64 20.96 16.63
N SER A 120 13.75 21.96 16.53
CA SER A 120 13.72 22.81 15.35
C SER A 120 14.94 23.72 15.27
N ASP A 121 15.55 24.03 16.42
CA ASP A 121 16.72 24.87 16.40
C ASP A 121 17.90 23.98 16.11
N ALA A 122 17.84 22.74 16.60
CA ALA A 122 18.89 21.79 16.32
C ALA A 122 18.95 21.54 14.83
N HIS A 123 17.78 21.49 14.20
CA HIS A 123 17.72 21.20 12.80
C HIS A 123 18.34 22.26 11.95
N LYS A 124 18.10 23.53 12.32
CA LYS A 124 18.68 24.69 11.64
C LYS A 124 20.17 24.77 11.87
N ARG A 125 20.61 24.42 13.08
CA ARG A 125 22.02 24.43 13.46
C ARG A 125 22.77 23.54 12.47
N ASN A 126 22.16 22.40 12.15
CA ASN A 126 22.61 21.49 11.11
C ASN A 126 24.04 20.96 11.22
N LEU A 127 24.44 20.55 12.42
CA LEU A 127 25.77 19.98 12.66
C LEU A 127 25.76 18.46 12.81
N TYR A 128 24.63 17.84 12.52
CA TYR A 128 24.42 16.42 12.68
C TYR A 128 24.43 15.66 11.38
N ASP A 129 24.72 14.37 11.48
CA ASP A 129 24.63 13.49 10.33
C ASP A 129 23.17 13.31 9.98
N HIS A 130 22.82 13.62 8.76
CA HIS A 130 21.45 13.55 8.33
C HIS A 130 20.97 12.12 8.41
N ALA A 131 21.82 11.13 8.14
CA ALA A 131 21.33 9.76 8.20
C ALA A 131 20.94 9.37 9.62
N LEU A 132 21.72 9.76 10.60
CA LEU A 132 21.39 9.39 11.96
C LEU A 132 20.13 10.11 12.38
N MET A 133 20.03 11.38 11.99
CA MET A 133 18.86 12.15 12.35
C MET A 133 17.62 11.62 11.70
N SER A 134 17.75 11.16 10.46
CA SER A 134 16.61 10.66 9.71
C SER A 134 16.06 9.44 10.42
N ILE A 135 16.93 8.55 10.88
CA ILE A 135 16.46 7.37 11.56
C ILE A 135 15.76 7.74 12.87
N ILE A 136 16.32 8.68 13.63
CA ILE A 136 15.68 9.08 14.86
C ILE A 136 14.33 9.71 14.63
N SER A 137 14.21 10.58 13.64
CA SER A 137 12.93 11.18 13.40
C SER A 137 11.96 10.15 12.84
N THR A 138 12.46 9.08 12.19
CA THR A 138 11.58 8.01 11.71
C THR A 138 10.97 7.39 12.92
N PHE A 139 11.79 7.11 13.93
CA PHE A 139 11.30 6.50 15.13
C PHE A 139 10.26 7.38 15.78
N HIS A 140 10.59 8.66 15.96
CA HIS A 140 9.71 9.56 16.67
C HIS A 140 8.34 9.69 16.02
N LEU A 141 8.32 9.82 14.72
CA LEU A 141 7.07 10.04 14.03
C LEU A 141 6.30 8.78 13.75
N SER A 142 6.84 7.64 14.17
CA SER A 142 6.17 6.37 13.98
C SER A 142 5.46 5.97 15.25
N ILE A 143 5.56 6.80 16.29
CA ILE A 143 4.95 6.50 17.56
C ILE A 143 3.43 6.55 17.52
N PRO A 144 2.73 5.47 17.90
CA PRO A 144 1.29 5.38 17.95
C PRO A 144 0.79 6.46 18.82
N ASN A 145 -0.35 7.01 18.46
CA ASN A 145 -0.93 8.09 19.22
C ASN A 145 0.08 9.22 19.28
N PHE A 146 0.73 9.49 18.16
CA PHE A 146 1.73 10.51 18.16
C PHE A 146 1.24 11.88 18.54
N ASN A 147 1.99 12.48 19.45
CA ASN A 147 1.85 13.83 19.90
C ASN A 147 3.15 14.09 20.62
N GLN A 148 3.32 15.28 21.14
CA GLN A 148 4.53 15.47 21.91
C GLN A 148 4.31 15.05 23.36
N TYR A 149 3.22 15.50 23.98
CA TYR A 149 2.98 15.18 25.40
C TYR A 149 4.21 15.52 26.23
N GLU A 150 4.90 16.62 25.90
CA GLU A 150 6.20 16.87 26.52
C GLU A 150 7.02 15.68 26.03
N ALA A 151 7.11 14.63 26.86
CA ALA A 151 7.73 13.32 26.59
C ALA A 151 9.20 13.29 26.25
N MET A 152 9.57 13.99 25.18
CA MET A 152 10.92 13.98 24.70
C MET A 152 11.70 15.22 25.01
N SER A 153 12.86 15.00 25.55
CA SER A 153 13.82 16.06 25.81
C SER A 153 14.98 15.64 24.94
N CYS A 154 15.87 16.59 24.55
CA CYS A 154 17.02 16.23 23.70
C CYS A 154 18.18 17.20 23.88
N ASP A 155 19.31 16.78 23.34
CA ASP A 155 20.52 17.56 23.32
C ASP A 155 21.29 17.36 22.02
N PHE A 156 21.30 18.40 21.20
CA PHE A 156 21.98 18.39 19.92
C PHE A 156 23.03 19.47 19.87
N ASN A 157 23.67 19.74 20.99
CA ASN A 157 24.73 20.72 21.01
C ASN A 157 25.91 20.16 20.24
N GLY A 158 26.53 20.99 19.41
CA GLY A 158 27.63 20.48 18.62
C GLY A 158 27.01 19.49 17.64
N GLY A 159 27.73 18.46 17.28
CA GLY A 159 27.23 17.48 16.33
C GLY A 159 26.74 16.19 17.00
N LYS A 160 26.56 16.19 18.33
CA LYS A 160 26.19 14.95 19.01
C LYS A 160 24.71 14.74 19.04
N ILE A 161 24.30 13.50 19.26
CA ILE A 161 22.90 13.19 19.42
C ILE A 161 22.57 12.51 20.72
N SER A 162 21.68 13.10 21.50
CA SER A 162 21.16 12.45 22.69
C SER A 162 19.67 12.77 22.83
N VAL A 163 18.85 11.73 22.75
CA VAL A 163 17.40 11.88 22.82
C VAL A 163 16.80 11.03 23.92
N GLN A 164 15.99 11.61 24.80
CA GLN A 164 15.42 10.85 25.90
C GLN A 164 13.91 10.92 26.02
N TYR A 165 13.29 9.75 26.10
CA TYR A 165 11.83 9.69 26.27
C TYR A 165 11.45 9.37 27.72
N ASN A 166 10.49 10.15 28.27
CA ASN A 166 9.99 10.05 29.64
C ASN A 166 8.91 8.95 29.80
N LEU A 167 9.36 7.66 29.72
CA LEU A 167 8.52 6.45 29.90
C LEU A 167 8.06 6.43 31.36
N SER A 168 8.93 7.03 32.20
CA SER A 168 8.87 7.24 33.63
C SER A 168 7.68 8.07 34.01
N HIS A 169 7.05 8.68 33.01
CA HIS A 169 5.84 9.40 33.21
C HIS A 169 4.86 8.54 34.00
N THR A 170 4.80 7.25 33.69
CA THR A 170 3.83 6.35 34.29
C THR A 170 3.85 6.36 35.82
N TYR A 171 2.64 6.53 36.36
CA TYR A 171 2.31 6.58 37.77
C TYR A 171 1.00 5.82 37.88
N ALA A 172 0.44 5.65 39.07
CA ALA A 172 -0.73 4.76 39.21
C ALA A 172 -1.97 5.04 38.34
N VAL A 173 -2.34 6.29 38.10
CA VAL A 173 -3.57 6.48 37.32
C VAL A 173 -3.35 6.10 35.86
N ASP A 174 -2.27 6.58 35.30
CA ASP A 174 -1.98 6.27 33.92
C ASP A 174 -1.56 4.81 33.78
N ALA A 175 -0.95 4.24 34.82
CA ALA A 175 -0.56 2.84 34.79
C ALA A 175 -1.79 1.97 34.65
N ALA A 176 -2.86 2.38 35.34
CA ALA A 176 -4.14 1.69 35.30
C ALA A 176 -4.78 1.73 33.92
N LYS A 177 -4.56 2.83 33.19
CA LYS A 177 -5.12 2.96 31.86
C LYS A 177 -4.39 2.04 30.89
N HIS A 178 -3.07 1.92 31.09
CA HIS A 178 -2.17 1.05 30.31
C HIS A 178 -1.95 1.39 28.82
N CYS A 179 -3.03 1.44 28.02
CA CYS A 179 -3.01 1.58 26.57
C CYS A 179 -2.89 3.06 26.13
N GLY A 180 -1.80 3.67 26.52
CA GLY A 180 -1.56 5.07 26.18
C GLY A 180 -0.52 5.71 27.07
N THR A 181 -0.79 6.98 27.37
CA THR A 181 0.04 7.83 28.22
C THR A 181 1.54 7.69 28.00
N ILE A 182 1.95 8.04 26.77
CA ILE A 182 3.34 8.08 26.29
C ILE A 182 4.02 6.73 26.15
N ALA A 183 4.12 5.99 27.25
CA ALA A 183 4.83 4.73 27.21
C ALA A 183 4.23 3.75 26.23
N ASN A 184 2.90 3.68 26.06
CA ASN A 184 2.43 2.68 25.12
C ASN A 184 2.98 2.94 23.74
N GLY A 185 2.88 4.18 23.28
CA GLY A 185 3.35 4.50 21.95
C GLY A 185 4.87 4.36 21.82
N VAL A 186 5.62 4.77 22.84
CA VAL A 186 7.06 4.68 22.65
C VAL A 186 7.50 3.22 22.65
N LEU A 187 6.98 2.43 23.58
CA LEU A 187 7.39 1.05 23.69
C LEU A 187 7.01 0.24 22.47
N GLN A 188 5.87 0.51 21.86
CA GLN A 188 5.48 -0.23 20.68
C GLN A 188 6.28 0.14 19.46
N THR A 189 7.02 1.23 19.51
CA THR A 189 7.78 1.62 18.37
C THR A 189 9.11 0.96 18.55
N PHE A 190 9.58 0.96 19.79
CA PHE A 190 10.83 0.34 20.17
C PHE A 190 10.82 -1.11 19.78
N MET A 191 9.72 -1.81 20.08
CA MET A 191 9.57 -3.23 19.76
C MET A 191 9.53 -3.50 18.26
N ARG A 192 9.19 -2.51 17.45
CA ARG A 192 9.16 -2.73 16.01
C ARG A 192 10.53 -2.48 15.46
N MET A 193 11.25 -1.54 16.05
CA MET A 193 12.60 -1.33 15.59
C MET A 193 13.40 -2.59 15.93
N ALA A 194 13.15 -3.12 17.13
CA ALA A 194 13.85 -4.27 17.66
C ALA A 194 13.23 -5.62 17.31
N TRP A 195 13.15 -5.99 16.04
CA TRP A 195 12.67 -7.35 15.82
C TRP A 195 13.73 -8.30 16.26
N GLY A 196 13.31 -9.34 16.96
CA GLY A 196 14.27 -10.33 17.39
C GLY A 196 15.04 -9.83 18.61
N GLY A 197 14.61 -8.70 19.18
CA GLY A 197 15.32 -8.14 20.30
C GLY A 197 14.81 -8.69 21.60
N SER A 198 15.11 -8.02 22.70
CA SER A 198 14.67 -8.64 23.93
C SER A 198 13.26 -8.19 24.17
N TYR A 199 12.40 -9.14 24.39
CA TYR A 199 11.02 -8.79 24.52
C TYR A 199 10.65 -8.32 25.90
N ILE A 200 10.99 -7.07 26.12
CA ILE A 200 10.74 -6.48 27.40
C ILE A 200 9.31 -6.01 27.41
N ALA A 201 8.47 -7.00 27.60
CA ALA A 201 7.05 -6.92 27.76
C ALA A 201 6.86 -7.75 29.01
N LEU A 202 7.98 -8.40 29.37
CA LEU A 202 8.09 -9.19 30.59
C LEU A 202 7.08 -10.33 30.60
N ASP A 203 6.08 -10.25 31.47
CA ASP A 203 5.06 -11.29 31.59
C ASP A 203 4.24 -11.42 30.31
N SER A 204 4.30 -10.39 29.49
CA SER A 204 3.62 -10.29 28.21
C SER A 204 4.65 -10.45 27.10
N GLY A 205 5.79 -11.07 27.41
CA GLY A 205 6.93 -11.28 26.52
C GLY A 205 6.65 -11.90 25.15
N CYS A 206 5.65 -12.83 25.01
CA CYS A 206 5.32 -13.46 23.73
C CYS A 206 4.25 -12.62 23.01
N GLY A 207 3.84 -11.52 23.63
CA GLY A 207 2.88 -10.61 23.02
C GLY A 207 1.41 -11.01 23.06
N SER A 208 1.02 -11.89 23.97
CA SER A 208 -0.44 -12.17 23.99
C SER A 208 -1.15 -10.82 23.80
N TRP A 209 -0.93 -9.86 24.69
CA TRP A 209 -1.64 -8.59 24.72
C TRP A 209 -0.80 -7.50 24.11
N ASP A 210 -1.45 -6.53 23.47
CA ASP A 210 -0.77 -5.43 22.80
C ASP A 210 -0.51 -4.11 23.55
N CYS A 211 -0.79 -4.06 24.87
CA CYS A 211 -0.52 -2.91 25.74
C CYS A 211 0.49 -3.46 26.73
N ILE A 212 1.66 -2.85 26.75
CA ILE A 212 2.73 -3.34 27.60
C ILE A 212 3.30 -2.26 28.48
N MET A 213 3.98 -2.69 29.51
CA MET A 213 4.63 -1.79 30.43
C MET A 213 5.94 -2.42 30.77
N THR A 214 6.96 -1.61 31.01
CA THR A 214 8.25 -2.13 31.37
C THR A 214 8.67 -1.52 32.68
N SER A 215 9.72 -2.04 33.26
CA SER A 215 10.22 -1.55 34.52
C SER A 215 11.06 -0.27 34.35
N TYR A 216 11.47 -0.04 33.12
CA TYR A 216 12.35 1.05 32.80
C TYR A 216 11.68 2.40 32.83
N GLN A 217 12.49 3.41 33.08
CA GLN A 217 12.04 4.77 33.19
C GLN A 217 12.36 5.61 31.95
N TYR A 218 13.46 5.32 31.27
CA TYR A 218 13.78 6.15 30.13
C TYR A 218 14.24 5.38 28.92
N LEU A 219 13.84 5.85 27.74
CA LEU A 219 14.41 5.33 26.49
C LEU A 219 15.36 6.34 25.94
N ILE A 220 16.62 5.97 25.86
CA ILE A 220 17.64 6.89 25.41
C ILE A 220 18.29 6.48 24.12
N ILE A 221 18.31 7.40 23.17
CA ILE A 221 18.92 7.13 21.88
C ILE A 221 20.16 8.01 21.72
N GLN A 222 21.30 7.41 21.42
CA GLN A 222 22.53 8.17 21.25
C GLN A 222 23.33 7.80 20.00
N ASN A 223 24.12 8.76 19.44
CA ASN A 223 25.09 8.47 18.37
C ASN A 223 26.27 7.69 18.97
N THR A 224 26.60 6.52 18.36
CA THR A 224 27.68 5.64 18.82
C THR A 224 28.56 5.14 17.69
N THR A 225 29.56 4.36 18.09
CA THR A 225 30.52 3.73 17.20
C THR A 225 30.08 2.31 16.98
N TRP A 226 30.15 1.85 15.73
CA TRP A 226 29.79 0.49 15.54
C TRP A 226 30.93 -0.41 15.96
N GLU A 227 30.63 -1.34 16.82
CA GLU A 227 31.55 -2.30 17.38
C GLU A 227 30.77 -3.57 17.38
N ASP A 228 31.38 -4.72 17.44
CA ASP A 228 30.47 -5.84 17.54
C ASP A 228 29.59 -5.68 18.77
N HIS A 229 28.28 -5.82 18.57
CA HIS A 229 27.30 -5.94 19.68
C HIS A 229 26.51 -7.17 19.24
N CYS A 230 25.23 -7.01 18.87
CA CYS A 230 24.51 -8.12 18.19
C CYS A 230 24.76 -9.48 18.90
N GLN A 231 24.55 -9.50 20.22
CA GLN A 231 24.81 -10.69 21.01
C GLN A 231 23.58 -11.55 21.15
N PHE A 232 22.42 -10.92 20.99
CA PHE A 232 21.18 -11.63 21.15
C PHE A 232 20.38 -11.73 19.83
N SER A 233 20.90 -11.16 18.75
CA SER A 233 20.11 -11.18 17.52
C SER A 233 20.97 -11.02 16.28
N ARG A 234 20.39 -11.30 15.13
CA ARG A 234 21.10 -11.17 13.86
C ARG A 234 20.86 -9.77 13.36
N PRO A 235 21.83 -9.08 12.79
CA PRO A 235 21.62 -7.79 12.21
C PRO A 235 20.52 -7.96 11.21
N SER A 236 19.58 -7.04 11.17
CA SER A 236 18.48 -7.17 10.23
C SER A 236 17.83 -5.85 9.87
N PRO A 237 17.54 -5.59 8.59
CA PRO A 237 16.91 -4.38 8.11
C PRO A 237 15.42 -4.36 8.39
N ILE A 238 14.86 -5.47 8.84
CA ILE A 238 13.42 -5.58 8.98
C ILE A 238 12.85 -4.58 9.96
N GLY A 239 13.51 -4.35 11.08
CA GLY A 239 12.93 -3.44 12.05
C GLY A 239 12.65 -2.07 11.43
N TYR A 240 13.68 -1.47 10.85
CA TYR A 240 13.54 -0.18 10.22
C TYR A 240 12.51 -0.22 9.11
N LEU A 241 12.58 -1.24 8.26
CA LEU A 241 11.66 -1.35 7.14
C LEU A 241 10.23 -1.46 7.62
N GLY A 242 10.01 -2.13 8.73
CA GLY A 242 8.69 -2.29 9.28
C GLY A 242 8.12 -0.92 9.64
N LEU A 243 8.90 -0.14 10.38
CA LEU A 243 8.45 1.19 10.79
C LEU A 243 8.24 2.12 9.62
N LEU A 244 9.09 1.98 8.64
CA LEU A 244 9.06 2.81 7.46
C LEU A 244 7.84 2.56 6.58
N SER A 245 7.48 1.29 6.39
CA SER A 245 6.34 0.94 5.57
C SER A 245 5.00 1.09 6.30
N GLN A 246 5.00 0.97 7.62
CA GLN A 246 3.75 1.08 8.38
C GLN A 246 3.34 2.52 8.63
N ARG A 247 2.80 3.11 7.57
CA ARG A 247 2.41 4.50 7.56
C ARG A 247 0.98 4.68 7.09
N THR A 248 0.02 4.35 7.93
CA THR A 248 -1.39 4.45 7.57
C THR A 248 -2.07 5.33 8.60
N ARG A 249 -2.60 4.69 9.62
CA ARG A 249 -3.25 5.37 10.72
C ARG A 249 -3.06 4.59 11.99
N ASP A 250 -2.51 5.23 13.01
CA ASP A 250 -2.37 4.59 14.32
C ASP A 250 -2.36 5.62 15.45
N ILE A 251 -3.52 6.20 15.73
CA ILE A 251 -3.68 7.21 16.76
C ILE A 251 -4.89 6.94 17.62
N TYR A 252 -4.97 7.63 18.75
CA TYR A 252 -6.19 7.68 19.54
C TYR A 252 -6.64 9.13 19.60
N ILE A 253 -5.73 10.02 19.99
CA ILE A 253 -6.08 11.42 20.14
C ILE A 253 -5.94 12.29 18.86
N SER A 254 -4.95 11.96 17.96
CA SER A 254 -4.54 12.62 16.68
C SER A 254 -3.04 12.88 16.75
N GLY B 1 13.17 -18.24 -17.24
CA GLY B 1 14.42 -17.79 -17.83
C GLY B 1 14.97 -16.58 -17.08
N THR B 2 14.49 -15.37 -17.45
CA THR B 2 14.87 -14.09 -16.86
C THR B 2 14.00 -13.82 -15.64
N PHE B 3 14.41 -12.84 -14.84
CA PHE B 3 13.65 -12.50 -13.67
C PHE B 3 13.00 -11.13 -13.79
N THR B 4 11.90 -10.97 -13.08
CA THR B 4 11.13 -9.72 -13.01
C THR B 4 11.39 -9.00 -11.70
N TRP B 5 11.99 -9.68 -10.74
CA TRP B 5 12.22 -9.07 -9.44
C TRP B 5 13.52 -8.30 -9.33
N THR B 6 14.38 -8.40 -10.33
CA THR B 6 15.64 -7.69 -10.27
C THR B 6 15.40 -6.30 -10.79
N LEU B 7 16.29 -5.39 -10.48
CA LEU B 7 16.13 -4.08 -11.08
C LEU B 7 16.88 -4.07 -12.38
N SER B 8 18.03 -4.72 -12.38
CA SER B 8 18.86 -4.73 -13.55
C SER B 8 18.23 -5.58 -14.63
N ASP B 9 18.39 -5.12 -15.86
CA ASP B 9 17.91 -5.74 -17.09
C ASP B 9 18.92 -6.73 -17.64
N SER B 10 18.58 -8.01 -17.59
CA SER B 10 19.41 -9.13 -18.05
C SER B 10 20.62 -9.40 -17.15
N GLU B 11 21.43 -8.40 -16.89
CA GLU B 11 22.61 -8.54 -16.03
C GLU B 11 22.21 -9.05 -14.65
N GLY B 12 21.03 -8.66 -14.19
CA GLY B 12 20.53 -9.05 -12.87
C GLY B 12 20.41 -10.57 -12.75
N ASN B 13 20.10 -11.26 -13.84
CA ASN B 13 19.95 -12.70 -13.85
C ASN B 13 20.10 -13.31 -15.23
N GLU B 14 21.05 -14.22 -15.38
CA GLU B 14 21.21 -14.87 -16.67
C GLU B 14 20.47 -16.20 -16.59
N THR B 15 19.97 -16.65 -17.72
CA THR B 15 19.32 -17.93 -17.76
C THR B 15 20.23 -19.18 -17.51
N PRO B 16 21.32 -19.41 -18.28
CA PRO B 16 22.08 -20.66 -18.24
C PRO B 16 22.85 -20.97 -16.96
N GLY B 17 23.17 -19.98 -16.15
CA GLY B 17 23.92 -20.26 -14.95
C GLY B 17 23.04 -20.51 -13.75
N GLY B 18 21.73 -20.39 -13.92
CA GLY B 18 20.86 -20.55 -12.77
C GLY B 18 21.06 -19.31 -11.91
N TYR B 19 20.62 -19.36 -10.66
CA TYR B 19 20.79 -18.21 -9.78
C TYR B 19 21.55 -18.65 -8.54
N CYS B 20 22.69 -17.98 -8.22
CA CYS B 20 23.54 -18.35 -7.09
C CYS B 20 23.61 -17.28 -6.02
N LEU B 21 23.75 -17.78 -4.82
CA LEU B 21 23.94 -17.03 -3.60
C LEU B 21 25.40 -17.14 -3.21
N THR B 22 26.05 -16.00 -3.13
CA THR B 22 27.47 -16.01 -2.83
C THR B 22 27.79 -16.03 -1.33
N ARG B 23 29.08 -16.01 -1.02
CA ARG B 23 29.59 -16.17 0.34
C ARG B 23 29.27 -14.98 1.20
N TRP B 24 28.86 -13.89 0.59
CA TRP B 24 28.47 -12.71 1.33
C TRP B 24 26.97 -12.66 1.52
N MET B 25 26.26 -13.62 0.99
CA MET B 25 24.83 -13.66 1.19
C MET B 25 24.54 -14.67 2.27
N LEU B 26 25.32 -15.73 2.26
CA LEU B 26 25.16 -16.87 3.15
C LEU B 26 26.08 -16.74 4.34
N ILE B 27 25.72 -17.35 5.46
CA ILE B 27 26.64 -17.31 6.59
C ILE B 27 27.67 -18.43 6.64
N GLU B 28 27.24 -19.68 6.49
CA GLU B 28 28.20 -20.77 6.65
C GLU B 28 28.71 -21.39 5.35
N ALA B 29 27.86 -21.51 4.35
CA ALA B 29 28.26 -22.13 3.10
C ALA B 29 28.92 -21.09 2.24
N GLU B 30 29.92 -21.48 1.48
CA GLU B 30 30.52 -20.52 0.56
C GLU B 30 29.62 -20.30 -0.64
N LEU B 31 28.91 -21.34 -1.05
CA LEU B 31 28.09 -21.23 -2.22
C LEU B 31 26.86 -22.13 -2.23
N LYS B 32 25.72 -21.54 -2.55
CA LYS B 32 24.50 -22.31 -2.77
C LYS B 32 23.86 -21.80 -4.05
N CYS B 33 23.46 -22.71 -4.97
CA CYS B 33 22.84 -22.36 -6.24
C CYS B 33 21.52 -23.05 -6.36
N PHE B 34 20.57 -22.31 -6.88
CA PHE B 34 19.23 -22.76 -7.11
C PHE B 34 18.91 -22.71 -8.59
N GLY B 35 18.08 -23.62 -9.06
CA GLY B 35 17.72 -23.55 -10.46
C GLY B 35 16.83 -22.36 -10.66
N ASN B 36 16.86 -21.80 -11.87
CA ASN B 36 16.00 -20.65 -12.15
C ASN B 36 14.56 -21.04 -12.09
N THR B 37 14.24 -22.30 -12.32
CA THR B 37 12.86 -22.71 -12.25
C THR B 37 12.27 -22.39 -10.88
N ALA B 38 13.03 -22.61 -9.81
CA ALA B 38 12.51 -22.32 -8.48
C ALA B 38 12.67 -20.86 -8.13
N VAL B 39 13.79 -20.27 -8.49
CA VAL B 39 14.02 -18.89 -8.10
C VAL B 39 13.03 -17.97 -8.76
N ALA B 40 12.71 -18.28 -10.01
CA ALA B 40 11.79 -17.55 -10.84
C ALA B 40 10.43 -17.49 -10.22
N LYS B 41 10.12 -18.34 -9.26
CA LYS B 41 8.81 -18.21 -8.65
C LYS B 41 8.63 -16.81 -8.02
N CYS B 42 9.73 -16.15 -7.55
CA CYS B 42 9.73 -14.83 -6.93
C CYS B 42 9.36 -13.77 -7.97
N ASN B 43 9.29 -14.15 -9.24
CA ASN B 43 8.88 -13.25 -10.28
C ASN B 43 7.42 -12.92 -10.13
N GLU B 44 6.66 -13.90 -9.59
CA GLU B 44 5.22 -13.87 -9.41
C GLU B 44 4.77 -13.75 -7.96
N LYS B 45 5.56 -14.29 -7.03
CA LYS B 45 5.08 -14.36 -5.65
C LYS B 45 4.90 -13.03 -4.92
N HIS B 46 3.74 -13.01 -4.26
CA HIS B 46 3.18 -11.98 -3.39
C HIS B 46 3.38 -12.39 -1.93
N ASP B 47 4.14 -13.44 -1.75
CA ASP B 47 4.45 -14.09 -0.49
C ASP B 47 5.86 -14.64 -0.58
N GLU B 48 6.31 -15.30 0.49
CA GLU B 48 7.62 -15.91 0.69
C GLU B 48 8.64 -14.89 1.11
N GLU B 49 9.02 -14.97 2.37
CA GLU B 49 9.96 -14.03 2.95
C GLU B 49 11.27 -14.04 2.23
N PHE B 50 11.64 -15.22 1.77
CA PHE B 50 12.88 -15.38 1.05
C PHE B 50 12.98 -14.41 -0.13
N CYS B 51 11.87 -14.17 -0.89
CA CYS B 51 11.83 -13.33 -2.08
C CYS B 51 12.06 -11.87 -1.72
N ASP B 52 11.77 -11.45 -0.47
CA ASP B 52 12.03 -10.06 -0.16
C ASP B 52 13.47 -9.93 0.16
N MET B 53 14.04 -10.95 0.79
CA MET B 53 15.43 -10.82 1.08
C MET B 53 16.23 -10.85 -0.18
N LEU B 54 15.74 -11.60 -1.14
CA LEU B 54 16.38 -11.75 -2.41
C LEU B 54 16.36 -10.40 -3.15
N ARG B 55 15.22 -9.71 -3.12
CA ARG B 55 15.13 -8.38 -3.71
C ARG B 55 16.00 -7.36 -2.99
N LEU B 56 16.09 -7.43 -1.67
CA LEU B 56 16.91 -6.46 -0.95
C LEU B 56 18.36 -6.67 -1.30
N PHE B 57 18.78 -7.92 -1.46
CA PHE B 57 20.16 -8.15 -1.84
C PHE B 57 20.44 -7.65 -3.24
N ASP B 58 19.51 -7.82 -4.19
CA ASP B 58 19.73 -7.29 -5.54
C ASP B 58 19.82 -5.78 -5.48
N PHE B 59 18.98 -5.16 -4.68
CA PHE B 59 19.03 -3.74 -4.57
C PHE B 59 20.34 -3.28 -4.03
N ASN B 60 20.82 -3.93 -2.96
CA ASN B 60 22.09 -3.55 -2.38
C ASN B 60 23.18 -3.69 -3.42
N LYS B 61 23.18 -4.77 -4.20
CA LYS B 61 24.22 -4.93 -5.19
C LYS B 61 24.24 -3.78 -6.19
N GLN B 62 23.07 -3.41 -6.70
CA GLN B 62 23.05 -2.35 -7.68
C GLN B 62 23.30 -1.02 -7.04
N ALA B 63 22.79 -0.80 -5.85
CA ALA B 63 22.94 0.50 -5.26
C ALA B 63 24.39 0.77 -5.01
N ILE B 64 25.14 -0.23 -4.59
CA ILE B 64 26.54 0.01 -4.33
C ILE B 64 27.29 0.28 -5.61
N ARG B 65 27.10 -0.55 -6.62
CA ARG B 65 27.85 -0.34 -7.84
C ARG B 65 27.52 0.94 -8.57
N ARG B 66 26.23 1.29 -8.58
CA ARG B 66 25.77 2.53 -9.29
C ARG B 66 26.33 3.76 -8.55
N LEU B 67 26.02 3.88 -7.26
CA LEU B 67 26.53 5.02 -6.46
C LEU B 67 27.95 4.71 -5.98
N LYS B 68 28.94 4.95 -6.83
CA LYS B 68 30.35 4.64 -6.46
C LYS B 68 30.64 5.23 -5.08
N ALA B 69 31.21 4.42 -4.18
CA ALA B 69 31.47 4.87 -2.80
C ALA B 69 30.18 5.49 -2.22
N PRO B 70 29.12 4.69 -1.98
CA PRO B 70 27.86 5.21 -1.45
C PRO B 70 28.14 6.00 -0.16
N ALA B 71 29.38 5.94 0.33
CA ALA B 71 29.73 6.64 1.54
C ALA B 71 28.67 6.35 2.57
N GLN B 72 28.09 7.40 3.15
CA GLN B 72 27.03 7.20 4.10
C GLN B 72 25.73 7.11 3.33
N MET B 73 25.00 6.01 3.54
CA MET B 73 23.74 5.86 2.83
C MET B 73 22.92 7.07 3.11
N SER B 74 22.26 7.55 2.07
CA SER B 74 21.43 8.73 2.09
C SER B 74 20.10 8.59 2.78
N ILE B 75 19.70 7.35 3.03
CA ILE B 75 18.41 6.98 3.62
C ILE B 75 17.25 7.23 2.65
N GLN B 76 17.15 8.40 2.07
CA GLN B 76 16.06 8.67 1.14
C GLN B 76 16.06 7.73 -0.08
N LEU B 77 17.24 7.23 -0.52
CA LEU B 77 17.22 6.32 -1.67
C LEU B 77 16.55 5.03 -1.28
N ILE B 78 16.93 4.52 -0.11
CA ILE B 78 16.33 3.30 0.36
C ILE B 78 14.89 3.52 0.71
N ASN B 79 14.51 4.65 1.27
CA ASN B 79 13.11 4.73 1.61
C ASN B 79 12.22 4.59 0.37
N LYS B 80 12.63 5.20 -0.75
CA LYS B 80 11.85 5.05 -1.95
C LYS B 80 11.92 3.61 -2.43
N ALA B 81 13.10 3.02 -2.33
CA ALA B 81 13.26 1.67 -2.77
C ALA B 81 12.41 0.72 -1.99
N VAL B 82 12.23 0.95 -0.73
CA VAL B 82 11.46 0.03 0.06
C VAL B 82 10.06 -0.09 -0.48
N ASN B 83 9.47 1.03 -0.82
CA ASN B 83 8.14 0.93 -1.36
C ASN B 83 8.13 0.13 -2.67
N ALA B 84 9.21 0.21 -3.44
CA ALA B 84 9.35 -0.54 -4.69
C ALA B 84 9.76 -2.02 -4.52
N LEU B 85 10.52 -2.31 -3.48
CA LEU B 85 11.14 -3.61 -3.30
C LEU B 85 10.50 -4.64 -2.40
N ILE B 86 9.79 -4.23 -1.36
CA ILE B 86 9.36 -5.31 -0.46
C ILE B 86 7.88 -5.41 -0.23
N ASN B 87 7.52 -6.59 0.24
CA ASN B 87 6.18 -6.90 0.59
C ASN B 87 5.93 -6.47 2.03
N ASP B 88 5.25 -5.34 2.16
CA ASP B 88 5.00 -4.73 3.44
C ASP B 88 3.95 -5.50 4.18
N GLN B 89 3.03 -6.06 3.42
CA GLN B 89 1.96 -6.84 3.99
C GLN B 89 2.55 -8.05 4.66
N LEU B 90 3.56 -8.64 4.05
CA LEU B 90 4.18 -9.82 4.61
C LEU B 90 4.92 -9.50 5.89
N ILE B 91 5.61 -8.36 5.95
CA ILE B 91 6.26 -8.06 7.21
C ILE B 91 5.20 -7.92 8.28
N MET B 92 4.09 -7.23 7.95
CA MET B 92 3.04 -7.07 8.93
C MET B 92 2.41 -8.39 9.34
N LYS B 93 2.31 -9.38 8.44
CA LYS B 93 1.77 -10.68 8.85
C LYS B 93 2.70 -11.32 9.87
N ASN B 94 4.01 -11.23 9.65
CA ASN B 94 4.91 -11.83 10.61
C ASN B 94 4.90 -11.04 11.90
N HIS B 95 4.64 -9.75 11.81
CA HIS B 95 4.54 -8.95 13.00
C HIS B 95 3.35 -9.42 13.80
N LEU B 96 2.21 -9.68 13.12
CA LEU B 96 1.03 -10.15 13.81
C LEU B 96 1.23 -11.47 14.45
N ARG B 97 1.98 -12.35 13.80
CA ARG B 97 2.22 -13.64 14.40
C ARG B 97 3.15 -13.51 15.61
N ASP B 98 4.13 -12.60 15.55
CA ASP B 98 5.04 -12.42 16.68
C ASP B 98 4.19 -12.04 17.88
N ILE B 99 3.36 -11.02 17.70
CA ILE B 99 2.43 -10.65 18.73
C ILE B 99 1.39 -11.76 18.71
N MET B 100 0.62 -11.91 19.74
CA MET B 100 -0.33 -13.02 19.86
C MET B 100 0.29 -14.43 19.99
N CYS B 101 1.63 -14.57 20.19
CA CYS B 101 2.36 -15.81 20.51
C CYS B 101 2.20 -16.92 19.42
N ILE B 102 2.23 -16.54 18.15
CA ILE B 102 2.11 -17.46 17.01
C ILE B 102 3.47 -17.59 16.30
N PRO B 103 3.97 -18.78 15.96
CA PRO B 103 5.24 -18.94 15.29
C PRO B 103 5.31 -18.02 14.09
N TYR B 104 6.43 -17.35 13.92
CA TYR B 104 6.54 -16.35 12.88
C TYR B 104 7.94 -16.33 12.30
N CYS B 105 8.11 -15.69 11.12
CA CYS B 105 9.41 -15.58 10.48
C CYS B 105 10.22 -14.42 11.05
N ASN B 106 11.41 -14.71 11.53
CA ASN B 106 12.27 -13.63 11.99
C ASN B 106 13.40 -13.30 10.99
N TYR B 107 13.27 -13.78 9.70
CA TYR B 107 14.12 -13.57 8.52
C TYR B 107 15.58 -13.97 8.63
N SER B 108 15.83 -15.12 9.24
CA SER B 108 17.18 -15.63 9.42
C SER B 108 17.37 -16.91 8.64
N LYS B 109 16.93 -18.03 9.19
CA LYS B 109 17.01 -19.31 8.53
C LYS B 109 15.83 -19.52 7.63
N TYR B 110 16.10 -20.21 6.56
CA TYR B 110 15.16 -20.63 5.57
C TYR B 110 15.44 -22.11 5.34
N TRP B 111 14.46 -22.85 4.90
CA TRP B 111 14.70 -24.24 4.61
C TRP B 111 14.19 -24.59 3.26
N TYR B 112 14.80 -25.59 2.69
CA TYR B 112 14.42 -26.06 1.39
C TYR B 112 14.72 -27.52 1.28
N LEU B 113 14.10 -28.14 0.30
CA LEU B 113 14.42 -29.52 0.05
C LEU B 113 15.36 -29.62 -1.11
N ASN B 114 16.29 -30.57 -1.02
CA ASN B 114 17.31 -30.88 -2.01
C ASN B 114 17.28 -32.37 -2.32
N HIS B 115 17.02 -32.72 -3.59
CA HIS B 115 16.92 -34.11 -4.06
C HIS B 115 18.27 -34.79 -3.89
N THR B 116 18.31 -36.03 -3.48
CA THR B 116 19.60 -36.65 -3.24
C THR B 116 20.24 -37.31 -4.45
N VAL B 117 19.52 -37.39 -5.56
CA VAL B 117 20.11 -37.99 -6.75
C VAL B 117 20.37 -36.90 -7.76
N THR B 118 19.39 -36.06 -7.98
CA THR B 118 19.56 -34.97 -8.92
C THR B 118 19.86 -33.70 -8.17
N GLY B 119 20.07 -32.62 -8.87
CA GLY B 119 20.45 -31.38 -8.21
C GLY B 119 19.29 -30.45 -7.91
N LYS B 120 18.08 -30.90 -8.13
CA LYS B 120 16.91 -30.07 -7.96
C LYS B 120 16.64 -29.65 -6.53
N THR B 121 16.36 -28.36 -6.35
CA THR B 121 15.99 -27.80 -5.07
C THR B 121 14.74 -26.95 -5.17
N SER B 122 14.08 -26.79 -4.04
CA SER B 122 12.92 -25.92 -3.93
C SER B 122 13.31 -24.50 -3.61
N LEU B 123 12.38 -23.58 -3.77
CA LEU B 123 12.62 -22.22 -3.32
C LEU B 123 12.64 -22.34 -1.80
N PRO B 124 13.53 -21.69 -1.06
CA PRO B 124 13.52 -21.68 0.38
C PRO B 124 12.29 -21.02 0.95
N ARG B 125 11.86 -21.51 2.10
CA ARG B 125 10.73 -20.97 2.86
C ARG B 125 11.28 -20.59 4.20
N CYS B 126 10.69 -19.60 4.91
CA CYS B 126 11.25 -19.18 6.21
C CYS B 126 11.05 -20.22 7.31
N TRP B 127 12.12 -20.44 8.06
CA TRP B 127 12.08 -21.32 9.20
C TRP B 127 11.50 -20.45 10.27
N LEU B 128 10.44 -20.89 10.92
CA LEU B 128 9.80 -20.04 11.90
C LEU B 128 10.36 -20.22 13.28
N VAL B 129 10.15 -19.20 14.09
CA VAL B 129 10.55 -19.23 15.48
C VAL B 129 9.38 -18.96 16.37
N SER B 130 9.50 -19.41 17.60
CA SER B 130 8.52 -19.17 18.63
C SER B 130 9.22 -19.25 19.98
N ASN B 131 8.91 -18.32 20.91
CA ASN B 131 9.47 -18.29 22.27
C ASN B 131 11.03 -18.26 22.26
N GLY B 132 11.63 -17.55 21.27
CA GLY B 132 13.08 -17.38 21.08
C GLY B 132 13.81 -18.52 20.38
N SER B 133 13.11 -19.58 19.99
CA SER B 133 13.77 -20.73 19.38
C SER B 133 13.17 -21.13 18.05
N TYR B 134 13.91 -21.89 17.26
CA TYR B 134 13.37 -22.37 16.01
C TYR B 134 12.46 -23.52 16.24
N LEU B 135 11.43 -23.61 15.41
CA LEU B 135 10.51 -24.72 15.48
C LEU B 135 11.17 -25.99 14.97
N ASN B 136 10.78 -27.14 15.56
CA ASN B 136 11.24 -28.45 15.13
C ASN B 136 10.58 -28.86 13.81
N GLU B 137 11.20 -29.83 13.11
CA GLU B 137 10.79 -30.36 11.82
C GLU B 137 9.48 -31.09 11.93
N THR B 138 9.15 -31.48 13.13
CA THR B 138 7.95 -32.20 13.39
C THR B 138 6.77 -31.25 13.49
N HIS B 139 7.02 -29.97 13.74
CA HIS B 139 5.92 -29.03 13.84
C HIS B 139 5.56 -28.51 12.48
N PHE B 140 6.53 -28.47 11.57
CA PHE B 140 6.21 -27.96 10.25
C PHE B 140 6.40 -29.05 9.19
N SER B 141 6.27 -30.29 9.64
CA SER B 141 6.42 -31.46 8.78
C SER B 141 5.38 -31.51 7.69
N ASP B 142 4.22 -30.89 7.91
CA ASP B 142 3.20 -30.88 6.89
C ASP B 142 3.65 -30.10 5.69
N ASP B 143 4.43 -29.05 5.91
CA ASP B 143 4.88 -28.22 4.83
C ASP B 143 6.08 -28.82 4.20
N ILE B 144 6.88 -29.53 4.98
CA ILE B 144 8.04 -30.14 4.39
C ILE B 144 7.55 -31.21 3.41
N GLU B 145 6.61 -32.04 3.85
CA GLU B 145 6.12 -33.06 2.95
C GLU B 145 5.38 -32.47 1.78
N GLN B 146 4.62 -31.40 1.97
CA GLN B 146 3.94 -30.84 0.82
C GLN B 146 4.96 -30.33 -0.17
N GLN B 147 6.06 -29.76 0.31
CA GLN B 147 7.03 -29.28 -0.61
C GLN B 147 7.65 -30.43 -1.38
N ALA B 148 7.86 -31.56 -0.73
CA ALA B 148 8.44 -32.70 -1.42
C ALA B 148 7.53 -33.15 -2.55
N ASP B 149 6.21 -33.13 -2.32
CA ASP B 149 5.28 -33.57 -3.35
C ASP B 149 5.24 -32.60 -4.49
N ASN B 150 5.41 -31.33 -4.19
CA ASN B 150 5.35 -30.37 -5.24
C ASN B 150 6.55 -30.58 -6.15
N MET B 151 7.71 -30.89 -5.56
CA MET B 151 8.91 -31.12 -6.34
C MET B 151 8.78 -32.38 -7.18
N ILE B 152 8.11 -33.40 -6.64
CA ILE B 152 7.93 -34.63 -7.37
C ILE B 152 7.08 -34.38 -8.58
N THR B 153 6.01 -33.62 -8.44
CA THR B 153 5.16 -33.34 -9.57
C THR B 153 5.97 -32.66 -10.67
N GLU B 154 6.79 -31.68 -10.30
CA GLU B 154 7.56 -30.98 -11.30
C GLU B 154 8.56 -31.89 -12.00
N LEU B 155 9.18 -32.82 -11.27
CA LEU B 155 10.12 -33.75 -11.88
C LEU B 155 9.42 -34.70 -12.83
N LEU B 156 8.22 -35.12 -12.48
CA LEU B 156 7.49 -36.03 -13.33
C LEU B 156 6.96 -35.38 -14.60
N GLN B 157 6.48 -34.14 -14.51
CA GLN B 157 5.91 -33.48 -15.69
C GLN B 157 6.99 -32.78 -16.50
N LYS B 158 7.89 -33.59 -17.04
CA LYS B 158 9.03 -33.13 -17.80
C LYS B 158 8.81 -33.25 -19.29
N GLU B 159 8.93 -32.12 -20.01
CA GLU B 159 8.75 -31.99 -21.46
C GLU B 159 7.29 -32.11 -21.93
N TYR B 160 6.65 -33.20 -21.58
CA TYR B 160 5.28 -33.48 -21.94
C TYR B 160 4.63 -34.38 -20.89
N ILE B 161 3.28 -34.44 -20.90
CA ILE B 161 2.46 -35.24 -20.00
C ILE B 161 1.69 -36.26 -20.86
N THR C 60 -29.67 -25.74 -13.37
CA THR C 60 -28.24 -25.98 -13.32
C THR C 60 -27.57 -25.37 -14.58
N TYR C 61 -26.24 -25.18 -14.47
CA TYR C 61 -25.34 -24.69 -15.49
C TYR C 61 -24.54 -25.85 -16.05
N LYS C 62 -24.47 -25.94 -17.36
CA LYS C 62 -23.72 -27.01 -18.01
C LYS C 62 -24.15 -28.38 -17.50
N GLY C 63 -25.44 -28.58 -17.30
CA GLY C 63 -25.98 -29.87 -16.91
C GLY C 63 -25.85 -30.22 -15.43
N VAL C 64 -24.63 -30.24 -14.93
CA VAL C 64 -24.34 -30.67 -13.58
C VAL C 64 -23.93 -29.64 -12.55
N TYR C 65 -23.92 -28.35 -12.84
CA TYR C 65 -23.57 -27.45 -11.76
C TYR C 65 -24.73 -26.67 -11.20
N GLU C 66 -25.00 -26.85 -9.92
CA GLU C 66 -26.08 -26.16 -9.28
C GLU C 66 -25.54 -24.86 -8.74
N LEU C 67 -26.26 -23.78 -8.94
CA LEU C 67 -25.77 -22.53 -8.40
C LEU C 67 -26.23 -22.44 -6.97
N GLN C 68 -25.29 -22.22 -6.07
CA GLN C 68 -25.62 -22.13 -4.66
C GLN C 68 -25.17 -20.83 -4.03
N THR C 69 -25.89 -20.45 -2.98
CA THR C 69 -25.63 -19.20 -2.29
C THR C 69 -25.07 -19.38 -0.89
N LEU C 70 -24.06 -18.60 -0.60
CA LEU C 70 -23.43 -18.52 0.69
C LEU C 70 -23.59 -17.12 1.20
N GLU C 71 -23.95 -16.95 2.46
CA GLU C 71 -24.03 -15.58 2.94
C GLU C 71 -23.37 -15.54 4.31
N LEU C 72 -22.51 -14.56 4.51
CA LEU C 72 -21.78 -14.52 5.77
C LEU C 72 -22.43 -13.70 6.87
N ASN C 73 -22.31 -14.23 8.08
CA ASN C 73 -22.80 -13.60 9.28
C ASN C 73 -21.67 -12.83 9.92
N MET C 74 -21.59 -11.56 9.65
CA MET C 74 -20.44 -10.80 10.07
C MET C 74 -20.56 -10.31 11.49
N ALA C 75 -21.65 -10.64 12.15
CA ALA C 75 -21.83 -10.25 13.52
C ALA C 75 -20.86 -11.03 14.39
N SER C 76 -20.35 -12.15 13.88
CA SER C 76 -19.45 -12.99 14.64
C SER C 76 -18.06 -12.40 14.73
N LEU C 77 -17.83 -11.34 13.98
CA LEU C 77 -16.58 -10.61 13.98
C LEU C 77 -16.53 -9.43 14.98
N ASN C 78 -17.63 -9.19 15.77
CA ASN C 78 -17.82 -8.04 16.69
C ASN C 78 -16.77 -7.91 17.80
N MET C 79 -16.07 -9.00 18.19
CA MET C 79 -15.04 -8.98 19.24
C MET C 79 -13.68 -8.53 18.72
N THR C 80 -13.55 -8.39 17.42
CA THR C 80 -12.28 -7.96 16.87
C THR C 80 -12.38 -6.67 16.07
N MET C 81 -13.44 -6.53 15.28
CA MET C 81 -13.63 -5.39 14.41
C MET C 81 -14.91 -4.65 14.68
N PRO C 82 -14.95 -3.32 14.56
CA PRO C 82 -16.14 -2.55 14.68
C PRO C 82 -17.00 -2.89 13.48
N LEU C 83 -18.30 -2.90 13.65
CA LEU C 83 -19.18 -3.22 12.52
C LEU C 83 -20.16 -2.12 12.19
N SER C 84 -20.16 -1.69 10.94
CA SER C 84 -21.09 -0.65 10.53
C SER C 84 -22.47 -1.27 10.29
N CYS C 85 -23.55 -0.49 10.48
CA CYS C 85 -24.95 -0.83 10.27
C CYS C 85 -25.74 0.41 9.87
N THR C 86 -26.95 0.17 9.41
CA THR C 86 -27.90 1.21 9.06
C THR C 86 -29.26 0.89 9.59
N LYS C 87 -29.94 1.89 10.08
CA LYS C 87 -31.30 1.68 10.49
C LYS C 87 -32.28 2.29 9.48
N ASN C 88 -32.04 3.56 9.06
CA ASN C 88 -32.90 4.27 8.11
C ASN C 88 -32.12 5.41 7.44
N ASN C 89 -32.82 6.39 6.83
CA ASN C 89 -32.26 7.52 6.08
C ASN C 89 -31.40 8.42 6.93
N SER C 90 -31.59 8.36 8.22
CA SER C 90 -30.81 9.15 9.13
C SER C 90 -29.96 8.32 10.02
N HIS C 91 -30.55 7.40 10.78
CA HIS C 91 -29.70 6.69 11.72
C HIS C 91 -28.87 5.59 11.13
N HIS C 92 -27.60 5.64 11.50
CA HIS C 92 -26.56 4.70 11.13
C HIS C 92 -25.81 4.32 12.41
N TYR C 93 -25.24 3.12 12.44
CA TYR C 93 -24.56 2.65 13.65
C TYR C 93 -23.22 1.98 13.47
N ILE C 94 -22.40 2.03 14.54
CA ILE C 94 -21.18 1.24 14.58
C ILE C 94 -21.13 0.40 15.86
N MET C 95 -21.04 -0.91 15.75
CA MET C 95 -20.93 -1.72 16.96
C MET C 95 -19.48 -1.62 17.33
N VAL C 96 -19.14 -1.31 18.56
CA VAL C 96 -17.73 -1.17 18.91
C VAL C 96 -17.27 -2.26 19.83
N GLY C 97 -18.08 -2.59 20.82
CA GLY C 97 -17.75 -3.64 21.76
C GLY C 97 -18.81 -4.71 21.67
N ASN C 98 -18.91 -5.59 22.70
CA ASN C 98 -19.90 -6.67 22.78
C ASN C 98 -21.30 -6.12 23.11
N GLU C 99 -21.36 -5.05 23.96
CA GLU C 99 -22.55 -4.37 24.47
C GLU C 99 -22.75 -2.93 23.99
N THR C 100 -21.67 -2.26 23.57
CA THR C 100 -21.70 -0.82 23.26
C THR C 100 -21.30 -0.45 21.83
N GLY C 101 -21.59 0.79 21.46
CA GLY C 101 -21.23 1.28 20.13
C GLY C 101 -21.54 2.75 19.95
N LEU C 102 -21.47 3.20 18.70
CA LEU C 102 -21.73 4.59 18.34
C LEU C 102 -22.97 4.73 17.50
N GLU C 103 -23.69 5.80 17.72
CA GLU C 103 -24.86 6.17 16.94
C GLU C 103 -24.52 7.38 16.12
N LEU C 104 -24.80 7.33 14.83
CA LEU C 104 -24.49 8.42 13.94
C LEU C 104 -25.77 8.90 13.30
N THR C 105 -26.11 10.16 13.47
CA THR C 105 -27.38 10.59 12.94
C THR C 105 -27.29 11.81 12.06
N LEU C 106 -28.26 11.96 11.18
CA LEU C 106 -28.36 13.14 10.37
C LEU C 106 -29.62 13.90 10.77
N THR C 107 -29.45 15.11 11.21
CA THR C 107 -30.61 15.84 11.68
C THR C 107 -30.70 17.30 11.23
N ASN C 108 -31.88 17.92 11.51
CA ASN C 108 -32.16 19.35 11.36
C ASN C 108 -31.94 20.12 12.69
N THR C 109 -31.81 19.39 13.84
CA THR C 109 -31.67 19.94 15.19
C THR C 109 -30.29 19.79 15.76
N SER C 110 -29.72 20.90 16.16
CA SER C 110 -28.43 20.96 16.80
C SER C 110 -28.61 20.51 18.23
N ILE C 111 -27.67 19.75 18.80
CA ILE C 111 -27.83 19.40 20.20
C ILE C 111 -26.71 20.06 20.97
N ILE C 112 -25.67 20.44 20.23
CA ILE C 112 -24.55 21.17 20.80
C ILE C 112 -24.62 22.59 20.31
N ASN C 113 -24.79 23.52 21.23
CA ASN C 113 -24.89 24.92 20.86
C ASN C 113 -23.58 25.63 21.08
N HIS C 114 -22.58 24.84 21.39
CA HIS C 114 -21.25 25.32 21.64
C HIS C 114 -20.57 25.54 20.31
N LYS C 115 -19.65 26.45 20.29
CA LYS C 115 -18.82 26.69 19.12
C LYS C 115 -17.43 26.20 19.47
N PHE C 116 -17.40 25.47 20.58
CA PHE C 116 -16.22 24.95 21.19
C PHE C 116 -16.26 23.44 21.20
N CYS C 117 -15.07 22.82 21.17
CA CYS C 117 -14.86 21.38 21.30
C CYS C 117 -13.89 21.13 22.46
N ASN C 118 -12.75 21.80 22.44
CA ASN C 118 -11.77 21.57 23.49
C ASN C 118 -11.44 20.06 23.60
N LEU C 119 -11.18 19.43 22.43
CA LEU C 119 -10.87 18.02 22.25
C LEU C 119 -9.58 17.65 22.96
N SER C 120 -8.58 18.54 22.95
CA SER C 120 -7.32 18.27 23.60
C SER C 120 -7.43 18.24 25.12
N ASP C 121 -8.43 18.95 25.66
CA ASP C 121 -8.61 18.95 27.09
C ASP C 121 -9.39 17.72 27.44
N ALA C 122 -10.31 17.33 26.54
CA ALA C 122 -11.07 16.12 26.74
C ALA C 122 -10.14 14.94 26.77
N HIS C 123 -9.12 14.98 25.92
CA HIS C 123 -8.20 13.88 25.83
C HIS C 123 -7.40 13.67 27.08
N LYS C 124 -6.95 14.78 27.68
CA LYS C 124 -6.20 14.78 28.93
C LYS C 124 -7.09 14.35 30.10
N ARG C 125 -8.35 14.77 30.07
CA ARG C 125 -9.32 14.44 31.10
C ARG C 125 -9.39 12.92 31.19
N ASN C 126 -9.38 12.28 30.02
CA ASN C 126 -9.28 10.83 29.88
C ASN C 126 -10.32 9.98 30.62
N LEU C 127 -11.59 10.38 30.52
CA LEU C 127 -12.71 9.63 31.13
C LEU C 127 -13.53 8.83 30.13
N TYR C 128 -13.04 8.74 28.90
CA TYR C 128 -13.71 8.09 27.80
C TYR C 128 -13.13 6.74 27.46
N ASP C 129 -13.94 5.91 26.83
CA ASP C 129 -13.48 4.65 26.30
C ASP C 129 -12.59 4.92 25.12
N HIS C 130 -11.37 4.42 25.19
CA HIS C 130 -10.42 4.67 24.15
C HIS C 130 -10.91 4.08 22.85
N ALA C 131 -11.60 2.93 22.87
CA ALA C 131 -12.03 2.36 21.61
C ALA C 131 -13.06 3.26 20.92
N LEU C 132 -13.98 3.83 21.67
CA LEU C 132 -14.98 4.67 21.05
C LEU C 132 -14.32 5.92 20.52
N MET C 133 -13.38 6.46 21.29
CA MET C 133 -12.71 7.66 20.88
C MET C 133 -11.86 7.43 19.66
N SER C 134 -11.24 6.26 19.58
CA SER C 134 -10.36 5.93 18.48
C SER C 134 -11.17 5.91 17.20
N ILE C 135 -12.36 5.32 17.23
CA ILE C 135 -13.18 5.28 16.04
C ILE C 135 -13.61 6.68 15.62
N ILE C 136 -13.98 7.53 16.58
CA ILE C 136 -14.39 8.87 16.24
C ILE C 136 -13.25 9.66 15.65
N SER C 137 -12.06 9.57 16.22
CA SER C 137 -10.95 10.30 15.67
C SER C 137 -10.54 9.72 14.32
N THR C 138 -10.83 8.43 14.07
CA THR C 138 -10.54 7.83 12.76
C THR C 138 -11.40 8.55 11.77
N PHE C 139 -12.69 8.71 12.11
CA PHE C 139 -13.61 9.37 11.23
C PHE C 139 -13.14 10.78 10.95
N HIS C 140 -12.84 11.52 12.00
CA HIS C 140 -12.50 12.92 11.85
C HIS C 140 -11.27 13.14 10.98
N LEU C 141 -10.25 12.35 11.17
CA LEU C 141 -9.02 12.54 10.44
C LEU C 141 -9.03 11.92 9.06
N SER C 142 -10.14 11.29 8.69
CA SER C 142 -10.26 10.68 7.39
C SER C 142 -11.02 11.60 6.46
N ILE C 143 -11.44 12.76 6.98
CA ILE C 143 -12.20 13.71 6.19
C ILE C 143 -11.38 14.36 5.08
N PRO C 144 -11.82 14.27 3.81
CA PRO C 144 -11.18 14.85 2.66
C PRO C 144 -11.06 16.31 2.90
N ASN C 145 -9.97 16.87 2.43
CA ASN C 145 -9.73 18.28 2.62
C ASN C 145 -9.75 18.57 4.10
N PHE C 146 -9.12 17.71 4.87
CA PHE C 146 -9.14 17.89 6.29
C PHE C 146 -8.54 19.18 6.76
N ASN C 147 -9.29 19.83 7.64
CA ASN C 147 -8.92 21.01 8.36
C ASN C 147 -9.96 21.11 9.43
N GLN C 148 -9.88 22.10 10.28
CA GLN C 148 -10.95 22.22 11.24
C GLN C 148 -12.08 23.04 10.66
N TYR C 149 -11.78 24.20 10.06
CA TYR C 149 -12.85 25.08 9.53
C TYR C 149 -13.91 25.32 10.60
N GLU C 150 -13.50 25.46 11.87
CA GLU C 150 -14.48 25.48 12.95
C GLU C 150 -15.10 24.08 12.85
N ALA C 151 -16.24 23.98 12.15
CA ALA C 151 -16.96 22.75 11.79
C ALA C 151 -17.45 21.88 12.93
N MET C 152 -16.54 21.41 13.76
CA MET C 152 -16.87 20.50 14.83
C MET C 152 -16.89 21.12 16.19
N SER C 153 -17.98 20.87 16.87
CA SER C 153 -18.15 21.27 18.25
C SER C 153 -18.29 19.94 18.95
N CYS C 154 -18.00 19.86 20.27
CA CYS C 154 -18.13 18.59 20.99
C CYS C 154 -18.39 18.80 22.48
N ASP C 155 -18.75 17.70 23.11
CA ASP C 155 -18.98 17.64 24.53
C ASP C 155 -18.51 16.31 25.11
N PHE C 156 -17.42 16.38 25.88
CA PHE C 156 -16.84 15.21 26.51
C PHE C 156 -16.82 15.38 28.02
N ASN C 157 -17.83 16.04 28.55
CA ASN C 157 -17.91 16.19 29.99
C ASN C 157 -18.20 14.82 30.60
N GLY C 158 -17.53 14.50 31.69
CA GLY C 158 -17.74 13.19 32.26
C GLY C 158 -17.18 12.20 31.26
N GLY C 159 -17.76 11.02 31.17
CA GLY C 159 -17.28 10.00 30.25
C GLY C 159 -18.13 9.89 28.98
N LYS C 160 -19.00 10.88 28.71
CA LYS C 160 -19.91 10.74 27.56
C LYS C 160 -19.27 11.27 26.30
N ILE C 161 -19.81 10.85 25.17
CA ILE C 161 -19.38 11.37 23.89
C ILE C 161 -20.48 11.98 23.08
N SER C 162 -20.32 13.24 22.70
CA SER C 162 -21.24 13.88 21.77
C SER C 162 -20.45 14.80 20.84
N VAL C 163 -20.46 14.47 19.56
CA VAL C 163 -19.72 15.23 18.55
C VAL C 163 -20.63 15.71 17.44
N GLN C 164 -20.58 17.00 17.11
CA GLN C 164 -21.46 17.53 16.09
C GLN C 164 -20.77 18.29 14.97
N TYR C 165 -21.05 17.92 13.73
CA TYR C 165 -20.49 18.61 12.58
C TYR C 165 -21.50 19.57 11.94
N ASN C 166 -21.05 20.81 11.66
CA ASN C 166 -21.84 21.90 11.08
C ASN C 166 -21.93 21.80 9.55
N LEU C 167 -22.71 20.78 9.06
CA LEU C 167 -22.99 20.53 7.62
C LEU C 167 -23.83 21.70 7.11
N SER C 168 -24.59 22.26 8.07
CA SER C 168 -25.51 23.39 8.01
C SER C 168 -24.80 24.65 7.62
N HIS C 169 -23.48 24.61 7.63
CA HIS C 169 -22.68 25.69 7.16
C HIS C 169 -23.17 26.13 5.80
N THR C 170 -23.52 25.16 4.95
CA THR C 170 -23.89 25.44 3.57
C THR C 170 -25.00 26.48 3.43
N TYR C 171 -24.71 27.45 2.59
CA TYR C 171 -25.55 28.60 2.21
C TYR C 171 -25.33 28.76 0.73
N ALA C 172 -26.00 29.71 0.07
CA ALA C 172 -25.94 29.76 -1.40
C ALA C 172 -24.56 29.87 -2.06
N VAL C 173 -23.60 30.61 -1.51
CA VAL C 173 -22.33 30.71 -2.24
C VAL C 173 -21.57 29.41 -2.18
N ASP C 174 -21.47 28.85 -0.99
CA ASP C 174 -20.75 27.61 -0.83
C ASP C 174 -21.55 26.46 -1.44
N ALA C 175 -22.88 26.56 -1.46
CA ALA C 175 -23.70 25.54 -2.07
C ALA C 175 -23.39 25.45 -3.55
N ALA C 176 -23.18 26.62 -4.17
CA ALA C 176 -22.83 26.72 -5.57
C ALA C 176 -21.49 26.07 -5.89
N LYS C 177 -20.55 26.15 -4.95
CA LYS C 177 -19.24 25.56 -5.15
C LYS C 177 -19.34 24.04 -5.09
N HIS C 178 -20.20 23.54 -4.20
CA HIS C 178 -20.49 22.11 -4.00
C HIS C 178 -19.35 21.21 -3.46
N CYS C 179 -18.21 21.16 -4.17
CA CYS C 179 -17.08 20.25 -3.91
C CYS C 179 -16.14 20.79 -2.82
N GLY C 180 -16.68 20.96 -1.64
CA GLY C 180 -15.90 21.46 -0.52
C GLY C 180 -16.76 22.01 0.59
N THR C 181 -16.25 23.08 1.19
CA THR C 181 -16.88 23.82 2.28
C THR C 181 -17.53 22.96 3.33
N ILE C 182 -16.69 22.15 4.00
CA ILE C 182 -17.02 21.26 5.12
C ILE C 182 -17.88 20.07 4.78
N ALA C 183 -19.07 20.33 4.26
CA ALA C 183 -20.00 19.24 3.98
C ALA C 183 -19.44 18.25 2.99
N ASN C 184 -18.69 18.65 1.96
CA ASN C 184 -18.23 17.62 1.04
C ASN C 184 -17.38 16.60 1.78
N GLY C 185 -16.42 17.08 2.55
CA GLY C 185 -15.54 16.17 3.24
C GLY C 185 -16.27 15.36 4.31
N VAL C 186 -17.18 15.97 5.05
CA VAL C 186 -17.82 15.18 6.09
C VAL C 186 -18.72 14.12 5.48
N LEU C 187 -19.51 14.49 4.49
CA LEU C 187 -20.44 13.56 3.88
C LEU C 187 -19.75 12.41 3.19
N GLN C 188 -18.60 12.64 2.57
CA GLN C 188 -17.90 11.57 1.91
C GLN C 188 -17.23 10.62 2.89
N THR C 189 -17.13 10.99 4.14
CA THR C 189 -16.49 10.13 5.08
C THR C 189 -17.60 9.29 5.64
N PHE C 190 -18.73 9.93 5.88
CA PHE C 190 -19.93 9.29 6.38
C PHE C 190 -20.33 8.16 5.47
N MET C 191 -20.32 8.41 4.16
CA MET C 191 -20.68 7.41 3.16
C MET C 191 -19.70 6.24 3.10
N ARG C 192 -18.47 6.43 3.57
CA ARG C 192 -17.51 5.34 3.54
C ARG C 192 -17.67 4.53 4.80
N MET C 193 -18.02 5.19 5.89
CA MET C 193 -18.27 4.43 7.09
C MET C 193 -19.51 3.57 6.84
N ALA C 194 -20.50 4.17 6.20
CA ALA C 194 -21.77 3.54 5.92
C ALA C 194 -21.86 2.76 4.61
N TRP C 195 -21.06 1.71 4.45
CA TRP C 195 -21.30 0.94 3.23
C TRP C 195 -22.59 0.22 3.36
N GLY C 196 -23.39 0.25 2.31
CA GLY C 196 -24.64 -0.45 2.34
C GLY C 196 -25.67 0.35 3.12
N GLY C 197 -25.35 1.58 3.48
CA GLY C 197 -26.25 2.39 4.26
C GLY C 197 -27.21 3.15 3.40
N SER C 198 -27.83 4.18 3.93
CA SER C 198 -28.81 4.83 3.08
C SER C 198 -28.07 5.85 2.28
N TYR C 199 -28.23 5.81 0.99
CA TYR C 199 -27.48 6.69 0.17
C TYR C 199 -28.07 8.06 0.06
N ILE C 200 -27.82 8.82 1.10
CA ILE C 200 -28.35 10.15 1.16
C ILE C 200 -27.43 11.03 0.39
N ALA C 201 -27.60 10.93 -0.91
CA ALA C 201 -26.98 11.68 -1.94
C ALA C 201 -28.18 12.12 -2.74
N LEU C 202 -29.32 11.50 -2.36
CA LEU C 202 -30.62 11.80 -2.90
C LEU C 202 -30.67 11.55 -4.41
N ASP C 203 -30.75 12.62 -5.20
CA ASP C 203 -30.82 12.51 -6.66
C ASP C 203 -29.54 11.92 -7.24
N SER C 204 -28.49 11.95 -6.44
CA SER C 204 -27.18 11.43 -6.76
C SER C 204 -26.95 10.14 -5.97
N GLY C 205 -28.04 9.50 -5.55
CA GLY C 205 -28.06 8.28 -4.72
C GLY C 205 -27.21 7.09 -5.21
N CYS C 206 -27.07 6.87 -6.55
CA CYS C 206 -26.26 5.76 -7.08
C CYS C 206 -24.80 6.23 -7.27
N GLY C 207 -24.52 7.49 -6.93
CA GLY C 207 -23.17 8.03 -7.01
C GLY C 207 -22.66 8.44 -8.37
N SER C 208 -23.55 8.70 -9.34
CA SER C 208 -22.96 9.16 -10.61
C SER C 208 -21.84 10.14 -10.27
N TRP C 209 -22.14 11.23 -9.57
CA TRP C 209 -21.21 12.32 -9.29
C TRP C 209 -20.67 12.20 -7.87
N ASP C 210 -19.43 12.62 -7.68
CA ASP C 210 -18.76 12.54 -6.39
C ASP C 210 -18.83 13.72 -5.41
N CYS C 211 -19.62 14.77 -5.72
CA CYS C 211 -19.85 15.93 -4.86
C CYS C 211 -21.32 15.85 -4.55
N ILE C 212 -21.65 15.73 -3.28
CA ILE C 212 -23.03 15.56 -2.87
C ILE C 212 -23.44 16.57 -1.83
N MET C 213 -24.73 16.72 -1.69
CA MET C 213 -25.31 17.60 -0.71
C MET C 213 -26.50 16.90 -0.16
N THR C 214 -26.81 17.12 1.11
CA THR C 214 -27.96 16.50 1.70
C THR C 214 -28.83 17.58 2.29
N SER C 215 -30.02 17.21 2.69
CA SER C 215 -30.96 18.15 3.26
C SER C 215 -30.65 18.45 4.73
N TYR C 216 -29.86 17.58 5.31
CA TYR C 216 -29.55 17.63 6.72
C TYR C 216 -28.60 18.75 7.08
N GLN C 217 -28.73 19.18 8.32
CA GLN C 217 -27.93 20.26 8.87
C GLN C 217 -26.79 19.80 9.76
N TYR C 218 -26.98 18.69 10.47
CA TYR C 218 -25.93 18.28 11.38
C TYR C 218 -25.64 16.80 11.33
N LEU C 219 -24.36 16.46 11.46
CA LEU C 219 -23.97 15.06 11.67
C LEU C 219 -23.58 14.88 13.11
N ILE C 220 -24.33 14.07 13.82
CA ILE C 220 -24.07 13.88 15.24
C ILE C 220 -23.66 12.48 15.60
N ILE C 221 -22.54 12.38 16.29
CA ILE C 221 -22.03 11.09 16.71
C ILE C 221 -22.11 10.98 18.23
N GLN C 222 -22.75 9.93 18.74
CA GLN C 222 -22.88 9.76 20.18
C GLN C 222 -22.55 8.34 20.67
N ASN C 223 -22.08 8.21 21.94
CA ASN C 223 -21.93 6.89 22.59
C ASN C 223 -23.32 6.33 22.91
N THR C 224 -23.60 5.08 22.47
CA THR C 224 -24.87 4.40 22.67
C THR C 224 -24.73 2.96 23.12
N THR C 225 -25.88 2.34 23.33
CA THR C 225 -26.01 0.96 23.74
C THR C 225 -26.29 0.14 22.51
N TRP C 226 -25.65 -1.01 22.39
CA TRP C 226 -25.96 -1.80 21.25
C TRP C 226 -27.26 -2.55 21.50
N GLU C 227 -28.17 -2.39 20.58
CA GLU C 227 -29.50 -2.98 20.60
C GLU C 227 -29.70 -3.41 19.18
N ASP C 228 -30.59 -4.32 18.89
CA ASP C 228 -30.73 -4.53 17.47
C ASP C 228 -31.11 -3.23 16.78
N HIS C 229 -30.37 -2.90 15.73
CA HIS C 229 -30.76 -1.80 14.80
C HIS C 229 -30.62 -2.50 13.45
N CYS C 230 -29.64 -2.11 12.63
CA CYS C 230 -29.30 -2.93 11.43
C CYS C 230 -30.58 -3.37 10.66
N GLN C 231 -31.44 -2.41 10.37
CA GLN C 231 -32.71 -2.69 9.70
C GLN C 231 -32.60 -2.58 8.20
N PHE C 232 -31.61 -1.83 7.75
CA PHE C 232 -31.43 -1.61 6.34
C PHE C 232 -30.13 -2.23 5.81
N SER C 233 -29.33 -2.84 6.67
CA SER C 233 -28.05 -3.36 6.20
C SER C 233 -27.50 -4.47 7.07
N ARG C 234 -26.50 -5.17 6.56
CA ARG C 234 -25.88 -6.25 7.31
C ARG C 234 -24.73 -5.65 8.08
N PRO C 235 -24.48 -6.04 9.33
CA PRO C 235 -23.34 -5.56 10.06
C PRO C 235 -22.15 -5.87 9.21
N SER C 236 -21.22 -4.95 9.10
CA SER C 236 -20.04 -5.21 8.29
C SER C 236 -18.83 -4.38 8.68
N PRO C 237 -17.63 -4.97 8.76
CA PRO C 237 -16.42 -4.30 9.12
C PRO C 237 -15.86 -3.47 7.98
N ILE C 238 -16.43 -3.59 6.79
CA ILE C 238 -15.86 -2.95 5.62
C ILE C 238 -15.82 -1.44 5.74
N GLY C 239 -16.86 -0.83 6.28
CA GLY C 239 -16.84 0.62 6.33
C GLY C 239 -15.61 1.15 7.07
N TYR C 240 -15.42 0.67 8.30
CA TYR C 240 -14.29 1.08 9.09
C TYR C 240 -12.98 0.74 8.40
N LEU C 241 -12.88 -0.47 7.86
CA LEU C 241 -11.66 -0.92 7.22
C LEU C 241 -11.34 -0.05 6.02
N GLY C 242 -12.36 0.39 5.31
CA GLY C 242 -12.17 1.24 4.15
C GLY C 242 -11.51 2.54 4.56
N LEU C 243 -12.05 3.18 5.60
CA LEU C 243 -11.52 4.45 6.07
C LEU C 243 -10.13 4.30 6.62
N LEU C 244 -9.89 3.19 7.28
CA LEU C 244 -8.63 2.90 7.91
C LEU C 244 -7.51 2.67 6.92
N SER C 245 -7.78 1.93 5.85
CA SER C 245 -6.78 1.64 4.84
C SER C 245 -6.57 2.80 3.86
N GLN C 246 -7.58 3.63 3.64
CA GLN C 246 -7.46 4.74 2.69
C GLN C 246 -6.76 5.94 3.29
N ARG C 247 -5.45 5.81 3.36
CA ARG C 247 -4.59 6.80 3.97
C ARG C 247 -3.44 7.20 3.07
N THR C 248 -3.74 7.98 2.04
CA THR C 248 -2.72 8.39 1.08
C THR C 248 -2.72 9.91 1.03
N ARG C 249 -3.50 10.44 0.11
CA ARG C 249 -3.65 11.87 -0.05
C ARG C 249 -5.04 12.18 -0.54
N ASP C 250 -5.76 13.04 0.18
CA ASP C 250 -7.07 13.47 -0.26
C ASP C 250 -7.42 14.85 0.31
N ILE C 251 -6.78 15.88 -0.22
CA ILE C 251 -6.97 17.26 0.21
C ILE C 251 -7.12 18.20 -0.97
N TYR C 252 -7.57 19.41 -0.69
CA TYR C 252 -7.53 20.49 -1.66
C TYR C 252 -6.65 21.59 -1.07
N ILE C 253 -6.99 22.00 0.15
CA ILE C 253 -6.25 23.09 0.78
C ILE C 253 -4.98 22.68 1.59
N SER C 254 -4.98 21.46 2.20
CA SER C 254 -3.94 20.81 3.07
C SER C 254 -4.62 20.38 4.37
N GLY D 1 -2.59 -28.22 -0.14
CA GLY D 1 -2.58 -28.88 1.15
C GLY D 1 -2.84 -27.89 2.28
N THR D 2 -1.76 -27.21 2.74
CA THR D 2 -1.77 -26.20 3.79
C THR D 2 -2.11 -24.85 3.19
N PHE D 3 -2.42 -23.88 4.05
CA PHE D 3 -2.74 -22.56 3.58
C PHE D 3 -1.70 -21.55 3.99
N THR D 4 -1.58 -20.50 3.19
CA THR D 4 -0.66 -19.38 3.41
C THR D 4 -1.40 -18.17 3.94
N TRP D 5 -2.73 -18.18 3.86
CA TRP D 5 -3.49 -17.03 4.29
C TRP D 5 -3.85 -17.04 5.77
N THR D 6 -3.61 -18.15 6.45
CA THR D 6 -3.95 -18.22 7.85
C THR D 6 -2.81 -17.63 8.63
N LEU D 7 -3.05 -17.25 9.87
CA LEU D 7 -1.91 -16.81 10.64
C LEU D 7 -1.34 -18.00 11.35
N SER D 8 -2.21 -18.88 11.79
CA SER D 8 -1.78 -20.03 12.53
C SER D 8 -1.09 -21.02 11.62
N ASP D 9 -0.03 -21.63 12.16
CA ASP D 9 0.79 -22.64 11.51
C ASP D 9 0.23 -24.03 11.69
N SER D 10 -0.24 -24.62 10.60
CA SER D 10 -0.85 -25.96 10.56
C SER D 10 -2.23 -26.03 11.20
N GLU D 11 -2.36 -25.59 12.44
CA GLU D 11 -3.64 -25.60 13.15
C GLU D 11 -4.68 -24.79 12.39
N GLY D 12 -4.24 -23.74 11.70
CA GLY D 12 -5.14 -22.88 10.94
C GLY D 12 -5.89 -23.65 9.84
N ASN D 13 -5.25 -24.67 9.27
CA ASN D 13 -5.85 -25.48 8.23
C ASN D 13 -5.22 -26.84 8.08
N GLU D 14 -6.00 -27.90 8.23
CA GLU D 14 -5.45 -29.22 8.04
C GLU D 14 -5.75 -29.65 6.62
N THR D 15 -4.89 -30.48 6.07
CA THR D 15 -5.14 -31.01 4.76
C THR D 15 -6.37 -31.97 4.61
N PRO D 16 -6.46 -33.10 5.36
CA PRO D 16 -7.47 -34.13 5.12
C PRO D 16 -8.92 -33.78 5.37
N GLY D 17 -9.21 -32.78 6.19
CA GLY D 17 -10.59 -32.45 6.45
C GLY D 17 -11.14 -31.41 5.49
N GLY D 18 -10.31 -30.90 4.60
CA GLY D 18 -10.78 -29.85 3.73
C GLY D 18 -10.93 -28.60 4.59
N TYR D 19 -11.64 -27.59 4.10
CA TYR D 19 -11.82 -26.38 4.89
C TYR D 19 -13.31 -26.12 5.05
N CYS D 20 -13.79 -25.98 6.31
CA CYS D 20 -15.22 -25.80 6.60
C CYS D 20 -15.53 -24.47 7.24
N LEU D 21 -16.72 -24.01 6.90
CA LEU D 21 -17.33 -22.82 7.41
C LEU D 21 -18.40 -23.23 8.40
N THR D 22 -18.26 -22.77 9.62
CA THR D 22 -19.18 -23.18 10.66
C THR D 22 -20.44 -22.32 10.74
N ARG D 23 -21.30 -22.64 11.69
CA ARG D 23 -22.62 -22.02 11.84
C ARG D 23 -22.54 -20.58 12.28
N TRP D 24 -21.37 -20.17 12.74
CA TRP D 24 -21.17 -18.81 13.14
C TRP D 24 -20.53 -18.01 12.03
N MET D 25 -20.24 -18.65 10.90
CA MET D 25 -19.69 -17.92 9.79
C MET D 25 -20.79 -17.67 8.80
N LEU D 26 -21.68 -18.64 8.70
CA LEU D 26 -22.79 -18.66 7.76
C LEU D 26 -24.06 -18.17 8.42
N ILE D 27 -24.97 -17.62 7.63
CA ILE D 27 -26.24 -17.22 8.24
C ILE D 27 -27.32 -18.29 8.28
N GLU D 28 -27.58 -18.97 7.18
CA GLU D 28 -28.69 -19.92 7.18
C GLU D 28 -28.29 -21.38 7.29
N ALA D 29 -27.20 -21.78 6.67
CA ALA D 29 -26.78 -23.17 6.69
C ALA D 29 -25.98 -23.41 7.95
N GLU D 30 -26.12 -24.58 8.53
CA GLU D 30 -25.30 -24.88 9.70
C GLU D 30 -23.87 -25.18 9.29
N LEU D 31 -23.70 -25.79 8.13
CA LEU D 31 -22.38 -26.16 7.68
C LEU D 31 -22.18 -26.18 6.18
N LYS D 32 -21.10 -25.56 5.73
CA LYS D 32 -20.70 -25.66 4.33
C LYS D 32 -19.21 -25.95 4.31
N CYS D 33 -18.78 -26.95 3.51
CA CYS D 33 -17.37 -27.34 3.39
C CYS D 33 -16.94 -27.28 1.96
N PHE D 34 -15.75 -26.78 1.77
CA PHE D 34 -15.13 -26.64 0.49
C PHE D 34 -13.86 -27.47 0.44
N GLY D 35 -13.55 -27.99 -0.74
CA GLY D 35 -12.31 -28.74 -0.82
C GLY D 35 -11.14 -27.79 -0.70
N ASN D 36 -10.02 -28.28 -0.19
CA ASN D 36 -8.85 -27.42 -0.07
C ASN D 36 -8.36 -27.00 -1.42
N THR D 37 -8.62 -27.78 -2.45
CA THR D 37 -8.18 -27.39 -3.77
C THR D 37 -8.72 -26.02 -4.14
N ALA D 38 -10.00 -25.75 -3.82
CA ALA D 38 -10.57 -24.45 -4.16
C ALA D 38 -10.21 -23.40 -3.13
N VAL D 39 -10.22 -23.77 -1.86
CA VAL D 39 -9.98 -22.77 -0.84
C VAL D 39 -8.58 -22.25 -0.93
N ALA D 40 -7.66 -23.15 -1.24
CA ALA D 40 -6.24 -22.88 -1.37
C ALA D 40 -5.99 -21.84 -2.43
N LYS D 41 -6.92 -21.58 -3.30
CA LYS D 41 -6.66 -20.54 -4.27
C LYS D 41 -6.38 -19.18 -3.57
N CYS D 42 -6.95 -18.94 -2.36
CA CYS D 42 -6.78 -17.73 -1.56
C CYS D 42 -5.35 -17.63 -1.05
N ASN D 43 -4.57 -18.70 -1.23
CA ASN D 43 -3.18 -18.68 -0.85
C ASN D 43 -2.40 -17.77 -1.75
N GLU D 44 -2.88 -17.67 -3.01
CA GLU D 44 -2.28 -16.92 -4.10
C GLU D 44 -3.05 -15.66 -4.51
N LYS D 45 -4.37 -15.70 -4.35
CA LYS D 45 -5.17 -14.61 -4.89
C LYS D 45 -4.98 -13.23 -4.26
N HIS D 46 -4.88 -12.28 -5.17
CA HIS D 46 -4.75 -10.84 -5.02
C HIS D 46 -6.11 -10.18 -5.27
N ASP D 47 -7.12 -11.01 -5.40
CA ASP D 47 -8.49 -10.67 -5.73
C ASP D 47 -9.39 -11.66 -5.00
N GLU D 48 -10.69 -11.52 -5.19
CA GLU D 48 -11.78 -12.31 -4.62
C GLU D 48 -12.12 -11.84 -3.23
N GLU D 49 -13.27 -11.20 -3.12
CA GLU D 49 -13.71 -10.64 -1.86
C GLU D 49 -13.85 -11.69 -0.81
N PHE D 50 -14.25 -12.87 -1.25
CA PHE D 50 -14.42 -13.98 -0.34
C PHE D 50 -13.16 -14.24 0.48
N CYS D 51 -11.94 -14.14 -0.13
CA CYS D 51 -10.66 -14.43 0.50
C CYS D 51 -10.35 -13.40 1.59
N ASP D 52 -10.92 -12.18 1.51
CA ASP D 52 -10.62 -11.24 2.58
C ASP D 52 -11.52 -11.56 3.71
N MET D 53 -12.73 -11.99 3.42
CA MET D 53 -13.59 -12.30 4.54
C MET D 53 -13.07 -13.51 5.24
N LEU D 54 -12.48 -14.41 4.48
CA LEU D 54 -11.94 -15.63 4.99
C LEU D 54 -10.77 -15.32 5.93
N ARG D 55 -9.89 -14.40 5.52
CA ARG D 55 -8.79 -13.96 6.37
C ARG D 55 -9.26 -13.24 7.62
N LEU D 56 -10.30 -12.41 7.50
CA LEU D 56 -10.79 -11.70 8.68
C LEU D 56 -11.36 -12.67 9.68
N PHE D 57 -12.05 -13.71 9.20
CA PHE D 57 -12.56 -14.69 10.13
C PHE D 57 -11.44 -15.47 10.81
N ASP D 58 -10.36 -15.81 10.09
CA ASP D 58 -9.25 -16.50 10.74
C ASP D 58 -8.63 -15.61 11.78
N PHE D 59 -8.50 -14.33 11.46
CA PHE D 59 -7.94 -13.42 12.40
C PHE D 59 -8.77 -13.34 13.64
N ASN D 60 -10.09 -13.20 13.48
CA ASN D 60 -10.97 -13.12 14.62
C ASN D 60 -10.83 -14.37 15.47
N LYS D 61 -10.77 -15.54 14.83
CA LYS D 61 -10.64 -16.76 15.62
C LYS D 61 -9.39 -16.75 16.48
N GLN D 62 -8.25 -16.38 15.88
CA GLN D 62 -7.03 -16.41 16.66
C GLN D 62 -6.99 -15.27 17.64
N ALA D 63 -7.50 -14.12 17.28
CA ALA D 63 -7.41 -13.00 18.17
C ALA D 63 -8.17 -13.29 19.43
N ILE D 64 -9.33 -13.92 19.30
CA ILE D 64 -10.10 -14.20 20.48
C ILE D 64 -9.42 -15.22 21.36
N ARG D 65 -8.98 -16.33 20.78
CA ARG D 65 -8.37 -17.34 21.60
C ARG D 65 -7.07 -16.93 22.25
N ARG D 66 -6.24 -16.18 21.50
CA ARG D 66 -4.93 -15.72 22.04
C ARG D 66 -5.17 -14.72 23.17
N LEU D 67 -5.89 -13.64 22.89
CA LEU D 67 -6.19 -12.63 23.94
C LEU D 67 -7.40 -13.10 24.76
N LYS D 68 -7.16 -13.95 25.76
CA LYS D 68 -8.28 -14.48 26.59
C LYS D 68 -9.16 -13.31 27.04
N ALA D 69 -10.47 -13.43 26.86
CA ALA D 69 -11.40 -12.33 27.20
C ALA D 69 -10.89 -11.03 26.58
N PRO D 70 -10.90 -10.89 25.23
CA PRO D 70 -10.41 -9.68 24.57
C PRO D 70 -11.12 -8.46 25.15
N ALA D 71 -12.13 -8.68 26.00
CA ALA D 71 -12.85 -7.59 26.61
C ALA D 71 -13.21 -6.61 25.50
N GLN D 72 -12.85 -5.35 25.69
CA GLN D 72 -13.10 -4.37 24.67
C GLN D 72 -11.94 -4.39 23.70
N MET D 73 -12.24 -4.61 22.42
CA MET D 73 -11.17 -4.64 21.44
C MET D 73 -10.39 -3.38 21.58
N SER D 74 -9.08 -3.52 21.50
CA SER D 74 -8.12 -2.44 21.63
C SER D 74 -8.03 -1.49 20.47
N ILE D 75 -8.59 -1.89 19.33
CA ILE D 75 -8.55 -1.17 18.07
C ILE D 75 -7.16 -1.18 17.45
N GLN D 76 -6.11 -0.84 18.19
CA GLN D 76 -4.78 -0.84 17.63
C GLN D 76 -4.33 -2.23 17.15
N LEU D 77 -4.84 -3.33 17.74
CA LEU D 77 -4.42 -4.65 17.27
C LEU D 77 -4.97 -4.88 15.89
N ILE D 78 -6.25 -4.55 15.73
CA ILE D 78 -6.87 -4.70 14.44
C ILE D 78 -6.30 -3.72 13.46
N ASN D 79 -5.99 -2.51 13.85
CA ASN D 79 -5.50 -1.64 12.80
C ASN D 79 -4.21 -2.18 12.16
N LYS D 80 -3.33 -2.75 12.99
CA LYS D 80 -2.13 -3.32 12.41
C LYS D 80 -2.49 -4.54 11.59
N ALA D 81 -3.44 -5.33 12.09
CA ALA D 81 -3.82 -6.50 11.37
C ALA D 81 -4.41 -6.19 10.04
N VAL D 82 -5.14 -5.11 9.92
CA VAL D 82 -5.75 -4.80 8.66
C VAL D 82 -4.72 -4.65 7.59
N ASN D 83 -3.64 -3.96 7.90
CA ASN D 83 -2.64 -3.81 6.87
C ASN D 83 -2.06 -5.19 6.49
N ALA D 84 -2.00 -6.12 7.44
CA ALA D 84 -1.51 -7.47 7.19
C ALA D 84 -2.53 -8.42 6.51
N LEU D 85 -3.81 -8.22 6.80
CA LEU D 85 -4.86 -9.13 6.40
C LEU D 85 -5.68 -8.86 5.17
N ILE D 86 -5.90 -7.62 4.79
CA ILE D 86 -6.83 -7.47 3.68
C ILE D 86 -6.32 -6.75 2.47
N ASN D 87 -7.02 -6.98 1.39
CA ASN D 87 -6.77 -6.36 0.13
C ASN D 87 -7.48 -5.02 0.08
N ASP D 88 -6.71 -3.97 0.30
CA ASP D 88 -7.22 -2.63 0.37
C ASP D 88 -7.59 -2.14 -1.00
N GLN D 89 -6.85 -2.60 -1.98
CA GLN D 89 -7.09 -2.23 -3.35
C GLN D 89 -8.45 -2.74 -3.77
N LEU D 90 -8.78 -3.94 -3.32
CA LEU D 90 -10.06 -4.54 -3.66
C LEU D 90 -11.21 -3.79 -3.03
N ILE D 91 -11.06 -3.35 -1.77
CA ILE D 91 -12.16 -2.60 -1.21
C ILE D 91 -12.34 -1.34 -2.04
N MET D 92 -11.23 -0.68 -2.39
CA MET D 92 -11.34 0.53 -3.17
C MET D 92 -11.95 0.28 -4.55
N LYS D 93 -11.71 -0.88 -5.17
CA LYS D 93 -12.35 -1.15 -6.46
C LYS D 93 -13.85 -1.24 -6.29
N ASN D 94 -14.29 -1.89 -5.22
CA ASN D 94 -15.73 -1.98 -5.02
C ASN D 94 -16.29 -0.63 -4.64
N HIS D 95 -15.49 0.20 -3.99
CA HIS D 95 -15.94 1.52 -3.67
C HIS D 95 -16.14 2.29 -4.96
N LEU D 96 -15.20 2.16 -5.92
CA LEU D 96 -15.33 2.85 -7.19
C LEU D 96 -16.52 2.40 -7.95
N ARG D 97 -16.83 1.12 -7.89
CA ARG D 97 -17.99 0.65 -8.60
C ARG D 97 -19.28 1.15 -7.94
N ASP D 98 -19.30 1.24 -6.61
CA ASP D 98 -20.48 1.73 -5.91
C ASP D 98 -20.76 3.13 -6.43
N ILE D 99 -19.73 3.97 -6.38
CA ILE D 99 -19.85 5.29 -6.94
C ILE D 99 -19.84 5.05 -8.44
N MET D 100 -20.28 5.99 -9.23
CA MET D 100 -20.40 5.80 -10.68
C MET D 100 -21.47 4.78 -11.13
N CYS D 101 -22.35 4.26 -10.22
CA CYS D 101 -23.54 3.43 -10.51
C CYS D 101 -23.19 2.09 -11.25
N ILE D 102 -22.09 1.45 -10.85
CA ILE D 102 -21.63 0.17 -11.42
C ILE D 102 -21.86 -0.96 -10.41
N PRO D 103 -22.42 -2.12 -10.77
CA PRO D 103 -22.64 -3.21 -9.85
C PRO D 103 -21.38 -3.50 -9.09
N TYR D 104 -21.50 -3.69 -7.78
CA TYR D 104 -20.32 -3.84 -6.94
C TYR D 104 -20.58 -4.82 -5.82
N CYS D 105 -19.51 -5.31 -5.15
CA CYS D 105 -19.65 -6.23 -4.03
C CYS D 105 -19.92 -5.49 -2.73
N ASN D 106 -21.00 -5.85 -2.06
CA ASN D 106 -21.26 -5.25 -0.77
C ASN D 106 -20.94 -6.21 0.40
N TYR D 107 -20.16 -7.31 0.13
CA TYR D 107 -19.62 -8.35 1.02
C TYR D 107 -20.64 -9.14 1.85
N SER D 108 -21.74 -9.51 1.23
CA SER D 108 -22.78 -10.27 1.91
C SER D 108 -22.91 -11.66 1.30
N LYS D 109 -23.62 -11.76 0.18
CA LYS D 109 -23.77 -13.02 -0.52
C LYS D 109 -22.63 -13.25 -1.45
N TYR D 110 -22.31 -14.50 -1.59
CA TYR D 110 -21.33 -15.03 -2.48
C TYR D 110 -21.98 -16.19 -3.20
N TRP D 111 -21.52 -16.52 -4.38
CA TRP D 111 -22.09 -17.65 -5.05
C TRP D 111 -21.02 -18.56 -5.53
N TYR D 112 -21.38 -19.80 -5.68
CA TYR D 112 -20.47 -20.81 -6.13
C TYR D 112 -21.21 -21.89 -6.84
N LEU D 113 -20.49 -22.66 -7.62
CA LEU D 113 -21.12 -23.79 -8.24
C LEU D 113 -20.78 -25.04 -7.47
N ASN D 114 -21.76 -25.94 -7.40
CA ASN D 114 -21.68 -27.23 -6.73
C ASN D 114 -22.15 -28.33 -7.68
N HIS D 115 -21.26 -29.29 -7.97
CA HIS D 115 -21.51 -30.39 -8.91
C HIS D 115 -22.63 -31.26 -8.34
N THR D 116 -23.55 -31.74 -9.17
CA THR D 116 -24.64 -32.50 -8.60
C THR D 116 -24.39 -33.98 -8.43
N VAL D 117 -23.27 -34.48 -8.92
CA VAL D 117 -22.98 -35.90 -8.75
C VAL D 117 -21.87 -36.04 -7.75
N THR D 118 -20.82 -35.27 -7.92
CA THR D 118 -19.71 -35.33 -6.99
C THR D 118 -19.81 -34.18 -6.02
N GLY D 119 -18.90 -34.10 -5.08
CA GLY D 119 -18.98 -33.07 -4.06
C GLY D 119 -18.19 -31.81 -4.36
N LYS D 120 -17.63 -31.72 -5.55
CA LYS D 120 -16.77 -30.61 -5.91
C LYS D 120 -17.49 -29.27 -5.99
N THR D 121 -16.87 -28.26 -5.38
CA THR D 121 -17.36 -26.90 -5.43
C THR D 121 -16.26 -25.93 -5.81
N SER D 122 -16.68 -24.78 -6.31
CA SER D 122 -15.77 -23.70 -6.64
C SER D 122 -15.52 -22.79 -5.45
N LEU D 123 -14.52 -21.95 -5.55
CA LEU D 123 -14.33 -20.93 -4.53
C LEU D 123 -15.50 -19.99 -4.74
N PRO D 124 -16.19 -19.47 -3.73
CA PRO D 124 -17.22 -18.48 -3.87
C PRO D 124 -16.71 -17.18 -4.43
N ARG D 125 -17.56 -16.51 -5.19
CA ARG D 125 -17.29 -15.20 -5.76
C ARG D 125 -18.36 -14.29 -5.24
N CYS D 126 -18.12 -12.96 -5.11
CA CYS D 126 -19.14 -12.06 -4.55
C CYS D 126 -20.34 -11.86 -5.49
N TRP D 127 -21.52 -11.93 -4.89
CA TRP D 127 -22.74 -11.68 -5.61
C TRP D 127 -22.83 -10.17 -5.60
N LEU D 128 -22.98 -9.55 -6.74
CA LEU D 128 -22.97 -8.11 -6.77
C LEU D 128 -24.34 -7.52 -6.60
N VAL D 129 -24.35 -6.26 -6.18
CA VAL D 129 -25.57 -5.51 -6.05
C VAL D 129 -25.51 -4.24 -6.84
N SER D 130 -26.67 -3.73 -7.16
CA SER D 130 -26.83 -2.47 -7.85
C SER D 130 -28.19 -1.90 -7.51
N ASN D 131 -28.27 -0.58 -7.23
CA ASN D 131 -29.54 0.12 -6.92
C ASN D 131 -30.28 -0.53 -5.74
N GLY D 132 -29.53 -1.03 -4.72
CA GLY D 132 -30.04 -1.67 -3.49
C GLY D 132 -30.43 -3.14 -3.61
N SER D 133 -30.30 -3.74 -4.79
CA SER D 133 -30.72 -5.13 -4.97
C SER D 133 -29.64 -6.02 -5.55
N TYR D 134 -29.80 -7.32 -5.40
CA TYR D 134 -28.84 -8.23 -5.99
C TYR D 134 -29.09 -8.37 -7.46
N LEU D 135 -28.02 -8.55 -8.20
CA LEU D 135 -28.14 -8.79 -9.62
C LEU D 135 -28.69 -10.17 -9.90
N ASN D 136 -29.46 -10.30 -11.00
CA ASN D 136 -30.00 -11.57 -11.46
C ASN D 136 -28.89 -12.43 -12.09
N GLU D 137 -29.16 -13.75 -12.18
CA GLU D 137 -28.26 -14.77 -12.70
C GLU D 137 -28.01 -14.58 -14.17
N THR D 138 -28.92 -13.86 -14.80
CA THR D 138 -28.85 -13.60 -16.19
C THR D 138 -27.89 -12.47 -16.48
N HIS D 139 -27.59 -11.63 -15.49
CA HIS D 139 -26.66 -10.53 -15.72
C HIS D 139 -25.25 -10.99 -15.52
N PHE D 140 -25.06 -11.99 -14.67
CA PHE D 140 -23.70 -12.46 -14.44
C PHE D 140 -23.54 -13.90 -14.90
N SER D 141 -24.38 -14.29 -15.86
CA SER D 141 -24.38 -15.64 -16.42
C SER D 141 -23.09 -15.96 -17.12
N ASP D 142 -22.38 -14.95 -17.62
CA ASP D 142 -21.12 -15.21 -18.28
C ASP D 142 -20.10 -15.75 -17.30
N ASP D 143 -20.17 -15.29 -16.06
CA ASP D 143 -19.21 -15.72 -15.07
C ASP D 143 -19.64 -17.02 -14.49
N ILE D 144 -20.94 -17.25 -14.44
CA ILE D 144 -21.37 -18.52 -13.89
C ILE D 144 -20.92 -19.60 -14.86
N GLU D 145 -21.16 -19.41 -16.15
CA GLU D 145 -20.74 -20.42 -17.09
C GLU D 145 -19.23 -20.56 -17.15
N GLN D 146 -18.49 -19.45 -17.05
CA GLN D 146 -17.05 -19.61 -17.09
C GLN D 146 -16.60 -20.41 -15.89
N GLN D 147 -17.23 -20.21 -14.73
CA GLN D 147 -16.82 -20.96 -13.59
C GLN D 147 -17.11 -22.44 -13.79
N ALA D 148 -18.23 -22.76 -14.44
CA ALA D 148 -18.54 -24.16 -14.67
C ALA D 148 -17.47 -24.81 -15.53
N ASP D 149 -16.98 -24.08 -16.54
CA ASP D 149 -15.97 -24.65 -17.43
C ASP D 149 -14.66 -24.82 -16.71
N ASN D 150 -14.37 -23.93 -15.79
CA ASN D 150 -13.12 -24.04 -15.10
C ASN D 150 -13.16 -25.29 -14.24
N MET D 151 -14.32 -25.56 -13.64
CA MET D 151 -14.45 -26.75 -12.79
C MET D 151 -14.37 -28.01 -13.63
N ILE D 152 -14.91 -27.98 -14.84
CA ILE D 152 -14.86 -29.13 -15.70
C ILE D 152 -13.44 -29.45 -16.06
N THR D 153 -12.66 -28.44 -16.39
CA THR D 153 -11.28 -28.68 -16.74
C THR D 153 -10.56 -29.35 -15.58
N GLU D 154 -10.78 -28.87 -14.37
CA GLU D 154 -10.10 -29.45 -13.22
C GLU D 154 -10.51 -30.90 -12.99
N LEU D 155 -11.80 -31.22 -13.19
CA LEU D 155 -12.26 -32.59 -13.04
C LEU D 155 -11.67 -33.51 -14.07
N LEU D 156 -11.52 -33.01 -15.29
CA LEU D 156 -10.97 -33.83 -16.35
C LEU D 156 -9.47 -34.08 -16.21
N GLN D 157 -8.71 -33.07 -15.77
CA GLN D 157 -7.26 -33.23 -15.65
C GLN D 157 -6.89 -33.82 -14.30
N LYS D 158 -7.31 -35.06 -14.09
CA LYS D 158 -7.12 -35.78 -12.85
C LYS D 158 -5.97 -36.76 -12.96
N GLU D 159 -4.99 -36.63 -12.05
CA GLU D 159 -3.77 -37.46 -11.96
C GLU D 159 -2.77 -37.22 -13.10
N TYR D 160 -3.22 -37.38 -14.32
CA TYR D 160 -2.39 -37.21 -15.50
C TYR D 160 -3.26 -36.76 -16.68
N ILE D 161 -2.60 -36.23 -17.73
CA ILE D 161 -3.23 -35.74 -18.97
C ILE D 161 -2.69 -36.61 -20.12
N THR E 60 12.46 -11.91 -37.74
CA THR E 60 11.60 -12.64 -36.82
C THR E 60 12.47 -13.40 -35.80
N TYR E 61 11.81 -13.78 -34.67
CA TYR E 61 12.34 -14.56 -33.57
C TYR E 61 11.79 -15.98 -33.66
N LYS E 62 12.67 -16.95 -33.54
CA LYS E 62 12.27 -18.35 -33.61
C LYS E 62 11.48 -18.65 -34.87
N GLY E 63 11.88 -18.08 -35.99
CA GLY E 63 11.26 -18.36 -37.27
C GLY E 63 9.95 -17.62 -37.56
N VAL E 64 8.97 -17.81 -36.69
CA VAL E 64 7.64 -17.28 -36.88
C VAL E 64 7.17 -16.14 -36.02
N TYR E 65 7.97 -15.56 -35.14
CA TYR E 65 7.43 -14.44 -34.40
C TYR E 65 7.97 -13.09 -34.84
N GLU E 66 7.10 -12.22 -35.28
CA GLU E 66 7.50 -10.92 -35.72
C GLU E 66 7.44 -10.00 -34.52
N LEU E 67 8.46 -9.18 -34.34
CA LEU E 67 8.40 -8.27 -33.22
C LEU E 67 7.63 -7.06 -33.64
N GLN E 68 6.61 -6.71 -32.88
CA GLN E 68 5.80 -5.56 -33.21
C GLN E 68 5.72 -4.55 -32.10
N THR E 69 5.49 -3.30 -32.50
CA THR E 69 5.44 -2.19 -31.56
C THR E 69 4.08 -1.58 -31.40
N LEU E 70 3.72 -1.36 -30.16
CA LEU E 70 2.50 -0.69 -29.76
C LEU E 70 2.87 0.56 -29.02
N GLU E 71 2.21 1.67 -29.31
CA GLU E 71 2.53 2.85 -28.53
C GLU E 71 1.24 3.52 -28.15
N LEU E 72 1.12 3.89 -26.89
CA LEU E 72 -0.14 4.46 -26.43
C LEU E 72 -0.23 5.96 -26.50
N ASN E 73 -1.42 6.42 -26.87
CA ASN E 73 -1.75 7.81 -26.95
C ASN E 73 -2.42 8.24 -25.67
N MET E 74 -1.67 8.78 -24.76
CA MET E 74 -2.20 9.04 -23.44
C MET E 74 -2.94 10.33 -23.36
N ALA E 75 -3.03 11.05 -24.47
CA ALA E 75 -3.75 12.29 -24.48
C ALA E 75 -5.23 12.00 -24.34
N SER E 76 -5.64 10.76 -24.62
CA SER E 76 -7.05 10.39 -24.57
C SER E 76 -7.53 10.22 -23.15
N LEU E 77 -6.59 10.25 -22.21
CA LEU E 77 -6.88 10.15 -20.80
C LEU E 77 -7.07 11.52 -20.10
N ASN E 78 -6.99 12.67 -20.84
CA ASN E 78 -7.02 14.06 -20.34
C ASN E 78 -8.30 14.44 -19.57
N MET E 79 -9.45 13.75 -19.79
CA MET E 79 -10.72 14.05 -19.10
C MET E 79 -10.80 13.39 -17.75
N THR E 80 -9.85 12.53 -17.41
CA THR E 80 -9.88 11.88 -16.12
C THR E 80 -8.64 12.16 -15.28
N MET E 81 -7.47 12.15 -15.91
CA MET E 81 -6.21 12.32 -15.22
C MET E 81 -5.42 13.50 -15.74
N PRO E 82 -4.69 14.22 -14.90
CA PRO E 82 -3.83 15.28 -15.32
C PRO E 82 -2.68 14.62 -16.05
N LEU E 83 -2.16 15.28 -17.07
CA LEU E 83 -1.05 14.70 -17.83
C LEU E 83 0.20 15.54 -17.81
N SER E 84 1.31 14.97 -17.42
CA SER E 84 2.56 15.71 -17.41
C SER E 84 3.13 15.75 -18.83
N CYS E 85 3.90 16.81 -19.15
CA CYS E 85 4.60 17.06 -20.41
C CYS E 85 5.86 17.86 -20.16
N THR E 86 6.70 17.92 -21.19
CA THR E 86 7.90 18.71 -21.20
C THR E 86 8.05 19.45 -22.48
N LYS E 87 8.51 20.68 -22.39
CA LYS E 87 8.79 21.40 -23.60
C LYS E 87 10.30 21.51 -23.85
N ASN E 88 11.08 21.88 -22.80
CA ASN E 88 12.54 22.03 -22.89
C ASN E 88 13.17 21.92 -21.49
N ASN E 89 14.42 22.39 -21.33
CA ASN E 89 15.22 22.32 -20.10
C ASN E 89 14.60 23.08 -18.95
N SER E 90 13.72 24.00 -19.27
CA SER E 90 13.05 24.76 -18.26
C SER E 90 11.57 24.50 -18.24
N HIS E 91 10.89 24.72 -19.36
CA HIS E 91 9.45 24.57 -19.27
C HIS E 91 8.95 23.15 -19.30
N HIS E 92 8.07 22.90 -18.35
CA HIS E 92 7.36 21.64 -18.13
C HIS E 92 5.88 21.96 -17.93
N TYR E 93 5.01 21.02 -18.29
CA TYR E 93 3.58 21.27 -18.20
C TYR E 93 2.71 20.18 -17.60
N ILE E 94 1.56 20.59 -17.07
CA ILE E 94 0.54 19.62 -16.65
C ILE E 94 -0.80 19.97 -17.29
N MET E 95 -1.39 19.06 -18.06
CA MET E 95 -2.69 19.36 -18.62
C MET E 95 -3.64 19.05 -17.49
N VAL E 96 -4.56 19.93 -17.16
CA VAL E 96 -5.45 19.65 -16.05
C VAL E 96 -6.88 19.42 -16.49
N GLY E 97 -7.34 20.24 -17.42
CA GLY E 97 -8.68 20.11 -17.94
C GLY E 97 -8.59 19.85 -19.43
N ASN E 98 -9.70 20.07 -20.17
CA ASN E 98 -9.77 19.90 -21.63
C ASN E 98 -9.06 21.05 -22.37
N GLU E 99 -9.15 22.29 -21.80
CA GLU E 99 -8.59 23.55 -22.31
C GLU E 99 -7.48 24.17 -21.47
N THR E 100 -7.39 23.83 -20.19
CA THR E 100 -6.47 24.49 -19.25
C THR E 100 -5.46 23.58 -18.57
N GLY E 101 -4.46 24.20 -17.94
CA GLY E 101 -3.45 23.43 -17.22
C GLY E 101 -2.46 24.32 -16.48
N LEU E 102 -1.37 23.72 -16.02
CA LEU E 102 -0.34 24.42 -15.28
C LEU E 102 0.96 24.45 -16.03
N GLU E 103 1.67 25.55 -15.90
CA GLU E 103 2.99 25.74 -16.48
C GLU E 103 3.98 25.76 -15.35
N LEU E 104 5.04 24.98 -15.46
CA LEU E 104 6.05 24.91 -14.44
C LEU E 104 7.37 25.29 -15.03
N THR E 105 8.01 26.31 -14.48
CA THR E 105 9.24 26.75 -15.11
C THR E 105 10.40 26.84 -14.16
N LEU E 106 11.60 26.75 -14.72
CA LEU E 106 12.81 26.95 -13.94
C LEU E 106 13.49 28.21 -14.44
N THR E 107 13.65 29.16 -13.57
CA THR E 107 14.23 30.42 -14.03
C THR E 107 15.28 31.02 -13.11
N ASN E 108 15.97 32.09 -13.62
CA ASN E 108 16.90 32.96 -12.89
C ASN E 108 16.18 34.24 -12.37
N THR E 109 14.92 34.52 -12.85
CA THR E 109 14.14 35.71 -12.53
C THR E 109 12.95 35.41 -11.63
N SER E 110 12.90 36.11 -10.53
CA SER E 110 11.82 36.03 -9.58
C SER E 110 10.65 36.81 -10.15
N ILE E 111 9.41 36.34 -9.99
CA ILE E 111 8.31 37.15 -10.48
C ILE E 111 7.50 37.58 -9.28
N ILE E 112 7.70 36.88 -8.17
CA ILE E 112 7.06 37.22 -6.92
C ILE E 112 8.13 37.78 -5.99
N ASN E 113 7.98 39.03 -5.61
CA ASN E 113 8.96 39.66 -4.74
C ASN E 113 8.48 39.68 -3.32
N HIS E 114 7.37 39.00 -3.11
CA HIS E 114 6.77 38.88 -1.81
C HIS E 114 7.49 37.82 -1.03
N LYS E 115 7.47 37.96 0.27
CA LYS E 115 8.02 36.97 1.16
C LYS E 115 6.84 36.32 1.85
N PHE E 116 5.68 36.62 1.29
CA PHE E 116 4.40 36.22 1.78
C PHE E 116 3.70 35.34 0.78
N CYS E 117 2.84 34.44 1.28
CA CYS E 117 1.97 33.58 0.49
C CYS E 117 0.52 33.80 0.94
N ASN E 118 0.27 33.71 2.24
CA ASN E 118 -1.09 33.87 2.72
C ASN E 118 -2.04 32.89 1.99
N LEU E 119 -1.61 31.61 1.89
CA LEU E 119 -2.30 30.52 1.24
C LEU E 119 -3.64 30.23 1.89
N SER E 120 -3.70 30.34 3.23
CA SER E 120 -4.94 30.07 3.94
C SER E 120 -6.00 31.13 3.69
N ASP E 121 -5.57 32.35 3.34
CA ASP E 121 -6.52 33.40 3.05
C ASP E 121 -6.96 33.23 1.62
N ALA E 122 -6.03 32.77 0.78
CA ALA E 122 -6.35 32.51 -0.60
C ALA E 122 -7.41 31.43 -0.66
N HIS E 123 -7.28 30.43 0.22
CA HIS E 123 -8.19 29.33 0.21
C HIS E 123 -9.58 29.71 0.55
N LYS E 124 -9.73 30.60 1.55
CA LYS E 124 -11.02 31.12 1.99
C LYS E 124 -11.63 32.02 0.93
N ARG E 125 -10.77 32.80 0.25
CA ARG E 125 -11.19 33.72 -0.81
C ARG E 125 -11.94 32.89 -1.86
N ASN E 126 -11.40 31.71 -2.15
CA ASN E 126 -12.02 30.71 -2.99
C ASN E 126 -12.44 31.13 -4.40
N LEU E 127 -11.55 31.85 -5.10
CA LEU E 127 -11.79 32.29 -6.48
C LEU E 127 -11.03 31.47 -7.51
N TYR E 128 -10.42 30.38 -7.08
CA TYR E 128 -9.58 29.53 -7.90
C TYR E 128 -10.26 28.24 -8.30
N ASP E 129 -9.79 27.67 -9.40
CA ASP E 129 -10.22 26.35 -9.81
C ASP E 129 -9.69 25.33 -8.84
N HIS E 130 -10.57 24.57 -8.26
CA HIS E 130 -10.18 23.60 -7.27
C HIS E 130 -9.27 22.57 -7.88
N ALA E 131 -9.47 22.20 -9.15
CA ALA E 131 -8.61 21.19 -9.73
C ALA E 131 -7.17 21.68 -9.85
N LEU E 132 -6.99 22.93 -10.25
CA LEU E 132 -5.64 23.43 -10.40
C LEU E 132 -5.00 23.55 -9.04
N MET E 133 -5.78 23.99 -8.05
CA MET E 133 -5.25 24.15 -6.73
C MET E 133 -4.90 22.82 -6.11
N SER E 134 -5.70 21.80 -6.40
CA SER E 134 -5.49 20.49 -5.83
C SER E 134 -4.16 19.96 -6.33
N ILE E 135 -3.87 20.13 -7.61
CA ILE E 135 -2.62 19.64 -8.14
C ILE E 135 -1.44 20.38 -7.52
N ILE E 136 -1.54 21.70 -7.35
CA ILE E 136 -0.47 22.44 -6.74
C ILE E 136 -0.23 22.03 -5.32
N SER E 137 -1.29 21.86 -4.53
CA SER E 137 -1.08 21.46 -3.17
C SER E 137 -0.58 20.01 -3.10
N THR E 138 -0.88 19.19 -4.13
CA THR E 138 -0.35 17.83 -4.17
C THR E 138 1.15 17.95 -4.25
N PHE E 139 1.61 18.82 -5.15
CA PHE E 139 3.03 19.01 -5.34
C PHE E 139 3.66 19.47 -4.05
N HIS E 140 3.09 20.50 -3.44
CA HIS E 140 3.68 21.09 -2.25
C HIS E 140 3.81 20.11 -1.10
N LEU E 141 2.79 19.33 -0.87
CA LEU E 141 2.80 18.43 0.26
C LEU E 141 3.51 17.13 -0.01
N SER E 142 4.05 16.97 -1.21
CA SER E 142 4.77 15.77 -1.58
C SER E 142 6.25 16.02 -1.45
N ILE E 143 6.63 17.24 -1.07
CA ILE E 143 8.03 17.60 -0.96
C ILE E 143 8.74 16.89 0.20
N PRO E 144 9.83 16.16 -0.07
CA PRO E 144 10.63 15.46 0.91
C PRO E 144 11.08 16.44 1.92
N ASN E 145 11.14 16.00 3.15
CA ASN E 145 11.54 16.87 4.24
C ASN E 145 10.62 18.06 4.26
N PHE E 146 9.33 17.80 4.09
CA PHE E 146 8.38 18.88 4.06
C PHE E 146 8.35 19.72 5.30
N ASN E 147 8.40 21.02 5.06
CA ASN E 147 8.24 22.05 6.04
C ASN E 147 8.02 23.28 5.21
N GLN E 148 7.82 24.42 5.83
CA GLN E 148 7.72 25.60 5.00
C GLN E 148 9.10 26.18 4.73
N TYR E 149 9.93 26.34 5.76
CA TYR E 149 11.26 26.96 5.59
C TYR E 149 11.12 28.28 4.84
N GLU E 150 10.07 29.05 5.11
CA GLU E 150 9.78 30.21 4.27
C GLU E 150 9.50 29.56 2.91
N ALA E 151 10.53 29.51 2.05
CA ALA E 151 10.58 28.84 0.74
C ALA E 151 9.58 29.30 -0.31
N MET E 152 8.31 29.20 0.00
CA MET E 152 7.27 29.52 -0.95
C MET E 152 6.59 30.82 -0.70
N SER E 153 6.51 31.59 -1.75
CA SER E 153 5.78 32.84 -1.75
C SER E 153 4.71 32.58 -2.79
N CYS E 154 3.57 33.31 -2.76
CA CYS E 154 2.51 33.09 -3.75
C CYS E 154 1.65 34.33 -3.96
N ASP E 155 0.86 34.25 -5.01
CA ASP E 155 -0.09 35.28 -5.36
C ASP E 155 -1.37 34.67 -5.92
N PHE E 156 -2.44 34.77 -5.14
CA PHE E 156 -3.74 34.26 -5.52
C PHE E 156 -4.77 35.37 -5.55
N ASN E 157 -4.34 36.55 -5.94
CA ASN E 157 -5.28 37.66 -6.05
C ASN E 157 -6.22 37.37 -7.21
N GLY E 158 -7.50 37.64 -7.03
CA GLY E 158 -8.43 37.33 -8.09
C GLY E 158 -8.44 35.81 -8.21
N GLY E 159 -8.64 35.29 -9.40
CA GLY E 159 -8.69 33.85 -9.60
C GLY E 159 -7.39 33.28 -10.19
N LYS E 160 -6.30 34.06 -10.18
CA LYS E 160 -5.07 33.59 -10.84
C LYS E 160 -4.22 32.78 -9.89
N ILE E 161 -3.33 31.99 -10.46
CA ILE E 161 -2.38 31.25 -9.67
C ILE E 161 -0.94 31.53 -10.02
N SER E 162 -0.15 31.96 -9.04
CA SER E 162 1.28 32.10 -9.23
C SER E 162 2.00 31.69 -7.95
N VAL E 163 2.78 30.63 -8.03
CA VAL E 163 3.50 30.09 -6.89
C VAL E 163 4.99 30.00 -7.15
N GLN E 164 5.80 30.54 -6.25
CA GLN E 164 7.25 30.53 -6.46
C GLN E 164 8.07 29.94 -5.34
N TYR E 165 8.93 28.99 -5.67
CA TYR E 165 9.81 28.39 -4.67
C TYR E 165 11.23 28.95 -4.75
N ASN E 166 11.80 29.33 -3.59
CA ASN E 166 13.13 29.92 -3.42
C ASN E 166 14.25 28.86 -3.40
N LEU E 167 14.51 28.24 -4.60
CA LEU E 167 15.58 27.24 -4.83
C LEU E 167 16.93 27.95 -4.65
N SER E 168 16.87 29.26 -4.96
CA SER E 168 17.90 30.29 -4.91
C SER E 168 18.42 30.48 -3.52
N HIS E 169 17.73 29.90 -2.55
CA HIS E 169 18.18 29.89 -1.20
C HIS E 169 19.63 29.44 -1.16
N THR E 170 19.97 28.43 -1.96
CA THR E 170 21.29 27.82 -1.92
C THR E 170 22.44 28.82 -2.08
N TYR E 171 23.37 28.71 -1.14
CA TYR E 171 24.58 29.50 -1.00
C TYR E 171 25.64 28.50 -0.58
N ALA E 172 26.89 28.90 -0.40
CA ALA E 172 27.95 27.91 -0.17
C ALA E 172 27.80 26.94 1.01
N VAL E 173 27.27 27.35 2.16
CA VAL E 173 27.22 26.38 3.26
C VAL E 173 26.17 25.31 2.98
N ASP E 174 25.01 25.75 2.57
CA ASP E 174 23.94 24.80 2.30
C ASP E 174 24.25 24.03 1.01
N ALA E 175 24.97 24.65 0.07
CA ALA E 175 25.34 23.98 -1.15
C ALA E 175 26.22 22.79 -0.83
N ALA E 176 27.12 22.97 0.16
CA ALA E 176 28.02 21.93 0.62
C ALA E 176 27.27 20.76 1.25
N LYS E 177 26.14 21.05 1.92
CA LYS E 177 25.37 20.00 2.54
C LYS E 177 24.66 19.17 1.48
N HIS E 178 24.21 19.85 0.42
CA HIS E 178 23.53 19.24 -0.74
C HIS E 178 22.15 18.59 -0.53
N CYS E 179 22.07 17.59 0.37
CA CYS E 179 20.90 16.74 0.61
C CYS E 179 19.89 17.40 1.55
N GLY E 180 19.37 18.54 1.14
CA GLY E 180 18.40 19.26 1.95
C GLY E 180 18.28 20.72 1.54
N THR E 181 18.09 21.54 2.55
CA THR E 181 17.97 22.99 2.46
C THR E 181 17.11 23.47 1.29
N ILE E 182 15.83 23.08 1.34
CA ILE E 182 14.77 23.44 0.41
C ILE E 182 14.88 22.87 -0.98
N ALA E 183 15.98 23.18 -1.67
CA ALA E 183 16.13 22.73 -3.04
C ALA E 183 16.11 21.23 -3.17
N ASN E 184 16.67 20.45 -2.23
CA ASN E 184 16.62 19.02 -2.46
C ASN E 184 15.19 18.54 -2.55
N GLY E 185 14.38 18.93 -1.59
CA GLY E 185 13.00 18.50 -1.59
C GLY E 185 12.20 19.04 -2.77
N VAL E 186 12.41 20.30 -3.14
CA VAL E 186 11.60 20.80 -4.24
C VAL E 186 11.99 20.13 -5.54
N LEU E 187 13.28 20.01 -5.80
CA LEU E 187 13.76 19.44 -7.04
C LEU E 187 13.37 17.99 -7.20
N GLN E 188 13.36 17.22 -6.11
CA GLN E 188 12.98 15.83 -6.22
C GLN E 188 11.50 15.64 -6.43
N THR E 189 10.71 16.67 -6.23
CA THR E 189 9.30 16.52 -6.41
C THR E 189 9.05 16.87 -7.84
N PHE E 190 9.75 17.89 -8.31
CA PHE E 190 9.68 18.36 -9.67
C PHE E 190 10.01 17.22 -10.61
N MET E 191 11.07 16.48 -10.31
CA MET E 191 11.51 15.36 -11.14
C MET E 191 10.52 14.21 -11.15
N ARG E 192 9.65 14.11 -10.15
CA ARG E 192 8.68 13.04 -10.13
C ARG E 192 7.47 13.48 -10.90
N MET E 193 7.16 14.76 -10.84
CA MET E 193 6.04 15.22 -11.63
C MET E 193 6.44 15.06 -13.10
N ALA E 194 7.68 15.41 -13.41
CA ALA E 194 8.24 15.38 -14.74
C ALA E 194 8.86 14.06 -15.18
N TRP E 195 8.09 12.98 -15.25
CA TRP E 195 8.73 11.79 -15.80
C TRP E 195 8.95 12.00 -17.25
N GLY E 196 10.12 11.64 -17.73
CA GLY E 196 10.38 11.78 -19.14
C GLY E 196 10.72 13.22 -19.48
N GLY E 197 10.88 14.07 -18.47
CA GLY E 197 11.14 15.47 -18.70
C GLY E 197 12.59 15.74 -18.85
N SER E 198 13.01 16.99 -18.71
CA SER E 198 14.42 17.21 -18.94
C SER E 198 15.11 16.98 -17.64
N TYR E 199 16.11 16.14 -17.66
CA TYR E 199 16.75 15.79 -16.44
C TYR E 199 17.76 16.79 -15.99
N ILE E 200 17.24 17.84 -15.41
CA ILE E 200 18.09 18.91 -14.96
C ILE E 200 18.60 18.52 -13.61
N ALA E 201 19.58 17.66 -13.67
CA ALA E 201 20.37 17.14 -12.61
C ALA E 201 21.77 17.37 -13.16
N LEU E 202 21.76 17.74 -14.45
CA LEU E 202 22.96 18.11 -15.19
C LEU E 202 23.95 16.95 -15.23
N ASP E 203 25.07 17.09 -14.53
CA ASP E 203 26.13 16.07 -14.51
C ASP E 203 25.62 14.78 -13.87
N SER E 204 24.53 14.89 -13.13
CA SER E 204 23.86 13.80 -12.44
C SER E 204 22.58 13.47 -13.19
N GLY E 205 22.51 13.84 -14.48
CA GLY E 205 21.35 13.67 -15.35
C GLY E 205 20.72 12.27 -15.44
N CYS E 206 21.51 11.17 -15.33
CA CYS E 206 20.98 9.80 -15.38
C CYS E 206 20.61 9.33 -13.97
N GLY E 207 20.81 10.20 -12.98
CA GLY E 207 20.45 9.90 -11.60
C GLY E 207 21.38 9.00 -10.81
N SER E 208 22.64 8.88 -11.21
CA SER E 208 23.50 8.04 -10.35
C SER E 208 23.15 8.39 -8.90
N TRP E 209 23.30 9.64 -8.49
CA TRP E 209 23.13 10.09 -7.11
C TRP E 209 21.79 10.75 -6.92
N ASP E 210 21.22 10.60 -5.73
CA ASP E 210 19.91 11.15 -5.41
C ASP E 210 19.79 12.55 -4.78
N CYS E 211 20.90 13.31 -4.68
CA CYS E 211 20.93 14.68 -4.18
C CYS E 211 21.41 15.47 -5.38
N ILE E 212 20.58 16.40 -5.84
CA ILE E 212 20.90 17.16 -7.02
C ILE E 212 20.82 18.64 -6.78
N MET E 213 21.44 19.38 -7.68
CA MET E 213 21.44 20.81 -7.64
C MET E 213 21.30 21.27 -9.05
N THR E 214 20.63 22.39 -9.27
CA THR E 214 20.48 22.92 -10.60
C THR E 214 20.99 24.33 -10.61
N SER E 215 21.13 24.89 -11.79
CA SER E 215 21.62 26.24 -11.95
C SER E 215 20.53 27.28 -11.67
N TYR E 216 19.31 26.81 -11.69
CA TYR E 216 18.15 27.67 -11.56
C TYR E 216 17.94 28.19 -10.17
N GLN E 217 17.30 29.34 -10.10
CA GLN E 217 17.03 30.02 -8.85
C GLN E 217 15.57 29.87 -8.39
N TYR E 218 14.64 29.77 -9.32
CA TYR E 218 13.26 29.68 -8.88
C TYR E 218 12.45 28.65 -9.61
N LEU E 219 11.55 27.98 -8.89
CA LEU E 219 10.55 27.12 -9.52
C LEU E 219 9.23 27.83 -9.48
N ILE E 220 8.70 28.14 -10.64
CA ILE E 220 7.46 28.88 -10.71
C ILE E 220 6.32 28.11 -11.34
N ILE E 221 5.21 28.05 -10.64
CA ILE E 221 4.05 27.34 -11.13
C ILE E 221 2.94 28.34 -11.41
N GLN E 222 2.39 28.32 -12.63
CA GLN E 222 1.33 29.25 -12.98
C GLN E 222 0.14 28.60 -13.70
N ASN E 223 -1.08 29.18 -13.56
CA ASN E 223 -2.25 28.76 -14.36
C ASN E 223 -2.06 29.23 -15.80
N THR E 224 -2.19 28.31 -16.78
CA THR E 224 -2.01 28.58 -18.20
C THR E 224 -3.09 27.96 -19.08
N THR E 225 -2.95 28.22 -20.37
CA THR E 225 -3.84 27.72 -21.41
C THR E 225 -3.18 26.52 -22.03
N TRP E 226 -3.96 25.47 -22.28
CA TRP E 226 -3.34 24.35 -22.90
C TRP E 226 -3.23 24.62 -24.39
N GLU E 227 -2.03 24.48 -24.90
CA GLU E 227 -1.65 24.70 -26.27
C GLU E 227 -0.73 23.57 -26.56
N ASP E 228 -0.50 23.21 -27.79
CA ASP E 228 0.50 22.18 -27.90
C ASP E 228 1.81 22.65 -27.27
N HIS E 229 2.37 21.82 -26.40
CA HIS E 229 3.75 22.02 -25.88
C HIS E 229 4.33 20.62 -26.09
N CYS E 230 4.62 19.88 -25.02
CA CYS E 230 4.94 18.43 -25.17
C CYS E 230 5.93 18.19 -26.35
N GLN E 231 7.04 18.93 -26.34
CA GLN E 231 8.02 18.84 -27.41
C GLN E 231 9.09 17.85 -27.12
N PHE E 232 9.29 17.57 -25.83
CA PHE E 232 10.32 16.67 -25.41
C PHE E 232 9.78 15.39 -24.79
N SER E 233 8.46 15.27 -24.66
CA SER E 233 7.92 14.09 -23.98
C SER E 233 6.49 13.79 -24.38
N ARG E 234 6.04 12.60 -24.02
CA ARG E 234 4.67 12.19 -24.32
C ARG E 234 3.82 12.59 -23.15
N PRO E 235 2.60 13.10 -23.33
CA PRO E 235 1.73 13.39 -22.24
C PRO E 235 1.60 12.13 -21.45
N SER E 236 1.65 12.21 -20.14
CA SER E 236 1.53 11.01 -19.34
C SER E 236 1.03 11.25 -17.93
N PRO E 237 0.09 10.45 -17.42
CA PRO E 237 -0.46 10.57 -16.09
C PRO E 237 0.48 10.06 -15.03
N ILE E 238 1.58 9.42 -15.42
CA ILE E 238 2.45 8.78 -14.45
C ILE E 238 3.05 9.74 -13.46
N GLY E 239 3.46 10.92 -13.90
CA GLY E 239 4.09 11.82 -12.95
C GLY E 239 3.19 12.11 -11.76
N TYR E 240 1.98 12.57 -12.04
CA TYR E 240 1.03 12.88 -11.00
C TYR E 240 0.73 11.65 -10.17
N LEU E 241 0.49 10.52 -10.82
CA LEU E 241 0.14 9.29 -10.12
C LEU E 241 1.26 8.86 -9.19
N GLY E 242 2.50 9.07 -9.60
CA GLY E 242 3.64 8.72 -8.81
C GLY E 242 3.62 9.50 -7.51
N LEU E 243 3.45 10.82 -7.60
CA LEU E 243 3.43 11.67 -6.43
C LEU E 243 2.25 11.38 -5.53
N LEU E 244 1.13 11.05 -6.14
CA LEU E 244 -0.09 10.77 -5.44
C LEU E 244 -0.03 9.48 -4.64
N SER E 245 0.55 8.43 -5.21
CA SER E 245 0.64 7.15 -4.54
C SER E 245 1.80 7.09 -3.53
N GLN E 246 2.85 7.87 -3.75
CA GLN E 246 3.99 7.84 -2.84
C GLN E 246 3.77 8.67 -1.59
N ARG E 247 3.00 8.08 -0.69
CA ARG E 247 2.60 8.72 0.55
C ARG E 247 2.87 7.86 1.76
N THR E 248 4.13 7.75 2.14
CA THR E 248 4.51 6.92 3.27
C THR E 248 5.27 7.79 4.26
N ARG E 249 6.58 7.82 4.11
CA ARG E 249 7.44 8.64 4.94
C ARG E 249 8.64 9.08 4.14
N ASP E 250 8.86 10.39 4.08
CA ASP E 250 10.06 10.91 3.40
C ASP E 250 10.45 12.27 3.99
N ILE E 251 11.00 12.25 5.19
CA ILE E 251 11.43 13.46 5.89
C ILE E 251 12.80 13.28 6.51
N TYR E 252 13.41 14.39 6.91
CA TYR E 252 14.60 14.36 7.76
C TYR E 252 14.24 15.05 9.06
N ILE E 253 13.71 16.27 8.96
CA ILE E 253 13.40 17.04 10.15
C ILE E 253 12.00 16.80 10.77
N SER E 254 10.97 16.48 9.92
CA SER E 254 9.51 16.24 10.19
C SER E 254 8.71 17.15 9.27
N GLY F 1 -11.86 -15.92 -20.22
CA GLY F 1 -13.12 -15.45 -20.77
C GLY F 1 -13.34 -13.98 -20.43
N THR F 2 -13.89 -13.71 -19.23
CA THR F 2 -14.19 -12.39 -18.69
C THR F 2 -12.95 -11.84 -18.00
N PHE F 3 -12.95 -10.55 -17.71
CA PHE F 3 -11.84 -9.94 -17.04
C PHE F 3 -12.19 -9.50 -15.64
N THR F 4 -11.16 -9.46 -14.79
CA THR F 4 -11.26 -9.03 -13.40
C THR F 4 -10.71 -7.63 -13.22
N TRP F 5 -10.00 -7.13 -14.22
CA TRP F 5 -9.38 -5.81 -14.10
C TRP F 5 -10.27 -4.68 -14.53
N THR F 6 -11.42 -4.97 -15.13
CA THR F 6 -12.30 -3.92 -15.57
C THR F 6 -13.16 -3.54 -14.40
N LEU F 7 -13.77 -2.37 -14.46
CA LEU F 7 -14.70 -2.05 -13.40
C LEU F 7 -16.05 -2.52 -13.81
N SER F 8 -16.35 -2.38 -15.08
CA SER F 8 -17.64 -2.76 -15.58
C SER F 8 -17.79 -4.26 -15.60
N ASP F 9 -18.99 -4.71 -15.26
CA ASP F 9 -19.41 -6.10 -15.21
C ASP F 9 -19.92 -6.58 -16.56
N SER F 10 -19.16 -7.47 -17.19
CA SER F 10 -19.45 -8.05 -18.52
C SER F 10 -19.27 -7.07 -19.67
N GLU F 11 -19.91 -5.91 -19.61
CA GLU F 11 -19.78 -4.89 -20.65
C GLU F 11 -18.32 -4.48 -20.84
N GLY F 12 -17.54 -4.50 -19.76
CA GLY F 12 -16.15 -4.13 -19.79
C GLY F 12 -15.33 -5.01 -20.75
N ASN F 13 -15.71 -6.28 -20.88
CA ASN F 13 -15.04 -7.22 -21.75
C ASN F 13 -15.89 -8.41 -22.13
N GLU F 14 -16.10 -8.60 -23.43
CA GLU F 14 -16.86 -9.75 -23.85
C GLU F 14 -15.87 -10.85 -24.22
N THR F 15 -16.29 -12.09 -24.05
CA THR F 15 -15.45 -13.19 -24.44
C THR F 15 -15.19 -13.34 -25.98
N PRO F 16 -16.22 -13.47 -26.85
CA PRO F 16 -16.04 -13.83 -28.26
C PRO F 16 -15.32 -12.83 -29.15
N GLY F 17 -15.30 -11.56 -28.80
CA GLY F 17 -14.65 -10.60 -29.66
C GLY F 17 -13.18 -10.38 -29.31
N GLY F 18 -12.71 -11.04 -28.26
CA GLY F 18 -11.34 -10.80 -27.85
C GLY F 18 -11.32 -9.40 -27.24
N TYR F 19 -10.13 -8.83 -27.07
CA TYR F 19 -10.05 -7.49 -26.51
C TYR F 19 -9.30 -6.59 -27.48
N CYS F 20 -9.91 -5.45 -27.88
CA CYS F 20 -9.33 -4.54 -28.87
C CYS F 20 -9.01 -3.17 -28.30
N LEU F 21 -7.95 -2.63 -28.87
CA LEU F 21 -7.46 -1.31 -28.61
C LEU F 21 -7.84 -0.43 -29.79
N THR F 22 -8.58 0.62 -29.51
CA THR F 22 -9.06 1.47 -30.58
C THR F 22 -8.08 2.57 -30.96
N ARG F 23 -8.51 3.39 -31.92
CA ARG F 23 -7.66 4.42 -32.53
C ARG F 23 -7.35 5.55 -31.59
N TRP F 24 -8.08 5.61 -30.48
CA TRP F 24 -7.82 6.62 -29.49
C TRP F 24 -6.96 6.07 -28.37
N MET F 25 -6.59 4.80 -28.45
CA MET F 25 -5.71 4.24 -27.46
C MET F 25 -4.32 4.20 -28.04
N LEU F 26 -4.26 3.93 -29.33
CA LEU F 26 -3.03 3.75 -30.08
C LEU F 26 -2.64 5.02 -30.78
N ILE F 27 -1.36 5.21 -31.03
CA ILE F 27 -0.98 6.40 -31.79
C ILE F 27 -0.98 6.24 -33.30
N GLU F 28 -0.35 5.20 -33.83
CA GLU F 28 -0.25 5.10 -35.29
C GLU F 28 -1.22 4.13 -35.95
N ALA F 29 -1.49 3.00 -35.31
CA ALA F 29 -2.39 2.01 -35.90
C ALA F 29 -3.81 2.39 -35.58
N GLU F 30 -4.72 2.13 -36.50
CA GLU F 30 -6.11 2.39 -36.20
C GLU F 30 -6.66 1.33 -35.27
N LEU F 31 -6.18 0.11 -35.42
CA LEU F 31 -6.70 -0.99 -34.61
C LEU F 31 -5.72 -2.10 -34.34
N LYS F 32 -5.64 -2.49 -33.07
CA LYS F 32 -4.86 -3.67 -32.68
C LYS F 32 -5.73 -4.49 -31.75
N CYS F 33 -5.83 -5.81 -31.99
CA CYS F 33 -6.64 -6.73 -31.16
C CYS F 33 -5.78 -7.84 -30.65
N PHE F 34 -6.00 -8.18 -29.42
CA PHE F 34 -5.31 -9.23 -28.72
C PHE F 34 -6.30 -10.30 -28.31
N GLY F 35 -5.85 -11.54 -28.29
CA GLY F 35 -6.75 -12.58 -27.83
C GLY F 35 -6.97 -12.41 -26.35
N ASN F 36 -8.14 -12.84 -25.87
CA ASN F 36 -8.40 -12.74 -24.44
C ASN F 36 -7.48 -13.61 -23.66
N THR F 37 -6.96 -14.67 -24.26
CA THR F 37 -6.04 -15.51 -23.54
C THR F 37 -4.85 -14.71 -23.03
N ALA F 38 -4.33 -13.79 -23.85
CA ALA F 38 -3.18 -13.01 -23.40
C ALA F 38 -3.61 -11.82 -22.56
N VAL F 39 -4.71 -11.18 -22.93
CA VAL F 39 -5.10 -9.98 -22.21
C VAL F 39 -5.50 -10.34 -20.80
N ALA F 40 -6.15 -11.47 -20.65
CA ALA F 40 -6.63 -12.01 -19.40
C ALA F 40 -5.50 -12.21 -18.43
N LYS F 41 -4.27 -12.24 -18.88
CA LYS F 41 -3.21 -12.39 -17.90
C LYS F 41 -3.23 -11.22 -16.89
N CYS F 42 -3.71 -10.00 -17.28
CA CYS F 42 -3.81 -8.81 -16.45
C CYS F 42 -4.85 -9.02 -15.36
N ASN F 43 -5.61 -10.11 -15.44
CA ASN F 43 -6.57 -10.43 -14.42
C ASN F 43 -5.88 -10.83 -13.15
N GLU F 44 -4.67 -11.42 -13.32
CA GLU F 44 -3.83 -11.96 -12.27
C GLU F 44 -2.56 -11.16 -12.00
N LYS F 45 -2.02 -10.51 -13.03
CA LYS F 45 -0.71 -9.88 -12.88
C LYS F 45 -0.63 -8.70 -11.91
N HIS F 46 0.43 -8.81 -11.12
CA HIS F 46 0.94 -7.89 -10.10
C HIS F 46 2.11 -7.09 -10.67
N ASP F 47 2.31 -7.25 -11.96
CA ASP F 47 3.39 -6.68 -12.75
C ASP F 47 2.85 -6.40 -14.15
N GLU F 48 3.72 -5.89 -15.02
CA GLU F 48 3.47 -5.51 -16.41
C GLU F 48 2.84 -4.15 -16.50
N GLU F 49 3.64 -3.20 -16.96
CA GLU F 49 3.21 -1.82 -17.06
C GLU F 49 2.02 -1.68 -17.95
N PHE F 50 1.98 -2.52 -18.97
CA PHE F 50 0.89 -2.50 -19.91
C PHE F 50 -0.47 -2.63 -19.20
N CYS F 51 -0.59 -3.50 -18.16
CA CYS F 51 -1.82 -3.79 -17.44
C CYS F 51 -2.28 -2.56 -16.66
N ASP F 52 -1.37 -1.65 -16.28
CA ASP F 52 -1.85 -0.49 -15.56
C ASP F 52 -2.39 0.47 -16.56
N MET F 53 -1.77 0.54 -17.73
CA MET F 53 -2.30 1.46 -18.68
C MET F 53 -3.64 1.00 -19.15
N LEU F 54 -3.80 -0.31 -19.21
CA LEU F 54 -5.02 -0.91 -19.65
C LEU F 54 -6.14 -0.59 -18.65
N ARG F 55 -5.84 -0.69 -17.35
CA ARG F 55 -6.81 -0.32 -16.33
C ARG F 55 -7.13 1.16 -16.33
N LEU F 56 -6.14 2.02 -16.58
CA LEU F 56 -6.43 3.45 -16.60
C LEU F 56 -7.32 3.79 -17.76
N PHE F 57 -7.13 3.13 -18.90
CA PHE F 57 -8.00 3.39 -20.02
C PHE F 57 -9.42 2.91 -19.74
N ASP F 58 -9.60 1.76 -19.08
CA ASP F 58 -10.95 1.31 -18.75
C ASP F 58 -11.60 2.29 -17.80
N PHE F 59 -10.82 2.79 -16.85
CA PHE F 59 -11.37 3.73 -15.92
C PHE F 59 -11.81 4.98 -16.63
N ASN F 60 -10.97 5.51 -17.52
CA ASN F 60 -11.32 6.70 -18.25
C ASN F 60 -12.59 6.46 -19.03
N LYS F 61 -12.72 5.31 -19.69
CA LYS F 61 -13.93 5.06 -20.45
C LYS F 61 -15.17 5.11 -19.59
N GLN F 62 -15.14 4.45 -18.44
CA GLN F 62 -16.31 4.44 -17.61
C GLN F 62 -16.53 5.78 -16.95
N ALA F 63 -15.46 6.44 -16.55
CA ALA F 63 -15.63 7.67 -15.84
C ALA F 63 -16.30 8.68 -16.73
N ILE F 64 -15.93 8.70 -18.00
CA ILE F 64 -16.53 9.66 -18.88
C ILE F 64 -17.99 9.36 -19.12
N ARG F 65 -18.30 8.11 -19.44
CA ARG F 65 -19.69 7.81 -19.72
C ARG F 65 -20.62 7.94 -18.53
N ARG F 66 -20.13 7.53 -17.35
CA ARG F 66 -20.96 7.61 -16.12
C ARG F 66 -21.20 9.08 -15.75
N LEU F 67 -20.13 9.85 -15.58
CA LEU F 67 -20.26 11.29 -15.25
C LEU F 67 -20.47 12.07 -16.54
N LYS F 68 -21.73 12.14 -17.02
CA LYS F 68 -22.02 12.86 -18.29
C LYS F 68 -21.36 14.24 -18.24
N ALA F 69 -20.63 14.60 -19.30
CA ALA F 69 -19.90 15.89 -19.32
C ALA F 69 -19.08 16.03 -18.02
N PRO F 70 -18.03 15.21 -17.81
CA PRO F 70 -17.23 15.28 -16.60
C PRO F 70 -16.73 16.71 -16.40
N ALA F 71 -16.94 17.58 -17.39
CA ALA F 71 -16.51 18.95 -17.30
C ALA F 71 -15.07 18.95 -16.82
N GLN F 72 -14.80 19.67 -15.74
CA GLN F 72 -13.46 19.67 -15.20
C GLN F 72 -13.35 18.51 -14.23
N MET F 73 -12.37 17.64 -14.47
CA MET F 73 -12.22 16.50 -13.59
C MET F 73 -12.10 17.02 -12.19
N SER F 74 -12.76 16.33 -11.29
CA SER F 74 -12.83 16.66 -9.89
C SER F 74 -11.59 16.40 -9.08
N ILE F 75 -10.67 15.62 -9.65
CA ILE F 75 -9.43 15.19 -9.03
C ILE F 75 -9.68 14.16 -7.92
N GLN F 76 -10.57 14.43 -6.98
CA GLN F 76 -10.83 13.48 -5.92
C GLN F 76 -11.37 12.13 -6.44
N LEU F 77 -12.06 12.10 -7.59
CA LEU F 77 -12.55 10.80 -8.08
C LEU F 77 -11.37 9.96 -8.51
N ILE F 78 -10.46 10.60 -9.25
CA ILE F 78 -9.29 9.89 -9.69
C ILE F 78 -8.39 9.57 -8.52
N ASN F 79 -8.26 10.43 -7.53
CA ASN F 79 -7.34 10.03 -6.49
C ASN F 79 -7.78 8.73 -5.81
N LYS F 80 -9.07 8.57 -5.60
CA LYS F 80 -9.53 7.33 -5.00
C LYS F 80 -9.32 6.19 -5.99
N ALA F 81 -9.59 6.46 -7.26
CA ALA F 81 -9.42 5.44 -8.24
C ALA F 81 -8.01 4.97 -8.35
N VAL F 82 -7.06 5.84 -8.18
CA VAL F 82 -5.69 5.43 -8.32
C VAL F 82 -5.34 4.36 -7.33
N ASN F 83 -5.80 4.53 -6.11
CA ASN F 83 -5.49 3.49 -5.15
C ASN F 83 -6.14 2.17 -5.56
N ALA F 84 -7.29 2.22 -6.22
CA ALA F 84 -7.98 1.03 -6.70
C ALA F 84 -7.43 0.44 -8.02
N LEU F 85 -6.91 1.30 -8.88
CA LEU F 85 -6.53 0.93 -10.23
C LEU F 85 -5.09 0.60 -10.55
N ILE F 86 -4.11 1.18 -9.87
CA ILE F 86 -2.77 0.92 -10.37
C ILE F 86 -1.81 0.31 -9.39
N ASN F 87 -0.79 -0.26 -9.97
CA ASN F 87 0.30 -0.85 -9.24
C ASN F 87 1.32 0.22 -8.90
N ASP F 88 1.27 0.66 -7.66
CA ASP F 88 2.10 1.74 -7.20
C ASP F 88 3.51 1.26 -7.03
N GLN F 89 3.64 0.00 -6.66
CA GLN F 89 4.94 -0.60 -6.47
C GLN F 89 5.67 -0.62 -7.78
N LEU F 90 4.95 -0.89 -8.86
CA LEU F 90 5.56 -0.94 -10.16
C LEU F 90 6.02 0.43 -10.61
N ILE F 91 5.24 1.48 -10.35
CA ILE F 91 5.74 2.78 -10.75
C ILE F 91 7.01 3.05 -9.98
N MET F 92 7.03 2.73 -8.68
CA MET F 92 8.22 2.98 -7.90
C MET F 92 9.42 2.15 -8.39
N LYS F 93 9.20 0.93 -8.89
CA LYS F 93 10.34 0.16 -9.43
C LYS F 93 10.91 0.86 -10.63
N ASN F 94 10.05 1.40 -11.50
CA ASN F 94 10.58 2.08 -12.65
C ASN F 94 11.22 3.39 -12.25
N HIS F 95 10.75 3.99 -11.17
CA HIS F 95 11.35 5.19 -10.69
C HIS F 95 12.75 4.86 -10.21
N LEU F 96 12.91 3.73 -9.48
CA LEU F 96 14.23 3.34 -9.01
C LEU F 96 15.17 3.06 -10.13
N ARG F 97 14.68 2.46 -11.20
CA ARG F 97 15.55 2.19 -12.31
C ARG F 97 15.95 3.49 -13.03
N ASP F 98 15.02 4.45 -13.11
CA ASP F 98 15.35 5.72 -13.76
C ASP F 98 16.52 6.33 -13.01
N ILE F 99 16.36 6.43 -11.69
CA ILE F 99 17.45 6.89 -10.87
C ILE F 99 18.43 5.72 -10.87
N MET F 100 19.66 5.94 -10.51
CA MET F 100 20.69 4.89 -10.58
C MET F 100 21.08 4.43 -12.01
N CYS F 101 20.62 5.11 -13.10
CA CYS F 101 21.02 4.92 -14.50
C CYS F 101 20.75 3.47 -15.03
N ILE F 102 19.61 2.88 -14.66
CA ILE F 102 19.20 1.54 -15.09
C ILE F 102 18.04 1.64 -16.09
N PRO F 103 18.04 0.93 -17.23
CA PRO F 103 16.96 1.01 -18.20
C PRO F 103 15.65 0.81 -17.50
N TYR F 104 14.68 1.64 -17.85
CA TYR F 104 13.40 1.61 -17.15
C TYR F 104 12.26 1.90 -18.09
N CYS F 105 11.00 1.60 -17.67
CA CYS F 105 9.82 1.87 -18.47
C CYS F 105 9.36 3.31 -18.33
N ASN F 106 9.24 4.00 -19.44
CA ASN F 106 8.71 5.36 -19.38
C ASN F 106 7.24 5.43 -19.88
N TYR F 107 6.55 4.25 -19.98
CA TYR F 107 5.13 4.01 -20.33
C TYR F 107 4.67 4.53 -21.68
N SER F 108 5.49 4.36 -22.71
CA SER F 108 5.17 4.80 -24.05
C SER F 108 5.02 3.61 -24.98
N LYS F 109 6.15 3.09 -25.47
CA LYS F 109 6.13 1.93 -26.33
C LYS F 109 6.14 0.67 -25.53
N TYR F 110 5.49 -0.31 -26.09
CA TYR F 110 5.40 -1.65 -25.59
C TYR F 110 5.71 -2.55 -26.77
N TRP F 111 6.17 -3.74 -26.51
CA TRP F 111 6.42 -4.64 -27.61
C TRP F 111 5.81 -5.97 -27.34
N TYR F 112 5.50 -6.65 -28.41
CA TYR F 112 4.90 -7.95 -28.32
C TYR F 112 5.29 -8.77 -29.50
N LEU F 113 5.14 -10.06 -29.38
CA LEU F 113 5.37 -10.89 -30.53
C LEU F 113 4.06 -11.27 -31.16
N ASN F 114 4.06 -11.34 -32.49
CA ASN F 114 2.94 -11.70 -33.34
C ASN F 114 3.35 -12.80 -34.31
N HIS F 115 2.66 -13.95 -34.23
CA HIS F 115 2.96 -15.15 -35.03
C HIS F 115 2.70 -14.80 -36.51
N THR F 116 3.52 -15.26 -37.42
CA THR F 116 3.31 -14.87 -38.80
C THR F 116 2.36 -15.75 -39.59
N VAL F 117 1.92 -16.86 -39.02
CA VAL F 117 0.98 -17.71 -39.74
C VAL F 117 -0.37 -17.59 -39.09
N THR F 118 -0.40 -17.69 -37.77
CA THR F 118 -1.66 -17.56 -37.07
C THR F 118 -1.78 -16.17 -36.50
N GLY F 119 -2.88 -15.88 -35.85
CA GLY F 119 -3.10 -14.53 -35.35
C GLY F 119 -2.68 -14.32 -33.90
N LYS F 120 -2.06 -15.30 -33.31
CA LYS F 120 -1.70 -15.24 -31.91
C LYS F 120 -0.66 -14.19 -31.57
N THR F 121 -0.93 -13.44 -30.51
CA THR F 121 -0.02 -12.45 -30.00
C THR F 121 0.17 -12.58 -28.50
N SER F 122 1.28 -12.07 -28.01
CA SER F 122 1.58 -12.02 -26.59
C SER F 122 1.02 -10.78 -25.94
N LEU F 123 0.98 -10.77 -24.63
CA LEU F 123 0.61 -9.54 -23.93
C LEU F 123 1.81 -8.63 -24.17
N PRO F 124 1.65 -7.34 -24.46
CA PRO F 124 2.73 -6.40 -24.59
C PRO F 124 3.50 -6.22 -23.30
N ARG F 125 4.79 -5.97 -23.43
CA ARG F 125 5.69 -5.69 -22.32
C ARG F 125 6.28 -4.33 -22.60
N CYS F 126 6.68 -3.54 -21.57
CA CYS F 126 7.21 -2.20 -21.81
C CYS F 126 8.58 -2.20 -22.49
N TRP F 127 8.71 -1.34 -23.50
CA TRP F 127 9.96 -1.15 -24.18
C TRP F 127 10.69 -0.21 -23.27
N LEU F 128 11.90 -0.55 -22.87
CA LEU F 128 12.59 0.29 -21.92
C LEU F 128 13.43 1.34 -22.59
N VAL F 129 13.72 2.38 -21.83
CA VAL F 129 14.59 3.44 -22.27
C VAL F 129 15.73 3.64 -21.33
N SER F 130 16.78 4.22 -21.84
CA SER F 130 17.95 4.58 -21.07
C SER F 130 18.65 5.73 -21.77
N ASN F 131 19.12 6.74 -21.01
CA ASN F 131 19.85 7.91 -21.54
C ASN F 131 19.05 8.64 -22.64
N GLY F 132 17.70 8.71 -22.50
CA GLY F 132 16.76 9.38 -23.42
C GLY F 132 16.35 8.58 -24.66
N SER F 133 16.87 7.36 -24.82
CA SER F 133 16.55 6.58 -26.02
C SER F 133 16.02 5.20 -25.73
N TYR F 134 15.38 4.59 -26.71
CA TYR F 134 14.90 3.23 -26.51
C TYR F 134 16.02 2.27 -26.65
N LEU F 135 15.95 1.20 -25.88
CA LEU F 135 16.93 0.13 -25.97
C LEU F 135 16.76 -0.64 -27.26
N ASN F 136 17.88 -1.14 -27.81
CA ASN F 136 17.89 -1.98 -29.00
C ASN F 136 17.40 -3.40 -28.66
N GLU F 137 16.97 -4.14 -29.70
CA GLU F 137 16.42 -5.48 -29.64
C GLU F 137 17.46 -6.47 -29.17
N THR F 138 18.70 -6.08 -29.33
CA THR F 138 19.81 -6.90 -28.97
C THR F 138 20.07 -6.82 -27.48
N HIS F 139 19.59 -5.78 -26.82
CA HIS F 139 19.81 -5.66 -25.39
C HIS F 139 18.75 -6.41 -24.64
N PHE F 140 17.56 -6.51 -25.22
CA PHE F 140 16.49 -7.21 -24.52
C PHE F 140 16.08 -8.46 -25.29
N SER F 141 17.01 -8.98 -26.08
CA SER F 141 16.78 -10.17 -26.90
C SER F 141 16.49 -11.39 -26.06
N ASP F 142 16.97 -11.42 -24.82
CA ASP F 142 16.71 -12.56 -23.97
C ASP F 142 15.24 -12.65 -23.66
N ASP F 143 14.57 -11.51 -23.53
CA ASP F 143 13.18 -11.51 -23.17
C ASP F 143 12.37 -11.70 -24.41
N ILE F 144 12.87 -11.25 -25.54
CA ILE F 144 12.09 -11.46 -26.74
C ILE F 144 12.05 -12.95 -27.01
N GLU F 145 13.21 -13.62 -26.94
CA GLU F 145 13.20 -15.04 -27.18
C GLU F 145 12.44 -15.80 -26.12
N GLN F 146 12.51 -15.39 -24.85
CA GLN F 146 11.74 -16.12 -23.87
C GLN F 146 10.27 -15.98 -24.17
N GLN F 147 9.85 -14.80 -24.63
CA GLN F 147 8.45 -14.65 -24.92
C GLN F 147 8.05 -15.55 -26.07
N ALA F 148 8.93 -15.71 -27.06
CA ALA F 148 8.59 -16.57 -28.18
C ALA F 148 8.38 -18.01 -27.71
N ASP F 149 9.21 -18.45 -26.76
CA ASP F 149 9.08 -19.83 -26.28
C ASP F 149 7.83 -20.00 -25.48
N ASN F 150 7.43 -18.96 -24.77
CA ASN F 150 6.25 -19.09 -23.97
C ASN F 150 5.06 -19.25 -24.90
N MET F 151 5.06 -18.51 -26.01
CA MET F 151 3.97 -18.59 -26.96
C MET F 151 3.93 -19.95 -27.63
N ILE F 152 5.10 -20.52 -27.90
CA ILE F 152 5.17 -21.82 -28.52
C ILE F 152 4.57 -22.86 -27.61
N THR F 153 4.89 -22.80 -26.34
CA THR F 153 4.34 -23.77 -25.41
C THR F 153 2.83 -23.70 -25.42
N GLU F 154 2.28 -22.49 -25.39
CA GLU F 154 0.83 -22.35 -25.38
C GLU F 154 0.19 -22.88 -26.66
N LEU F 155 0.83 -22.67 -27.82
CA LEU F 155 0.30 -23.19 -29.07
C LEU F 155 0.32 -24.69 -29.11
N LEU F 156 1.37 -25.28 -28.55
CA LEU F 156 1.48 -26.73 -28.56
C LEU F 156 0.51 -27.41 -27.61
N GLN F 157 0.29 -26.84 -26.42
CA GLN F 157 -0.59 -27.46 -25.45
C GLN F 157 -2.04 -27.06 -25.68
N LYS F 158 -2.55 -27.49 -26.81
CA LYS F 158 -3.89 -27.15 -27.26
C LYS F 158 -4.86 -28.31 -27.02
N GLU F 159 -5.94 -28.03 -26.29
CA GLU F 159 -7.01 -28.98 -25.92
C GLU F 159 -6.58 -30.03 -24.89
N TYR F 160 -5.53 -30.77 -25.20
CA TYR F 160 -5.00 -31.82 -24.35
C TYR F 160 -3.50 -31.98 -24.59
N ILE F 161 -2.81 -32.66 -23.65
CA ILE F 161 -1.37 -32.93 -23.70
C ILE F 161 -1.22 -34.46 -23.73
C1 NAG G . 29.03 -3.89 4.50
C2 NAG G . 29.98 -5.05 5.03
C3 NAG G . 31.26 -5.08 4.12
C4 NAG G . 30.85 -5.34 2.63
C5 NAG G . 29.82 -4.24 2.19
C6 NAG G . 29.18 -4.56 0.85
C7 NAG G . 30.28 -5.66 7.42
C8 NAG G . 30.59 -5.25 8.83
N2 NAG G . 30.29 -4.75 6.44
O3 NAG G . 32.14 -6.13 4.55
O4 NAG G . 31.99 -5.02 1.80
O5 NAG G . 28.68 -4.18 3.11
O6 NAG G . 28.49 -5.82 0.84
O7 NAG G . 30.00 -6.85 7.20
C1 NAG G . 32.46 -6.15 1.05
C2 NAG G . 33.00 -5.69 -0.30
C3 NAG G . 33.36 -6.89 -1.14
C4 NAG G . 34.37 -7.72 -0.40
C5 NAG G . 33.79 -8.11 0.94
C6 NAG G . 34.84 -8.90 1.73
C7 NAG G . 32.26 -3.59 -1.09
C8 NAG G . 31.85 -2.93 -2.38
N2 NAG G . 32.04 -4.88 -1.01
O3 NAG G . 33.92 -6.42 -2.37
O4 NAG G . 34.58 -8.92 -1.15
O5 NAG G . 33.44 -6.96 1.69
O6 NAG G . 34.25 -9.31 2.97
O7 NAG G . 32.78 -2.96 -0.19
C1 BMA G . 35.88 -9.07 -1.76
C2 BMA G . 36.54 -7.79 -2.24
C3 BMA G . 37.69 -8.17 -3.15
C4 BMA G . 38.63 -9.09 -2.39
C5 BMA G . 37.88 -10.31 -1.90
C6 BMA G . 38.83 -11.18 -1.10
O2 BMA G . 37.05 -7.04 -1.14
O3 BMA G . 38.40 -6.99 -3.51
O4 BMA G . 39.69 -9.49 -3.26
O5 BMA G . 36.79 -9.92 -1.07
O6 BMA G . 38.09 -12.14 -0.36
C1 NAG H . 23.89 -5.27 29.37
C2 NAG H . 25.37 -5.78 29.60
C3 NAG H . 26.02 -4.99 30.78
C4 NAG H . 26.00 -3.46 30.46
C5 NAG H . 24.51 -3.02 30.23
C6 NAG H . 24.37 -1.53 29.96
C7 NAG H . 25.25 -8.54 29.62
C8 NAG H . 25.14 -9.16 28.24
N2 NAG H . 25.33 -7.23 29.86
O3 NAG H . 27.37 -5.45 30.95
O4 NAG H . 26.63 -2.75 31.56
O5 NAG H . 23.91 -3.82 29.10
O6 NAG H . 23.03 -1.09 30.01
O7 NAG H . 25.28 -9.28 30.61
C1 NAG H . 27.60 -1.62 31.22
C2 NAG H . 28.97 -1.85 31.97
C3 NAG H . 29.90 -0.63 31.64
C4 NAG H . 30.09 -0.48 30.10
C5 NAG H . 28.69 -0.30 29.43
C6 NAG H . 28.73 -0.20 27.91
C7 NAG H . 29.45 -2.71 34.25
C8 NAG H . 29.14 -2.73 35.73
N2 NAG H . 28.72 -1.95 33.43
O3 NAG H . 31.20 -0.81 32.25
O4 NAG H . 30.91 0.65 29.82
O5 NAG H . 27.83 -1.46 29.78
O6 NAG H . 29.27 -1.37 27.28
O7 NAG H . 30.41 -3.40 33.83
C1 NAG I . 14.04 0.98 38.84
C2 NAG I . 12.67 1.55 38.27
C3 NAG I . 11.48 0.67 38.76
C4 NAG I . 11.70 -0.83 38.33
C5 NAG I . 13.07 -1.32 38.91
C6 NAG I . 13.45 -2.73 38.43
C7 NAG I . 12.15 3.57 39.74
C8 NAG I . 12.05 5.07 39.81
N2 NAG I . 12.52 3.01 38.58
O3 NAG I . 10.33 1.16 38.04
O4 NAG I . 10.63 -1.83 38.57
O5 NAG I . 14.17 -0.43 38.43
O6 NAG I . 14.65 -3.19 39.03
O7 NAG I . 11.89 2.90 40.74
C1 NAG I . 9.44 -1.49 39.46
C2 NAG I . 8.20 -2.41 39.08
C3 NAG I . 7.00 -1.96 40.00
C4 NAG I . 7.39 -2.07 41.51
C5 NAG I . 8.65 -1.18 41.78
C6 NAG I . 9.17 -1.28 43.22
C7 NAG I . 7.37 -3.22 36.85
C8 NAG I . 7.01 -2.98 35.41
N2 NAG I . 7.83 -2.22 37.64
O3 NAG I . 5.84 -2.79 39.75
O4 NAG I . 6.30 -1.61 42.32
O5 NAG I . 9.77 -1.60 40.88
O6 NAG I . 9.52 -2.61 43.59
O7 NAG I . 7.24 -4.37 37.30
C1 NAG J . 15.94 25.47 24.82
C2 NAG J . 17.31 24.95 25.42
C3 NAG J . 17.41 25.41 26.91
C4 NAG J . 17.31 26.98 26.98
C5 NAG J . 15.93 27.42 26.39
C6 NAG J . 15.72 28.94 26.36
C7 NAG J . 17.93 22.77 24.38
C8 NAG J . 17.87 21.27 24.40
N2 NAG J . 17.33 23.47 25.35
O3 NAG J . 18.64 24.92 27.47
O4 NAG J . 17.53 27.40 28.36
O5 NAG J . 15.84 26.94 24.98
O6 NAG J . 15.41 29.48 27.65
O7 NAG J . 18.54 23.33 23.46
C1 NAG J . 18.64 28.41 28.72
C2 NAG J . 19.82 28.66 27.66
C3 NAG J . 20.85 29.65 28.32
C4 NAG J . 20.13 30.98 28.73
C5 NAG J . 18.96 30.66 29.73
C6 NAG J . 18.14 31.89 30.12
C7 NAG J . 20.74 26.96 26.05
C8 NAG J . 21.40 25.63 25.77
N2 NAG J . 20.50 27.36 27.32
O3 NAG J . 21.90 29.95 27.38
O4 NAG J . 21.07 31.86 29.36
O5 NAG J . 18.03 29.69 29.09
O6 NAG J . 17.15 31.58 31.10
O7 NAG J . 20.42 27.66 25.08
C1 NAG K . 10.55 12.35 33.77
C2 NAG K . 11.08 13.78 34.23
C3 NAG K . 11.28 13.74 35.78
C4 NAG K . 9.93 13.39 36.52
C5 NAG K . 9.41 12.01 35.96
C6 NAG K . 8.02 11.60 36.45
C7 NAG K . 12.45 14.84 32.43
C8 NAG K . 13.79 15.16 31.83
N2 NAG K . 12.36 14.13 33.57
O3 NAG K . 11.76 15.02 36.21
O4 NAG K . 10.31 13.28 37.94
O5 NAG K . 9.29 12.07 34.47
O6 NAG K . 7.02 12.61 36.25
O7 NAG K . 11.42 15.24 31.86
C1 NAG K . 9.39 13.72 39.07
C2 NAG K . 8.40 14.94 38.76
C3 NAG K . 7.65 15.29 40.10
C4 NAG K . 6.88 14.03 40.63
C5 NAG K . 7.91 12.86 40.85
C6 NAG K . 7.22 11.54 41.27
C7 NAG K . 9.63 17.13 37.56
C8 NAG K . 9.25 17.35 36.10
N2 NAG K . 9.16 16.15 38.33
O3 NAG K . 6.72 16.35 39.86
O4 NAG K . 6.23 14.35 41.86
O5 NAG K . 8.64 12.59 39.59
O6 NAG K . 8.18 10.53 41.56
O7 NAG K . 10.42 17.91 38.09
C1 NAG L . 15.90 -15.64 15.02
C2 NAG L . 17.00 -14.54 15.12
C3 NAG L . 18.39 -15.23 15.24
C4 NAG L . 18.47 -16.15 16.51
C5 NAG L . 17.28 -17.16 16.44
C6 NAG L . 17.09 -18.01 17.68
C7 NAG L . 17.07 -12.36 13.94
C8 NAG L . 16.90 -11.53 12.69
N2 NAG L . 16.89 -13.68 13.91
O3 NAG L . 19.35 -14.17 15.36
O4 NAG L . 19.72 -16.88 16.30
O5 NAG L . 15.96 -16.44 16.26
O6 NAG L . 18.02 -19.09 17.77
O7 NAG L . 17.37 -11.79 14.99
C1 NAG L . 20.82 -16.93 17.33
C2 NAG L . 21.27 -15.52 17.92
C3 NAG L . 22.44 -15.78 18.92
C4 NAG L . 22.04 -16.76 20.06
C5 NAG L . 21.60 -18.11 19.38
C6 NAG L . 21.11 -19.15 20.38
C7 NAG L . 22.85 -14.70 16.12
C8 NAG L . 23.29 -13.60 15.23
N2 NAG L . 21.78 -14.53 16.92
O3 NAG L . 22.78 -14.49 19.46
O4 NAG L . 23.13 -16.87 21.05
O5 NAG L . 20.48 -17.84 18.43
O6 NAG L . 21.00 -20.44 19.79
O7 NAG L . 23.51 -15.76 16.10
C1 BMA L . 24.55 -17.29 20.62
C2 BMA L . 25.49 -16.04 20.40
C3 BMA L . 26.88 -16.58 19.94
C4 BMA L . 27.45 -17.53 21.03
C5 BMA L . 26.45 -18.71 21.23
C6 BMA L . 26.89 -19.64 22.37
O2 BMA L . 25.57 -15.26 21.60
O3 BMA L . 27.78 -15.49 19.54
O4 BMA L . 28.70 -18.05 20.59
O5 BMA L . 25.12 -18.19 21.61
O6 BMA L . 26.61 -19.06 23.65
C1 MAN L . 28.54 -14.63 20.57
C2 MAN L . 28.04 -13.14 20.52
C3 MAN L . 28.46 -12.50 19.16
C4 MAN L . 30.02 -12.59 19.01
C5 MAN L . 30.46 -14.09 19.10
C6 MAN L . 31.99 -14.24 19.08
O2 MAN L . 28.62 -12.45 21.64
O3 MAN L . 28.03 -11.14 19.10
O4 MAN L . 30.39 -12.03 17.76
O5 MAN L . 29.99 -14.67 20.39
O6 MAN L . 32.38 -15.61 18.91
C1 MAN L . 27.48 -19.55 24.76
C2 MAN L . 26.62 -19.56 26.08
C3 MAN L . 26.30 -18.06 26.46
C4 MAN L . 27.64 -17.25 26.62
C5 MAN L . 28.43 -17.33 25.26
C6 MAN L . 29.80 -16.63 25.30
O2 MAN L . 27.32 -20.24 27.12
O3 MAN L . 25.54 -18.04 27.68
O4 MAN L . 27.32 -15.89 26.94
O5 MAN L . 28.70 -18.76 24.91
O6 MAN L . 29.71 -15.24 25.02
C1 NAG M . 22.20 -29.99 -3.10
C2 NAG M . 23.03 -28.66 -2.81
C3 NAG M . 24.32 -28.69 -3.71
C4 NAG M . 25.17 -29.97 -3.35
C5 NAG M . 24.29 -31.24 -3.62
C6 NAG M . 24.98 -32.53 -3.19
C7 NAG M . 21.88 -26.54 -2.19
C8 NAG M . 21.02 -25.35 -2.51
N2 NAG M . 22.18 -27.48 -3.12
O3 NAG M . 25.08 -27.48 -3.52
O4 NAG M . 26.34 -30.06 -4.21
O5 NAG M . 23.05 -31.16 -2.81
O6 NAG M . 24.42 -33.68 -3.84
O7 NAG M . 22.32 -26.66 -1.05
C1 NAG M . 27.67 -29.75 -3.55
C2 NAG M . 28.83 -30.38 -4.43
C3 NAG M . 30.20 -30.05 -3.73
C4 NAG M . 30.35 -28.48 -3.58
C5 NAG M . 29.15 -27.93 -2.72
C6 NAG M . 29.15 -26.39 -2.62
C7 NAG M . 28.21 -32.50 -5.60
C8 NAG M . 28.05 -34.01 -5.58
N2 NAG M . 28.66 -31.86 -4.51
O3 NAG M . 31.28 -30.56 -4.53
O4 NAG M . 31.59 -28.20 -2.94
O5 NAG M . 27.87 -28.33 -3.38
O6 NAG M . 28.43 -25.93 -1.47
O7 NAG M . 27.90 -31.89 -6.64
C1 NAG N . -19.60 -11.60 18.96
C2 NAG N . -21.01 -12.33 18.86
C3 NAG N . -21.00 -13.52 19.90
C4 NAG N . -19.83 -14.52 19.58
C5 NAG N . -18.48 -13.71 19.56
C6 NAG N . -17.33 -14.54 18.99
C7 NAG N . -23.18 -11.21 18.45
C8 NAG N . -24.17 -10.14 18.82
N2 NAG N . -22.05 -11.33 19.15
O3 NAG N . -22.25 -14.23 19.84
O4 NAG N . -19.66 -15.36 20.73
O5 NAG N . -18.55 -12.57 18.64
O6 NAG N . -17.57 -15.01 17.67
O7 NAG N . -23.45 -11.96 17.50
C1 NAG N . -19.87 -16.75 20.42
C2 NAG N . -18.94 -17.62 21.26
C3 NAG N . -19.07 -19.07 20.84
C4 NAG N . -20.51 -19.49 21.00
C5 NAG N . -21.38 -18.57 20.17
C6 NAG N . -22.84 -18.95 20.36
C7 NAG N . -17.00 -16.58 22.15
C8 NAG N . -15.55 -16.88 22.39
N2 NAG N . -17.57 -17.20 21.13
O3 NAG N . -18.23 -19.85 21.69
O4 NAG N . -20.62 -20.81 20.45
O5 NAG N . -21.21 -17.22 20.58
O6 NAG N . -23.64 -18.11 19.54
O7 NAG N . -17.63 -15.82 22.87
C1 BMA N . -20.89 -21.86 21.39
C2 BMA N . -20.27 -21.70 22.77
C3 BMA N . -20.37 -23.03 23.49
C4 BMA N . -21.82 -23.47 23.52
C5 BMA N . -22.38 -23.55 22.12
C6 BMA N . -23.85 -23.93 22.20
O2 BMA N . -20.98 -20.73 23.54
O3 BMA N . -19.91 -22.88 24.83
O4 BMA N . -21.91 -24.74 24.15
O5 BMA N . -22.26 -22.29 21.47
O6 BMA N . -24.47 -23.68 20.93
C1 NAG O . -35.79 6.63 11.69
C2 NAG O . -36.93 5.85 12.45
C3 NAG O . -37.75 6.85 13.33
C4 NAG O . -36.78 7.54 14.35
C5 NAG O . -35.67 8.30 13.52
C6 NAG O . -34.70 9.06 14.41
C7 NAG O . -38.18 4.26 10.57
C8 NAG O . -37.42 2.99 10.22
N2 NAG O . -37.78 5.18 11.45
O3 NAG O . -38.77 6.11 14.04
O4 NAG O . -37.57 8.45 15.17
O5 NAG O . -34.91 7.30 12.67
O6 NAG O . -33.86 9.93 13.67
O7 NAG O . -39.26 4.47 10.02
C1 NAG O . -37.27 8.50 16.66
C2 NAG O . -38.61 8.28 17.47
C3 NAG O . -38.27 8.40 19.00
C4 NAG O . -37.16 7.36 19.40
C5 NAG O . -35.89 7.62 18.52
C6 NAG O . -34.75 6.62 18.78
C7 NAG O . -40.92 9.11 17.06
C8 NAG O . -41.85 10.24 16.66
N2 NAG O . -39.60 9.32 17.08
O3 NAG O . -39.44 8.15 19.80
O4 NAG O . -36.84 7.49 20.78
O5 NAG O . -36.26 7.52 17.09
O6 NAG O . -35.11 5.26 18.48
O7 NAG O . -41.42 8.02 17.36
C1 NAG P . -34.82 20.97 7.34
C2 NAG P . -33.46 21.51 6.74
C3 NAG P . -33.63 21.83 5.21
C4 NAG P . -34.13 20.54 4.47
C5 NAG P . -35.48 20.06 5.11
C6 NAG P . -35.97 18.73 4.53
C7 NAG P . -33.31 23.94 7.51
C8 NAG P . -32.61 24.93 8.40
N2 NAG P . -32.92 22.66 7.54
O3 NAG P . -32.30 22.12 4.74
O4 NAG P . -34.25 20.56 2.98
O5 NAG P . -35.26 19.79 6.57
O6 NAG P . -37.23 18.34 5.09
O7 NAG P . -34.23 24.33 6.77
C1 NAG P . -34.13 21.87 2.21
C2 NAG P . -33.68 21.58 0.72
C3 NAG P . -33.53 22.99 0.01
C4 NAG P . -34.88 23.78 0.08
C5 NAG P . -35.28 23.97 1.59
C6 NAG P . -36.64 24.66 1.76
C7 NAG P . -32.03 19.94 -0.21
C8 NAG P . -30.67 19.26 -0.19
N2 NAG P . -32.36 20.88 0.70
O3 NAG P . -33.16 22.81 -1.37
O4 NAG P . -34.71 25.07 -0.53
O5 NAG P . -35.38 22.63 2.24
O6 NAG P . -37.71 23.96 1.14
O7 NAG P . -32.83 19.60 -1.10
C1 NAG Q . -14.07 25.36 26.04
C2 NAG Q . -15.43 24.86 26.69
C3 NAG Q . -16.35 26.11 26.91
C4 NAG Q . -15.62 27.14 27.85
C5 NAG Q . -14.29 27.59 27.15
C6 NAG Q . -13.45 28.57 27.97
C7 NAG Q . -16.00 22.59 25.84
C8 NAG Q . -16.70 21.73 24.82
N2 NAG Q . -16.09 23.92 25.74
O3 NAG Q . -17.60 25.67 27.46
O4 NAG Q . -16.53 28.23 28.15
O5 NAG Q . -13.44 26.38 26.92
O6 NAG Q . -13.98 29.89 27.97
O7 NAG Q . -15.38 22.04 26.76
C1 NAG Q . -16.87 28.62 29.60
C2 NAG Q . -16.57 27.54 30.76
C3 NAG Q . -17.11 28.15 32.11
C4 NAG Q . -16.41 29.53 32.39
C5 NAG Q . -16.71 30.51 31.20
C6 NAG Q . -16.00 31.86 31.34
C7 NAG Q . -16.66 25.04 30.51
C8 NAG Q . -17.41 23.77 30.18
N2 NAG Q . -17.27 26.25 30.46
O3 NAG Q . -16.81 27.24 33.20
O4 NAG Q . -16.93 30.08 33.60
O5 NAG Q . -16.23 29.89 29.93
O6 NAG Q . -16.37 32.76 30.29
O7 NAG Q . -15.46 24.94 30.83
C1 NAG R . -24.04 25.84 12.58
C2 NAG R . -23.97 26.78 13.86
C3 NAG R . -25.22 27.73 13.83
C4 NAG R . -25.24 28.59 12.51
C5 NAG R . -25.23 27.61 11.28
C6 NAG R . -25.09 28.29 9.91
C7 NAG R . -22.85 25.61 15.76
C8 NAG R . -22.93 24.83 17.04
N2 NAG R . -23.98 26.00 15.13
O3 NAG R . -25.18 28.58 14.99
O4 NAG R . -26.52 29.32 12.58
O5 NAG R . -24.06 26.68 11.38
O6 NAG R . -23.97 29.17 9.84
O7 NAG R . -21.74 25.90 15.30
C1 NAG R . -26.68 30.75 12.06
C2 NAG R . -25.39 31.69 12.14
C3 NAG R . -25.83 33.12 11.66
C4 NAG R . -26.42 33.06 10.21
C5 NAG R . -27.65 32.07 10.20
C6 NAG R . -28.22 31.85 8.79
C7 NAG R . -24.10 31.66 14.61
C8 NAG R . -22.75 30.97 14.61
N2 NAG R . -24.89 31.79 13.54
O3 NAG R . -24.68 34.00 11.67
O4 NAG R . -26.83 34.36 9.80
O5 NAG R . -27.21 30.74 10.70
O6 NAG R . -29.39 31.04 8.83
O7 NAG R . -24.52 32.15 15.66
C1 NAG S . -26.22 -5.94 0.38
C2 NAG S . -26.32 -5.68 1.91
C3 NAG S . -27.44 -6.60 2.50
C4 NAG S . -28.82 -6.32 1.84
C5 NAG S . -28.65 -6.48 0.29
C6 NAG S . -29.87 -6.06 -0.53
C7 NAG S . -24.47 -5.20 3.49
C8 NAG S . -23.11 -5.48 4.02
N2 NAG S . -24.99 -5.94 2.50
O3 NAG S . -27.50 -6.29 3.89
O4 NAG S . -29.65 -7.44 2.32
O5 NAG S . -27.52 -5.61 -0.22
O6 NAG S . -30.90 -7.05 -0.53
O7 NAG S . -25.13 -4.28 3.98
C1 NAG S . -30.97 -7.23 3.02
C2 NAG S . -30.96 -6.18 4.22
C3 NAG S . -32.39 -6.15 4.83
C4 NAG S . -33.48 -5.80 3.79
C5 NAG S . -33.41 -6.89 2.64
C6 NAG S . -34.38 -6.62 1.49
C7 NAG S . -30.05 -7.58 6.12
C8 NAG S . -29.11 -7.71 7.25
N2 NAG S . -30.02 -6.48 5.34
O3 NAG S . -32.35 -5.15 5.87
O4 NAG S . -34.81 -5.66 4.42
O5 NAG S . -32.02 -6.89 2.06
O6 NAG S . -34.50 -7.75 0.65
O7 NAG S . -30.87 -8.50 5.93
C1 BMA S . -35.40 -6.79 5.27
C2 BMA S . -35.12 -6.60 6.81
C3 BMA S . -35.72 -7.82 7.56
C4 BMA S . -37.25 -7.90 7.26
C5 BMA S . -37.46 -8.04 5.72
C6 BMA S . -38.94 -8.02 5.34
O2 BMA S . -35.67 -5.36 7.27
O3 BMA S . -35.37 -7.82 8.99
O4 BMA S . -37.80 -9.04 7.92
O5 BMA S . -36.82 -6.91 5.02
O6 BMA S . -39.46 -6.69 5.39
C1 MAN S . -36.10 -6.93 10.01
C2 MAN S . -35.11 -5.86 10.61
C3 MAN S . -34.04 -6.58 11.47
C4 MAN S . -34.74 -7.39 12.60
C5 MAN S . -35.74 -8.42 11.97
C6 MAN S . -36.56 -9.18 13.02
O2 MAN S . -35.89 -4.93 11.38
O3 MAN S . -33.13 -5.62 12.04
O4 MAN S . -33.76 -8.07 13.39
O5 MAN S . -36.72 -7.69 11.10
O6 MAN S . -37.27 -10.28 12.45
C1 MAN S . -40.93 -6.59 5.60
C2 MAN S . -41.47 -5.34 4.83
C3 MAN S . -40.88 -4.05 5.52
C4 MAN S . -41.28 -4.02 7.03
C5 MAN S . -40.72 -5.33 7.72
C6 MAN S . -41.12 -5.46 9.19
O2 MAN S . -42.91 -5.34 4.81
O3 MAN S . -41.38 -2.88 4.83
O4 MAN S . -40.72 -2.85 7.64
O5 MAN S . -41.27 -6.53 7.02
O6 MAN S . -40.21 -4.77 10.06
C1 NAG T . -22.92 -29.51 -2.34
C2 NAG T . -22.92 -28.87 -0.88
C3 NAG T . -22.93 -30.04 0.15
C4 NAG T . -24.20 -30.92 -0.07
C5 NAG T . -24.17 -31.50 -1.52
C6 NAG T . -25.43 -32.28 -1.88
C7 NAG T . -21.80 -26.69 -0.45
C8 NAG T . -20.58 -25.83 -0.29
N2 NAG T . -21.72 -28.01 -0.73
O3 NAG T . -22.87 -29.51 1.49
O4 NAG T . -24.22 -32.06 0.84
O5 NAG T . -24.10 -30.38 -2.50
O6 NAG T . -25.22 -33.16 -2.99
O7 NAG T . -22.91 -26.17 -0.31
C1 NAG T . -25.22 -32.00 1.98
C2 NAG T . -25.45 -33.46 2.53
C3 NAG T . -26.49 -33.37 3.72
C4 NAG T . -25.93 -32.39 4.83
C5 NAG T . -25.70 -30.97 4.20
C6 NAG T . -25.05 -29.97 5.17
C7 NAG T . -25.28 -35.26 0.81
C8 NAG T . -25.93 -36.09 -0.28
N2 NAG T . -26.00 -34.33 1.45
O3 NAG T . -26.69 -34.68 4.28
O4 NAG T . -26.89 -32.31 5.89
O5 NAG T . -24.77 -31.11 3.04
O6 NAG T . -25.31 -28.62 4.82
O7 NAG T . -24.09 -35.47 1.08
C1 NAG U . -9.46 14.22 -24.22
C2 NAG U . -9.03 14.31 -25.74
C3 NAG U . -10.35 14.30 -26.61
C4 NAG U . -11.16 12.99 -26.34
C5 NAG U . -11.45 12.89 -24.81
C6 NAG U . -12.00 11.52 -24.42
C7 NAG U . -7.11 15.63 -26.62
C8 NAG U . -6.39 16.94 -26.71
N2 NAG U . -8.25 15.56 -25.92
O3 NAG U . -10.02 14.37 -28.01
O4 NAG U . -12.48 13.19 -26.88
O5 NAG U . -10.20 12.98 -24.02
O6 NAG U . -11.13 10.44 -24.76
O7 NAG U . -6.64 14.65 -27.21
C1 NAG U . -12.81 12.23 -27.90
C2 NAG U . -14.29 11.90 -27.85
C3 NAG U . -14.60 10.80 -28.84
C4 NAG U . -14.20 11.26 -30.22
C5 NAG U . -12.73 11.62 -30.19
C6 NAG U . -12.32 12.15 -31.57
C7 NAG U . -15.42 12.30 -25.81
C8 NAG U . -16.45 11.66 -24.93
N2 NAG U . -14.68 11.47 -26.54
O3 NAG U . -16.01 10.55 -28.81
O4 NAG U . -14.35 10.15 -31.10
O5 NAG U . -12.47 12.63 -29.23
O6 NAG U . -10.92 12.43 -31.55
O7 NAG U . -15.26 13.50 -25.85
C1 BMA U . -15.41 10.27 -32.09
C2 BMA U . -16.64 11.04 -31.65
C3 BMA U . -17.74 10.77 -32.66
C4 BMA U . -17.24 11.14 -34.03
C5 BMA U . -15.98 10.38 -34.38
C6 BMA U . -15.48 10.83 -35.74
O2 BMA U . -16.39 12.44 -31.63
O3 BMA U . -18.87 11.57 -32.34
O4 BMA U . -18.25 10.84 -34.99
O5 BMA U . -14.98 10.64 -33.40
O6 BMA U . -14.14 10.38 -35.92
C1 NAG V . 12.49 27.09 -23.91
C2 NAG V . 12.13 27.63 -25.35
C3 NAG V . 12.37 29.17 -25.41
C4 NAG V . 11.48 29.87 -24.34
C5 NAG V . 11.87 29.29 -22.92
C6 NAG V . 11.10 29.94 -21.78
C7 NAG V . 13.38 25.93 -27.14
C8 NAG V . 12.66 24.61 -27.35
N2 NAG V . 12.97 26.91 -26.33
O3 NAG V . 12.01 29.64 -26.72
O4 NAG V . 11.70 31.31 -24.42
O5 NAG V . 11.65 27.79 -22.91
O6 NAG V . 11.62 29.60 -20.51
O7 NAG V . 14.42 26.14 -27.76
C1 NAG V . 10.48 32.21 -24.31
C2 NAG V . 10.46 33.20 -25.55
C3 NAG V . 9.23 34.17 -25.37
C4 NAG V . 7.90 33.34 -25.25
C5 NAG V . 8.02 32.36 -24.03
C6 NAG V . 6.80 31.46 -23.84
C7 NAG V . 12.30 34.40 -26.71
C8 NAG V . 13.59 35.20 -26.64
N2 NAG V . 11.73 33.98 -25.58
O3 NAG V . 9.11 35.06 -26.49
O4 NAG V . 6.80 34.22 -25.04
O5 NAG V . 9.21 31.49 -24.23
O6 NAG V . 6.56 30.60 -24.96
O7 NAG V . 11.81 34.16 -27.83
C1 NAG W . 21.90 32.34 -13.45
C2 NAG W . 21.92 31.67 -12.01
C3 NAG W . 23.27 30.90 -11.78
C4 NAG W . 23.45 29.83 -12.92
C5 NAG W . 23.42 30.55 -14.31
C6 NAG W . 23.47 29.57 -15.49
C7 NAG W . 22.43 33.59 -10.40
C8 NAG W . 21.89 34.49 -9.32
N2 NAG W . 21.60 32.68 -10.94
O3 NAG W . 23.07 30.19 -10.54
O4 NAG W . 24.60 28.88 -12.84
O5 NAG W . 22.12 31.29 -14.46
O6 NAG W . 23.51 30.25 -16.74
O7 NAG W . 23.61 33.71 -10.76
C1 NAG W . 25.71 29.10 -11.83
C2 NAG W . 26.44 27.72 -11.52
C3 NAG W . 27.55 28.02 -10.43
C4 NAG W . 28.54 29.12 -10.94
C5 NAG W . 27.73 30.43 -11.28
C6 NAG W . 28.61 31.53 -11.87
C7 NAG W . 25.51 25.41 -11.25
C8 NAG W . 24.51 24.44 -10.67
N2 NAG W . 25.46 26.73 -10.98
O3 NAG W . 28.29 26.82 -10.14
O4 NAG W . 29.50 29.40 -9.91
O5 NAG W . 26.68 30.11 -12.29
O6 NAG W . 29.27 31.15 -13.08
O7 NAG W . 26.40 24.94 -11.98
C1 NAG X . -0.02 38.84 3.19
C2 NAG X . -0.04 39.57 1.78
C3 NAG X . 0.85 40.85 1.86
C4 NAG X . 0.28 41.80 2.99
C5 NAG X . 0.34 41.03 4.36
C6 NAG X . -0.22 41.82 5.55
C7 NAG X . -0.21 37.87 -0.05
C8 NAG X . 0.48 36.96 -1.03
N2 NAG X . 0.53 38.63 0.77
O3 NAG X . 0.86 41.50 0.58
O4 NAG X . 1.03 43.05 2.98
O5 NAG X . -0.49 39.79 4.24
O6 NAG X . 0.67 42.83 6.00
O7 NAG X . -1.45 37.90 -0.02
C1 NAG X . 0.33 44.40 2.83
C2 NAG X . -1.17 44.42 2.24
C3 NAG X . -1.61 45.92 2.09
C4 NAG X . -1.51 46.65 3.49
C5 NAG X . -0.03 46.56 4.02
C6 NAG X . 0.15 47.16 5.41
C7 NAG X . -2.12 42.78 0.58
C8 NAG X . -2.10 42.12 -0.78
N2 NAG X . -1.22 43.74 0.91
O3 NAG X . -2.97 45.99 1.63
O4 NAG X . -1.87 48.02 3.33
O5 NAG X . 0.37 45.12 4.10
O6 NAG X . 1.52 47.14 5.82
O7 NAG X . -3.00 42.43 1.38
C1 NAG Y . 14.99 34.24 -2.69
C2 NAG Y . 14.47 35.64 -2.14
C3 NAG Y . 15.56 36.72 -2.47
C4 NAG Y . 16.94 36.35 -1.80
C5 NAG Y . 17.36 34.92 -2.30
C6 NAG Y . 18.60 34.34 -1.61
C7 NAG Y . 11.98 35.75 -2.25
C8 NAG Y . 10.71 36.19 -2.94
N2 NAG Y . 13.18 36.03 -2.79
O3 NAG Y . 15.09 38.00 -2.00
O4 NAG Y . 17.86 37.38 -2.30
O5 NAG Y . 16.27 33.94 -2.03
O6 NAG Y . 18.51 34.34 -0.19
O7 NAG Y . 11.89 35.14 -1.17
C1 NAG Y . 18.99 37.95 -1.44
C2 NAG Y . 18.73 38.02 0.13
C3 NAG Y . 19.98 38.74 0.78
C4 NAG Y . 21.29 37.96 0.44
C5 NAG Y . 21.45 37.88 -1.12
C6 NAG Y . 22.66 37.05 -1.57
C7 NAG Y . 16.28 39.12 0.85
C8 NAG Y . 15.28 38.14 1.42
N2 NAG Y . 17.52 38.82 0.45
O3 NAG Y . 19.81 38.78 2.21
O4 NAG Y . 22.42 38.65 1.01
O5 NAG Y . 20.24 37.25 -1.72
O6 NAG Y . 22.84 37.08 -2.98
O7 NAG Y . 15.95 40.32 0.74
C1 NAG Z . 10.03 7.82 -23.69
C2 NAG Z . 9.10 9.06 -23.75
C3 NAG Z . 8.79 9.38 -25.24
C4 NAG Z . 10.10 9.69 -26.05
C5 NAG Z . 11.07 8.47 -25.86
C6 NAG Z . 12.46 8.68 -26.43
C7 NAG Z . 7.25 9.64 -22.21
C8 NAG Z . 6.03 9.25 -21.40
N2 NAG Z . 7.87 8.74 -22.97
O3 NAG Z . 7.95 10.54 -25.23
O4 NAG Z . 9.63 9.70 -27.44
O5 NAG Z . 11.28 8.17 -24.40
O6 NAG Z . 12.51 8.53 -27.84
O7 NAG Z . 7.65 10.80 -22.15
C1 NAG Z . 9.88 10.85 -28.38
C2 NAG Z . 9.50 12.29 -27.81
C3 NAG Z . 9.77 13.34 -28.93
C4 NAG Z . 11.24 13.30 -29.42
C5 NAG Z . 11.53 11.84 -29.95
C6 NAG Z . 12.98 11.63 -30.39
C7 NAG Z . 7.00 12.36 -28.22
C8 NAG Z . 5.64 12.65 -27.70
N2 NAG Z . 8.06 12.48 -27.41
O3 NAG Z . 9.46 14.62 -28.36
O4 NAG Z . 11.50 14.38 -30.39
O5 NAG Z . 11.25 10.85 -28.85
O6 NAG Z . 13.13 10.43 -31.14
O7 NAG Z . 7.11 12.02 -29.41
C1 BMA Z . 10.65 14.52 -31.66
C2 BMA Z . 9.48 15.57 -31.48
C3 BMA Z . 8.67 15.60 -32.80
C4 BMA Z . 9.61 16.00 -33.98
C5 BMA Z . 10.77 14.95 -34.07
C6 BMA Z . 11.80 15.34 -35.13
O2 BMA Z . 10.01 16.85 -31.13
O3 BMA Z . 7.45 16.42 -32.68
O4 BMA Z . 8.87 15.99 -35.20
O5 BMA Z . 11.49 14.89 -32.78
O6 BMA Z . 12.66 16.39 -34.67
C1 MAN Z . 7.50 17.96 -32.76
C2 MAN Z . 7.07 18.58 -31.38
C3 MAN Z . 5.56 18.28 -31.12
C4 MAN Z . 4.71 18.87 -32.29
C5 MAN Z . 5.18 18.24 -33.65
C6 MAN Z . 4.47 18.84 -34.87
O2 MAN Z . 7.32 19.99 -31.44
O3 MAN Z . 5.15 18.86 -29.87
O4 MAN Z . 3.33 18.57 -32.06
O5 MAN Z . 6.64 18.50 -33.82
O6 MAN Z . 4.72 18.09 -36.05
C1 MAN Z . 13.28 17.22 -35.74
C2 MAN Z . 14.70 17.67 -35.26
C3 MAN Z . 14.51 18.66 -34.05
C4 MAN Z . 13.62 19.88 -34.49
C5 MAN Z . 12.22 19.33 -34.99
C6 MAN Z . 11.28 20.41 -35.51
O2 MAN Z . 15.42 18.27 -36.34
O3 MAN Z . 15.80 19.11 -33.60
O4 MAN Z . 13.44 20.76 -33.37
O5 MAN Z . 12.44 18.36 -36.10
O6 MAN Z . 10.53 21.03 -34.47
C1 NAG AA . -0.70 -9.56 -36.19
C2 NAG AA . -1.47 -8.19 -35.93
C3 NAG AA . -2.77 -8.19 -36.79
C4 NAG AA . -2.39 -8.32 -38.31
C5 NAG AA . -1.61 -9.67 -38.51
C6 NAG AA . -1.08 -9.84 -39.94
C7 NAG AA . -1.32 -7.06 -33.71
C8 NAG AA . -1.64 -6.96 -32.24
N2 NAG AA . -1.78 -8.08 -34.47
O3 NAG AA . -3.52 -6.98 -36.54
O4 NAG AA . -3.58 -8.38 -39.14
O5 NAG AA . -0.41 -9.68 -37.63
O6 NAG AA . -0.81 -11.21 -40.23
O7 NAG AA . -0.62 -6.19 -34.22
C1 NAG AA . -3.87 -7.15 -39.97
C2 NAG AA . -4.86 -7.55 -41.15
C3 NAG AA . -5.15 -6.26 -41.98
C4 NAG AA . -5.78 -5.15 -41.05
C5 NAG AA . -4.76 -4.82 -39.89
C6 NAG AA . -5.34 -3.83 -38.85
C7 NAG AA . -4.52 -9.87 -42.02
C8 NAG AA . -3.80 -10.83 -42.93
N2 NAG AA . -4.19 -8.57 -42.02
O3 NAG AA . -6.07 -6.57 -43.04
O4 NAG AA . -6.03 -3.97 -41.83
O5 NAG AA . -4.46 -6.08 -39.16
O6 NAG AA . -4.30 -3.15 -38.13
O7 NAG AA . -5.41 -10.32 -41.28
C1 NAG BA . 34.22 -0.45 6.41
C2 NAG BA . 35.55 0.05 7.11
C3 NAG BA . 36.74 -0.91 6.73
C4 NAG BA . 36.37 -2.37 7.20
C5 NAG BA . 35.03 -2.80 6.50
C6 NAG BA . 34.54 -4.19 6.93
C7 NAG BA . 36.06 2.48 5.91
C8 NAG BA . 36.16 3.86 6.50
N2 NAG BA . 35.80 1.44 6.69
O3 NAG BA . 37.94 -0.47 7.40
O4 NAG BA . 37.43 -3.25 6.82
O5 NAG BA . 33.94 -1.84 6.84
O6 NAG BA . 34.39 -4.30 8.35
O7 NAG BA . 36.21 2.32 4.69
C1 NAG CA . 28.60 12.03 18.68
C2 NAG CA . 29.81 11.27 19.36
C3 NAG CA . 30.77 12.35 20.00
C4 NAG CA . 31.26 13.35 18.91
C5 NAG CA . 30.00 14.04 18.25
C6 NAG CA . 30.33 15.00 17.09
C7 NAG CA . 29.69 9.17 20.67
C8 NAG CA . 29.09 8.35 21.79
N2 NAG CA . 29.27 10.40 20.44
O3 NAG CA . 31.91 11.70 20.59
O4 NAG CA . 32.10 14.35 19.49
O5 NAG CA . 29.11 12.99 17.69
O6 NAG CA . 30.71 16.30 17.56
O7 NAG CA . 30.58 8.66 19.98
C1 NAG DA . 13.79 -31.89 17.53
C2 NAG DA . 15.00 -30.92 17.91
C3 NAG DA . 16.29 -31.78 18.04
C4 NAG DA . 16.08 -32.88 19.14
C5 NAG DA . 14.86 -33.77 18.76
C6 NAG DA . 14.52 -34.83 19.80
C7 NAG DA . 14.61 -28.66 16.87
C8 NAG DA . 14.84 -27.66 15.77
N2 NAG DA . 15.19 -29.88 16.83
O3 NAG DA . 17.40 -30.94 18.42
O4 NAG DA . 17.26 -33.70 19.22
O5 NAG DA . 13.65 -32.92 18.58
O6 NAG DA . 14.21 -34.26 21.08
O7 NAG DA . 13.88 -28.33 17.82
C1 NAG EA . 9.26 -20.61 26.79
C2 NAG EA . 7.77 -20.79 27.32
C3 NAG EA . 7.83 -20.88 28.89
C4 NAG EA . 8.74 -22.08 29.32
C5 NAG EA . 10.18 -21.88 28.73
C6 NAG EA . 11.11 -23.07 29.02
C7 NAG EA . 6.03 -19.68 25.90
C8 NAG EA . 5.25 -18.45 25.51
N2 NAG EA . 6.95 -19.62 26.90
O3 NAG EA . 6.49 -21.08 29.40
O4 NAG EA . 8.81 -22.14 30.75
O5 NAG EA . 10.09 -21.74 27.24
O6 NAG EA . 12.45 -22.79 28.61
O7 NAG EA . 5.81 -20.73 25.29
C1 NAG FA . -21.97 -10.45 24.91
C2 NAG FA . -22.91 -10.23 26.17
C3 NAG FA . -23.68 -11.57 26.48
C4 NAG FA . -24.52 -11.98 25.21
C5 NAG FA . -23.55 -12.13 23.98
C6 NAG FA . -24.28 -12.47 22.68
C7 NAG FA . -21.15 -9.80 28.24
C8 NAG FA . -20.99 -8.62 29.15
N2 NAG FA . -22.07 -9.80 27.31
O3 NAG FA . -24.56 -11.36 27.60
O4 NAG FA . -25.19 -13.21 25.47
O5 NAG FA . -22.80 -10.87 23.76
O6 NAG FA . -25.28 -11.51 22.34
O7 NAG FA . -20.42 -10.79 28.38
C1 NAG GA . -22.22 7.75 27.51
C2 NAG GA . -23.69 7.24 27.88
C3 NAG GA . -24.12 7.92 29.23
C4 NAG GA . -23.10 7.57 30.36
C5 NAG GA . -21.67 8.07 29.92
C6 NAG GA . -20.55 7.72 30.91
C7 NAG GA . -25.57 6.92 26.29
C8 NAG GA . -26.47 7.44 25.20
N2 NAG GA . -24.61 7.68 26.79
O3 NAG GA . -25.43 7.45 29.62
O4 NAG GA . -23.49 8.21 31.58
O5 NAG GA . -21.31 7.44 28.62
O6 NAG GA . -20.47 8.65 32.00
O7 NAG GA . -25.76 5.76 26.70
C1 NAG HA . -34.62 -13.09 -12.00
C2 NAG HA . -35.05 -12.76 -10.49
C3 NAG HA . -36.21 -13.74 -10.09
C4 NAG HA . -37.42 -13.56 -11.07
C5 NAG HA . -36.93 -13.84 -12.53
C6 NAG HA . -38.04 -13.62 -13.58
C7 NAG HA . -33.04 -11.95 -9.22
C8 NAG HA . -31.88 -12.19 -8.29
N2 NAG HA . -33.88 -12.95 -9.57
O3 NAG HA . -36.63 -13.44 -8.75
O4 NAG HA . -38.44 -14.49 -10.72
O5 NAG HA . -35.80 -12.93 -12.87
O6 NAG HA . -38.54 -12.28 -13.57
O7 NAG HA . -33.21 -10.79 -9.66
C1 NAG IA . -33.80 1.88 -9.03
C2 NAG IA . -33.53 2.77 -10.34
C3 NAG IA . -34.75 3.76 -10.51
C4 NAG IA . -36.08 2.94 -10.64
C5 NAG IA . -36.27 2.05 -9.37
C6 NAG IA . -37.51 1.14 -9.46
C7 NAG IA . -31.11 3.21 -10.79
C8 NAG IA . -29.86 4.01 -10.54
N2 NAG IA . -32.26 3.53 -10.16
O3 NAG IA . -34.55 4.55 -11.70
O4 NAG IA . -37.18 3.84 -10.77
O5 NAG IA . -35.08 1.16 -9.20
O6 NAG IA . -37.76 0.46 -8.23
O7 NAG IA . -31.05 2.25 -11.57
C1 NAG JA . -12.06 19.95 -25.85
C2 NAG JA . -12.41 21.34 -26.55
C3 NAG JA . -12.88 21.07 -28.03
C4 NAG JA . -11.73 20.32 -28.80
C5 NAG JA . -11.39 18.99 -28.05
C6 NAG JA . -10.23 18.20 -28.68
C7 NAG JA . -14.59 22.26 -25.16
C8 NAG JA . -14.78 23.51 -24.35
N2 NAG JA . -13.45 22.02 -25.76
O3 NAG JA . -13.16 22.33 -28.68
O4 NAG JA . -12.16 20.05 -30.13
O5 NAG JA . -11.01 19.27 -26.63
O6 NAG JA . -9.05 18.99 -28.79
O7 NAG JA . -15.52 21.45 -25.26
C1 NAG KA . -5.28 32.74 -14.52
C2 NAG KA . -5.05 33.31 -16.00
C3 NAG KA . -5.50 34.82 -16.02
C4 NAG KA . -7.00 34.94 -15.59
C5 NAG KA . -7.16 34.34 -14.14
C6 NAG KA . -8.61 34.32 -13.62
C7 NAG KA . -3.11 32.84 -17.46
C8 NAG KA . -1.63 32.79 -17.69
N2 NAG KA . -3.60 33.23 -16.29
O3 NAG KA . -5.35 35.35 -17.35
O4 NAG KA . -7.39 36.31 -15.59
O5 NAG KA . -6.69 32.92 -14.15
O6 NAG KA . -9.00 35.58 -13.06
O7 NAG KA . -3.86 32.50 -18.39
C1 NAG LA . 19.89 -1.30 -33.42
C2 NAG LA . 19.15 0.10 -33.68
C3 NAG LA . 18.97 0.28 -35.23
C4 NAG LA . 20.38 0.24 -35.93
C5 NAG LA . 21.07 -1.13 -35.60
C6 NAG LA . 22.48 -1.24 -36.18
C7 NAG LA . 17.61 0.60 -31.77
C8 NAG LA . 16.23 0.59 -31.14
N2 NAG LA . 17.81 0.12 -33.01
O3 NAG LA . 18.35 1.55 -35.49
O4 NAG LA . 20.20 0.35 -37.35
O5 NAG LA . 21.18 -1.29 -34.13
O6 NAG LA . 23.37 -0.22 -35.69
O7 NAG LA . 18.55 1.07 -31.10
C1 NAG MA . 24.35 9.34 -23.41
C2 NAG MA . 25.58 8.88 -22.50
C3 NAG MA . 26.77 9.87 -22.76
C4 NAG MA . 27.15 9.86 -24.28
C5 NAG MA . 25.90 10.27 -25.13
C6 NAG MA . 26.16 10.18 -26.64
C7 NAG MA . 24.89 7.81 -20.33
C8 NAG MA . 24.47 7.93 -18.89
N2 NAG MA . 25.17 8.92 -21.06
O3 NAG MA . 27.91 9.45 -21.97
O4 NAG MA . 28.21 10.78 -24.51
O5 NAG MA . 24.77 9.35 -24.82
O6 NAG MA . 25.06 10.71 -27.39
O7 NAG MA . 24.99 6.67 -20.82
#